data_2J7M
# 
_entry.id   2J7M 
# 
_audit_conform.dict_name       mmcif_pdbx.dic 
_audit_conform.dict_version    5.391 
_audit_conform.dict_location   http://mmcif.pdb.org/dictionaries/ascii/mmcif_pdbx.dic 
# 
loop_
_database_2.database_id 
_database_2.database_code 
_database_2.pdbx_database_accession 
_database_2.pdbx_DOI 
PDB   2J7M         pdb_00002j7m 10.2210/pdb2j7m/pdb 
PDBE  EBI-30224    ?            ?                   
WWPDB D_1290030224 ?            ?                   
# 
loop_
_pdbx_audit_revision_history.ordinal 
_pdbx_audit_revision_history.data_content_type 
_pdbx_audit_revision_history.major_revision 
_pdbx_audit_revision_history.minor_revision 
_pdbx_audit_revision_history.revision_date 
1 'Structure model' 1 0 2006-10-16 
2 'Structure model' 1 1 2011-05-08 
3 'Structure model' 1 2 2011-07-13 
4 'Structure model' 2 0 2020-07-29 
5 'Structure model' 2 1 2024-05-08 
# 
loop_
_pdbx_audit_revision_details.ordinal 
_pdbx_audit_revision_details.revision_ordinal 
_pdbx_audit_revision_details.data_content_type 
_pdbx_audit_revision_details.provider 
_pdbx_audit_revision_details.type 
_pdbx_audit_revision_details.description 
_pdbx_audit_revision_details.details 
1 1 'Structure model' repository 'Initial release' ?                          ? 
2 4 'Structure model' repository Remediation       'Carbohydrate remediation' ? 
# 
loop_
_pdbx_audit_revision_group.ordinal 
_pdbx_audit_revision_group.revision_ordinal 
_pdbx_audit_revision_group.data_content_type 
_pdbx_audit_revision_group.group 
1  2 'Structure model' 'Version format compliance' 
2  3 'Structure model' 'Version format compliance' 
3  4 'Structure model' 'Atomic model'              
4  4 'Structure model' 'Data collection'           
5  4 'Structure model' 'Derived calculations'      
6  4 'Structure model' Other                       
7  4 'Structure model' 'Structure summary'         
8  5 'Structure model' 'Data collection'           
9  5 'Structure model' 'Database references'       
10 5 'Structure model' 'Structure summary'         
# 
loop_
_pdbx_audit_revision_category.ordinal 
_pdbx_audit_revision_category.revision_ordinal 
_pdbx_audit_revision_category.data_content_type 
_pdbx_audit_revision_category.category 
1  4 'Structure model' atom_site                     
2  4 'Structure model' chem_comp                     
3  4 'Structure model' entity                        
4  4 'Structure model' entity_name_com               
5  4 'Structure model' pdbx_branch_scheme            
6  4 'Structure model' pdbx_chem_comp_identifier     
7  4 'Structure model' pdbx_database_status          
8  4 'Structure model' pdbx_entity_branch            
9  4 'Structure model' pdbx_entity_branch_descriptor 
10 4 'Structure model' pdbx_entity_branch_link       
11 4 'Structure model' pdbx_entity_branch_list       
12 4 'Structure model' pdbx_entity_nonpoly           
13 4 'Structure model' pdbx_molecule_features        
14 4 'Structure model' pdbx_nonpoly_scheme           
15 4 'Structure model' pdbx_struct_assembly_gen      
16 4 'Structure model' pdbx_struct_conn_angle        
17 4 'Structure model' pdbx_struct_special_symmetry  
18 4 'Structure model' struct_asym                   
19 4 'Structure model' struct_conn                   
20 4 'Structure model' struct_conn_type              
21 4 'Structure model' struct_site                   
22 4 'Structure model' struct_site_gen               
23 5 'Structure model' chem_comp                     
24 5 'Structure model' chem_comp_atom                
25 5 'Structure model' chem_comp_bond                
26 5 'Structure model' database_2                    
# 
loop_
_pdbx_audit_revision_item.ordinal 
_pdbx_audit_revision_item.revision_ordinal 
_pdbx_audit_revision_item.data_content_type 
_pdbx_audit_revision_item.item 
1  4 'Structure model' '_atom_site.B_iso_or_equiv'                   
2  4 'Structure model' '_atom_site.Cartn_x'                          
3  4 'Structure model' '_atom_site.Cartn_y'                          
4  4 'Structure model' '_atom_site.Cartn_z'                          
5  4 'Structure model' '_atom_site.auth_asym_id'                     
6  4 'Structure model' '_atom_site.auth_atom_id'                     
7  4 'Structure model' '_atom_site.auth_comp_id'                     
8  4 'Structure model' '_atom_site.auth_seq_id'                      
9  4 'Structure model' '_atom_site.label_asym_id'                    
10 4 'Structure model' '_atom_site.label_atom_id'                    
11 4 'Structure model' '_atom_site.label_comp_id'                    
12 4 'Structure model' '_atom_site.label_entity_id'                  
13 4 'Structure model' '_atom_site.type_symbol'                      
14 4 'Structure model' '_chem_comp.name'                             
15 4 'Structure model' '_chem_comp.type'                             
16 4 'Structure model' '_pdbx_database_status.status_code_sf'        
17 4 'Structure model' '_pdbx_struct_assembly_gen.asym_id_list'      
18 4 'Structure model' '_pdbx_struct_conn_angle.ptnr1_auth_comp_id'  
19 4 'Structure model' '_pdbx_struct_conn_angle.ptnr1_auth_seq_id'   
20 4 'Structure model' '_pdbx_struct_conn_angle.ptnr1_label_comp_id' 
21 4 'Structure model' '_pdbx_struct_conn_angle.ptnr1_label_seq_id'  
22 4 'Structure model' '_pdbx_struct_conn_angle.ptnr2_label_asym_id' 
23 4 'Structure model' '_pdbx_struct_conn_angle.ptnr3_auth_comp_id'  
24 4 'Structure model' '_pdbx_struct_conn_angle.ptnr3_auth_seq_id'   
25 4 'Structure model' '_pdbx_struct_conn_angle.ptnr3_label_comp_id' 
26 4 'Structure model' '_pdbx_struct_conn_angle.ptnr3_label_seq_id'  
27 4 'Structure model' '_pdbx_struct_conn_angle.value'               
28 4 'Structure model' '_pdbx_struct_special_symmetry.label_asym_id' 
29 4 'Structure model' '_struct_conn.conn_type_id'                   
30 4 'Structure model' '_struct_conn.id'                             
31 4 'Structure model' '_struct_conn.pdbx_dist_value'                
32 4 'Structure model' '_struct_conn.pdbx_leaving_atom_flag'         
33 4 'Structure model' '_struct_conn.ptnr1_auth_asym_id'             
34 4 'Structure model' '_struct_conn.ptnr1_auth_comp_id'             
35 4 'Structure model' '_struct_conn.ptnr1_auth_seq_id'              
36 4 'Structure model' '_struct_conn.ptnr1_label_asym_id'            
37 4 'Structure model' '_struct_conn.ptnr1_label_atom_id'            
38 4 'Structure model' '_struct_conn.ptnr1_label_comp_id'            
39 4 'Structure model' '_struct_conn.ptnr1_label_seq_id'             
40 4 'Structure model' '_struct_conn.ptnr2_auth_asym_id'             
41 4 'Structure model' '_struct_conn.ptnr2_auth_comp_id'             
42 4 'Structure model' '_struct_conn.ptnr2_auth_seq_id'              
43 4 'Structure model' '_struct_conn.ptnr2_label_asym_id'            
44 4 'Structure model' '_struct_conn.ptnr2_label_atom_id'            
45 4 'Structure model' '_struct_conn.ptnr2_label_comp_id'            
46 4 'Structure model' '_struct_conn.ptnr2_label_seq_id'             
47 4 'Structure model' '_struct_conn_type.id'                        
48 5 'Structure model' '_chem_comp.pdbx_synonyms'                    
49 5 'Structure model' '_database_2.pdbx_DOI'                        
50 5 'Structure model' '_database_2.pdbx_database_accession'         
# 
_pdbx_database_PDB_obs_spr.id               SPRSDE 
_pdbx_database_PDB_obs_spr.date             2006-10-16 
_pdbx_database_PDB_obs_spr.pdb_id           2J7M 
_pdbx_database_PDB_obs_spr.replace_pdb_id   2J1F 
_pdbx_database_PDB_obs_spr.details          ? 
# 
_pdbx_database_status.status_code                     REL 
_pdbx_database_status.entry_id                        2J7M 
_pdbx_database_status.deposit_site                    PDBE 
_pdbx_database_status.process_site                    PDBE 
_pdbx_database_status.SG_entry                        . 
_pdbx_database_status.recvd_initial_deposition_date   2006-10-12 
_pdbx_database_status.pdb_format_compatible           Y 
_pdbx_database_status.status_code_sf                  REL 
_pdbx_database_status.status_code_mr                  ? 
_pdbx_database_status.status_code_cs                  ? 
_pdbx_database_status.methods_development_category    ? 
_pdbx_database_status.status_code_nmr_data            ? 
# 
loop_
_pdbx_database_related.db_name 
_pdbx_database_related.db_id 
_pdbx_database_related.content_type 
_pdbx_database_related.details 
PDB 2CBI unspecified 
'STRUCTURE OF THE CLOSTRIDIUM PERFRINGENS NAGJ FAMILY 84 GLYCOSIDE HYDROLASE, A HOMOLOGUE OF HUMAN O-GLCNACASE' 
PDB 2CBJ unspecified 
;STRUCTURE OF THE CLOSTRIDIUM PERFRINGENS NAGJ FAMILY 84 GLYCOSIDE HYDROLASE, A HOMOLOGUE OF HUMAN O-GLCNACASE IN COMPLEX WITH PUGNAC
;
PDB 2J1A unspecified 'STRUCTURE OF CBM32 FROM CLOSTRIDIUM PERFRINGENS BETA-N-ACETYLHEXOSAMINIDASE GH84C IN COMPLEX WITH GALACTOSE' 
PDB 2J1E unspecified 'HIGH RESOLUTION CRYSTAL STRUCTURE OF CBM32 FROM A N-ACETYL-BETA-HEXOSAMINIDASE IN COMPLEX WITH LACNAC' 
# 
loop_
_audit_author.name 
_audit_author.pdbx_ordinal 
'Ficko-Blean, E.' 1 
'Boraston, A.B.'  2 
# 
_citation.id                        primary 
_citation.title                     
;The Interaction of a Carbohydrate-Binding Module from a Clostridium Perfringens N-Acetyl-Beta-Hexosaminidase with its Carbohydrate Receptor
;
_citation.journal_abbrev            J.Biol.Chem. 
_citation.journal_volume            281 
_citation.page_first                37748 
_citation.page_last                 ? 
_citation.year                      2006 
_citation.journal_id_ASTM           JBCHA3 
_citation.country                   US 
_citation.journal_id_ISSN           0021-9258 
_citation.journal_id_CSD            0071 
_citation.book_publisher            ? 
_citation.pdbx_database_id_PubMed   16990278 
_citation.pdbx_database_id_DOI      10.1074/JBC.M606126200 
# 
loop_
_citation_author.citation_id 
_citation_author.name 
_citation_author.ordinal 
_citation_author.identifier_ORCID 
primary 'Ficko-Blean, E.' 1 ? 
primary 'Boraston, A.B.'  2 ? 
# 
loop_
_entity.id 
_entity.type 
_entity.src_method 
_entity.pdbx_description 
_entity.formula_weight 
_entity.pdbx_number_of_molecules 
_entity.pdbx_ec 
_entity.pdbx_mutation 
_entity.pdbx_fragment 
_entity.details 
1 polymer     man HYALURONIDASE                                                                                       16285.709 1 
? ? 'RESIDUES 625-767' ? 
2 branched    man 'alpha-L-fucopyranose-(1-2)-beta-D-galactopyranose-(1-4)-2-acetamido-2-deoxy-alpha-D-glucopyranose' 529.490   1 
? ? ?                  ? 
3 non-polymer syn 'CALCIUM ION'                                                                                       40.078    1 
? ? ?                  ? 
4 water       nat water                                                                                               18.015    
209 ? ? ?                  ? 
# 
loop_
_entity_name_com.entity_id 
_entity_name_com.name 
1 CBM32                            
2 'H type 2 antigen, alpha anomer' 
# 
_entity_poly.entity_id                      1 
_entity_poly.type                           'polypeptide(L)' 
_entity_poly.nstd_linkage                   no 
_entity_poly.nstd_monomer                   no 
_entity_poly.pdbx_seq_one_letter_code       
;GIDPFTNPRTVKITASSEETSGENAPASFASDGDMNTFWHSKWSSPAHEGPHHLTLELDNVYEINKVKYAPRQDSKNGRI
TGYKVSVSLDGENFTEVKTGTLEDNAAIKFIEFDSVDAKYVRLDVTDSVSDQANGRGKFATAAEVNVHG
;
_entity_poly.pdbx_seq_one_letter_code_can   
;GIDPFTNPRTVKITASSEETSGENAPASFASDGDMNTFWHSKWSSPAHEGPHHLTLELDNVYEINKVKYAPRQDSKNGRI
TGYKVSVSLDGENFTEVKTGTLEDNAAIKFIEFDSVDAKYVRLDVTDSVSDQANGRGKFATAAEVNVHG
;
_entity_poly.pdbx_strand_id                 A 
_entity_poly.pdbx_target_identifier         ? 
# 
loop_
_pdbx_entity_nonpoly.entity_id 
_pdbx_entity_nonpoly.name 
_pdbx_entity_nonpoly.comp_id 
3 'CALCIUM ION' CA  
4 water         HOH 
# 
loop_
_entity_poly_seq.entity_id 
_entity_poly_seq.num 
_entity_poly_seq.mon_id 
_entity_poly_seq.hetero 
1 1   GLY n 
1 2   ILE n 
1 3   ASP n 
1 4   PRO n 
1 5   PHE n 
1 6   THR n 
1 7   ASN n 
1 8   PRO n 
1 9   ARG n 
1 10  THR n 
1 11  VAL n 
1 12  LYS n 
1 13  ILE n 
1 14  THR n 
1 15  ALA n 
1 16  SER n 
1 17  SER n 
1 18  GLU n 
1 19  GLU n 
1 20  THR n 
1 21  SER n 
1 22  GLY n 
1 23  GLU n 
1 24  ASN n 
1 25  ALA n 
1 26  PRO n 
1 27  ALA n 
1 28  SER n 
1 29  PHE n 
1 30  ALA n 
1 31  SER n 
1 32  ASP n 
1 33  GLY n 
1 34  ASP n 
1 35  MET n 
1 36  ASN n 
1 37  THR n 
1 38  PHE n 
1 39  TRP n 
1 40  HIS n 
1 41  SER n 
1 42  LYS n 
1 43  TRP n 
1 44  SER n 
1 45  SER n 
1 46  PRO n 
1 47  ALA n 
1 48  HIS n 
1 49  GLU n 
1 50  GLY n 
1 51  PRO n 
1 52  HIS n 
1 53  HIS n 
1 54  LEU n 
1 55  THR n 
1 56  LEU n 
1 57  GLU n 
1 58  LEU n 
1 59  ASP n 
1 60  ASN n 
1 61  VAL n 
1 62  TYR n 
1 63  GLU n 
1 64  ILE n 
1 65  ASN n 
1 66  LYS n 
1 67  VAL n 
1 68  LYS n 
1 69  TYR n 
1 70  ALA n 
1 71  PRO n 
1 72  ARG n 
1 73  GLN n 
1 74  ASP n 
1 75  SER n 
1 76  LYS n 
1 77  ASN n 
1 78  GLY n 
1 79  ARG n 
1 80  ILE n 
1 81  THR n 
1 82  GLY n 
1 83  TYR n 
1 84  LYS n 
1 85  VAL n 
1 86  SER n 
1 87  VAL n 
1 88  SER n 
1 89  LEU n 
1 90  ASP n 
1 91  GLY n 
1 92  GLU n 
1 93  ASN n 
1 94  PHE n 
1 95  THR n 
1 96  GLU n 
1 97  VAL n 
1 98  LYS n 
1 99  THR n 
1 100 GLY n 
1 101 THR n 
1 102 LEU n 
1 103 GLU n 
1 104 ASP n 
1 105 ASN n 
1 106 ALA n 
1 107 ALA n 
1 108 ILE n 
1 109 LYS n 
1 110 PHE n 
1 111 ILE n 
1 112 GLU n 
1 113 PHE n 
1 114 ASP n 
1 115 SER n 
1 116 VAL n 
1 117 ASP n 
1 118 ALA n 
1 119 LYS n 
1 120 TYR n 
1 121 VAL n 
1 122 ARG n 
1 123 LEU n 
1 124 ASP n 
1 125 VAL n 
1 126 THR n 
1 127 ASP n 
1 128 SER n 
1 129 VAL n 
1 130 SER n 
1 131 ASP n 
1 132 GLN n 
1 133 ALA n 
1 134 ASN n 
1 135 GLY n 
1 136 ARG n 
1 137 GLY n 
1 138 LYS n 
1 139 PHE n 
1 140 ALA n 
1 141 THR n 
1 142 ALA n 
1 143 ALA n 
1 144 GLU n 
1 145 VAL n 
1 146 ASN n 
1 147 VAL n 
1 148 HIS n 
1 149 GLY n 
# 
_entity_src_gen.entity_id                          1 
_entity_src_gen.pdbx_src_id                        1 
_entity_src_gen.pdbx_alt_source_flag               sample 
_entity_src_gen.pdbx_seq_type                      ? 
_entity_src_gen.pdbx_beg_seq_num                   ? 
_entity_src_gen.pdbx_end_seq_num                   ? 
_entity_src_gen.gene_src_common_name               ? 
_entity_src_gen.gene_src_genus                     ? 
_entity_src_gen.pdbx_gene_src_gene                 ? 
_entity_src_gen.gene_src_species                   ? 
_entity_src_gen.gene_src_strain                    ? 
_entity_src_gen.gene_src_tissue                    ? 
_entity_src_gen.gene_src_tissue_fraction           ? 
_entity_src_gen.gene_src_details                   ? 
_entity_src_gen.pdbx_gene_src_fragment             ? 
_entity_src_gen.pdbx_gene_src_scientific_name      'CLOSTRIDIUM PERFRINGENS' 
_entity_src_gen.pdbx_gene_src_ncbi_taxonomy_id     1502 
_entity_src_gen.pdbx_gene_src_variant              ? 
_entity_src_gen.pdbx_gene_src_cell_line            ? 
_entity_src_gen.pdbx_gene_src_atcc                 13124 
_entity_src_gen.pdbx_gene_src_organ                ? 
_entity_src_gen.pdbx_gene_src_organelle            ? 
_entity_src_gen.pdbx_gene_src_cell                 ? 
_entity_src_gen.pdbx_gene_src_cellular_location    ? 
_entity_src_gen.host_org_common_name               ? 
_entity_src_gen.pdbx_host_org_scientific_name      'ESCHERICHIA COLI' 
_entity_src_gen.pdbx_host_org_ncbi_taxonomy_id     562 
_entity_src_gen.host_org_genus                     ? 
_entity_src_gen.pdbx_host_org_gene                 ? 
_entity_src_gen.pdbx_host_org_organ                ? 
_entity_src_gen.host_org_species                   ? 
_entity_src_gen.pdbx_host_org_tissue               ? 
_entity_src_gen.pdbx_host_org_tissue_fraction      ? 
_entity_src_gen.pdbx_host_org_strain               ? 
_entity_src_gen.pdbx_host_org_variant              ? 
_entity_src_gen.pdbx_host_org_cell_line            ? 
_entity_src_gen.pdbx_host_org_atcc                 ? 
_entity_src_gen.pdbx_host_org_culture_collection   ? 
_entity_src_gen.pdbx_host_org_cell                 ? 
_entity_src_gen.pdbx_host_org_organelle            ? 
_entity_src_gen.pdbx_host_org_cellular_location    ? 
_entity_src_gen.pdbx_host_org_vector_type          ? 
_entity_src_gen.pdbx_host_org_vector               ? 
_entity_src_gen.host_org_details                   ? 
_entity_src_gen.expression_system_id               ? 
_entity_src_gen.plasmid_name                       ? 
_entity_src_gen.plasmid_details                    ? 
_entity_src_gen.pdbx_description                   ? 
# 
_pdbx_entity_branch.entity_id   2 
_pdbx_entity_branch.type        oligosaccharide 
# 
loop_
_pdbx_entity_branch_descriptor.ordinal 
_pdbx_entity_branch_descriptor.entity_id 
_pdbx_entity_branch_descriptor.descriptor 
_pdbx_entity_branch_descriptor.type 
_pdbx_entity_branch_descriptor.program 
_pdbx_entity_branch_descriptor.program_version 
1 2 LFucpa1-2DGalpb1-4DGlcpNAca1-ROH                                                            'Glycam Condensed Sequence' GMML 
1.0   
2 2 'WURCS=2.0/3,3,2/[a2122h-1a_1-5_2*NCC/3=O][a2112h-1b_1-5][a1221m-1a_1-5]/1-2-3/a4-b1_b2-c1' WURCS                       
PDB2Glycan 1.1.0 
3 2 '[][a-D-GlcpNAc]{[(4+1)][b-D-Galp]{[(2+1)][a-L-Fucp]{}}}'                                   LINUCS                      
PDB-CARE   ?     
# 
loop_
_pdbx_entity_branch_link.link_id 
_pdbx_entity_branch_link.entity_id 
_pdbx_entity_branch_link.entity_branch_list_num_1 
_pdbx_entity_branch_link.comp_id_1 
_pdbx_entity_branch_link.atom_id_1 
_pdbx_entity_branch_link.leaving_atom_id_1 
_pdbx_entity_branch_link.entity_branch_list_num_2 
_pdbx_entity_branch_link.comp_id_2 
_pdbx_entity_branch_link.atom_id_2 
_pdbx_entity_branch_link.leaving_atom_id_2 
_pdbx_entity_branch_link.value_order 
_pdbx_entity_branch_link.details 
1 2 2 GAL C1 O1 1 NDG O4 HO4 sing ? 
2 2 3 FUC C1 O1 2 GAL O2 HO2 sing ? 
# 
loop_
_chem_comp.id 
_chem_comp.type 
_chem_comp.mon_nstd_flag 
_chem_comp.name 
_chem_comp.pdbx_synonyms 
_chem_comp.formula 
_chem_comp.formula_weight 
ALA 'L-peptide linking'           y ALANINE                                   ? 'C3 H7 N O2'     89.093  
ARG 'L-peptide linking'           y ARGININE                                  ? 'C6 H15 N4 O2 1' 175.209 
ASN 'L-peptide linking'           y ASPARAGINE                                ? 'C4 H8 N2 O3'    132.118 
ASP 'L-peptide linking'           y 'ASPARTIC ACID'                           ? 'C4 H7 N O4'     133.103 
CA  non-polymer                   . 'CALCIUM ION'                             ? 'Ca 2'           40.078  
FUC 'L-saccharide, alpha linking' . alpha-L-fucopyranose                      
'alpha-L-fucose; 6-deoxy-alpha-L-galactopyranose; L-fucose; fucose' 'C6 H12 O5'      164.156 
GAL 'D-saccharide, beta linking'  . beta-D-galactopyranose                    'beta-D-galactose; D-galactose; galactose' 
'C6 H12 O6'      180.156 
GLN 'L-peptide linking'           y GLUTAMINE                                 ? 'C5 H10 N2 O3'   146.144 
GLU 'L-peptide linking'           y 'GLUTAMIC ACID'                           ? 'C5 H9 N O4'     147.129 
GLY 'peptide linking'             y GLYCINE                                   ? 'C2 H5 N O2'     75.067  
HIS 'L-peptide linking'           y HISTIDINE                                 ? 'C6 H10 N3 O2 1' 156.162 
HOH non-polymer                   . WATER                                     ? 'H2 O'           18.015  
ILE 'L-peptide linking'           y ISOLEUCINE                                ? 'C6 H13 N O2'    131.173 
LEU 'L-peptide linking'           y LEUCINE                                   ? 'C6 H13 N O2'    131.173 
LYS 'L-peptide linking'           y LYSINE                                    ? 'C6 H15 N2 O2 1' 147.195 
MET 'L-peptide linking'           y METHIONINE                                ? 'C5 H11 N O2 S'  149.211 
NDG 'D-saccharide, alpha linking' . 2-acetamido-2-deoxy-alpha-D-glucopyranose 
;N-acetyl-alpha-D-glucosamine; 2-acetamido-2-deoxy-alpha-D-glucose; 2-acetamido-2-deoxy-D-glucose; 2-acetamido-2-deoxy-glucose; 2-(ACETYLAMINO)-2-DEOXY-A-D-GLUCOPYRANOSE
;
'C8 H15 N O6'    221.208 
PHE 'L-peptide linking'           y PHENYLALANINE                             ? 'C9 H11 N O2'    165.189 
PRO 'L-peptide linking'           y PROLINE                                   ? 'C5 H9 N O2'     115.130 
SER 'L-peptide linking'           y SERINE                                    ? 'C3 H7 N O3'     105.093 
THR 'L-peptide linking'           y THREONINE                                 ? 'C4 H9 N O3'     119.119 
TRP 'L-peptide linking'           y TRYPTOPHAN                                ? 'C11 H12 N2 O2'  204.225 
TYR 'L-peptide linking'           y TYROSINE                                  ? 'C9 H11 N O3'    181.189 
VAL 'L-peptide linking'           y VALINE                                    ? 'C5 H11 N O2'    117.146 
# 
loop_
_pdbx_chem_comp_identifier.comp_id 
_pdbx_chem_comp_identifier.type 
_pdbx_chem_comp_identifier.program 
_pdbx_chem_comp_identifier.program_version 
_pdbx_chem_comp_identifier.identifier 
FUC 'CONDENSED IUPAC CARBOHYDRATE SYMBOL' GMML     1.0 LFucpa                         
FUC 'COMMON NAME'                         GMML     1.0 a-L-fucopyranose               
FUC 'IUPAC CARBOHYDRATE SYMBOL'           PDB-CARE 1.0 a-L-Fucp                       
FUC 'SNFG CARBOHYDRATE SYMBOL'            GMML     1.0 Fuc                            
GAL 'CONDENSED IUPAC CARBOHYDRATE SYMBOL' GMML     1.0 DGalpb                         
GAL 'COMMON NAME'                         GMML     1.0 b-D-galactopyranose            
GAL 'IUPAC CARBOHYDRATE SYMBOL'           PDB-CARE 1.0 b-D-Galp                       
GAL 'SNFG CARBOHYDRATE SYMBOL'            GMML     1.0 Gal                            
NDG 'CONDENSED IUPAC CARBOHYDRATE SYMBOL' GMML     1.0 DGlcpNAca                      
NDG 'COMMON NAME'                         GMML     1.0 N-acetyl-a-D-glucopyranosamine 
NDG 'IUPAC CARBOHYDRATE SYMBOL'           PDB-CARE 1.0 a-D-GlcpNAc                    
NDG 'SNFG CARBOHYDRATE SYMBOL'            GMML     1.0 GlcNAc                         
# 
loop_
_pdbx_poly_seq_scheme.asym_id 
_pdbx_poly_seq_scheme.entity_id 
_pdbx_poly_seq_scheme.seq_id 
_pdbx_poly_seq_scheme.mon_id 
_pdbx_poly_seq_scheme.ndb_seq_num 
_pdbx_poly_seq_scheme.pdb_seq_num 
_pdbx_poly_seq_scheme.auth_seq_num 
_pdbx_poly_seq_scheme.pdb_mon_id 
_pdbx_poly_seq_scheme.auth_mon_id 
_pdbx_poly_seq_scheme.pdb_strand_id 
_pdbx_poly_seq_scheme.pdb_ins_code 
_pdbx_poly_seq_scheme.hetero 
A 1 1   GLY 1   619 ?   ?   ?   A . n 
A 1 2   ILE 2   620 ?   ?   ?   A . n 
A 1 3   ASP 3   621 ?   ?   ?   A . n 
A 1 4   PRO 4   622 ?   ?   ?   A . n 
A 1 5   PHE 5   623 ?   ?   ?   A . n 
A 1 6   THR 6   624 ?   ?   ?   A . n 
A 1 7   ASN 7   625 625 ASN ASN A . n 
A 1 8   PRO 8   626 626 PRO PRO A . n 
A 1 9   ARG 9   627 627 ARG ARG A . n 
A 1 10  THR 10  628 628 THR THR A . n 
A 1 11  VAL 11  629 629 VAL VAL A . n 
A 1 12  LYS 12  630 630 LYS LYS A . n 
A 1 13  ILE 13  631 631 ILE ILE A . n 
A 1 14  THR 14  632 632 THR THR A . n 
A 1 15  ALA 15  633 633 ALA ALA A . n 
A 1 16  SER 16  634 634 SER SER A . n 
A 1 17  SER 17  635 635 SER SER A . n 
A 1 18  GLU 18  636 636 GLU GLU A . n 
A 1 19  GLU 19  637 637 GLU GLU A . n 
A 1 20  THR 20  638 638 THR THR A . n 
A 1 21  SER 21  639 639 SER SER A . n 
A 1 22  GLY 22  640 640 GLY GLY A . n 
A 1 23  GLU 23  641 641 GLU GLU A . n 
A 1 24  ASN 24  642 642 ASN ASN A . n 
A 1 25  ALA 25  643 643 ALA ALA A . n 
A 1 26  PRO 26  644 644 PRO PRO A . n 
A 1 27  ALA 27  645 645 ALA ALA A . n 
A 1 28  SER 28  646 646 SER SER A . n 
A 1 29  PHE 29  647 647 PHE PHE A . n 
A 1 30  ALA 30  648 648 ALA ALA A . n 
A 1 31  SER 31  649 649 SER SER A . n 
A 1 32  ASP 32  650 650 ASP ASP A . n 
A 1 33  GLY 33  651 651 GLY GLY A . n 
A 1 34  ASP 34  652 652 ASP ASP A . n 
A 1 35  MET 35  653 653 MET MET A . n 
A 1 36  ASN 36  654 654 ASN ASN A . n 
A 1 37  THR 37  655 655 THR THR A . n 
A 1 38  PHE 38  656 656 PHE PHE A . n 
A 1 39  TRP 39  657 657 TRP TRP A . n 
A 1 40  HIS 40  658 658 HIS HIS A . n 
A 1 41  SER 41  659 659 SER SER A . n 
A 1 42  LYS 42  660 660 LYS LYS A . n 
A 1 43  TRP 43  661 661 TRP TRP A . n 
A 1 44  SER 44  662 662 SER SER A . n 
A 1 45  SER 45  663 663 SER SER A . n 
A 1 46  PRO 46  664 664 PRO PRO A . n 
A 1 47  ALA 47  665 665 ALA ALA A . n 
A 1 48  HIS 48  666 666 HIS HIS A . n 
A 1 49  GLU 49  667 667 GLU GLU A . n 
A 1 50  GLY 50  668 668 GLY GLY A . n 
A 1 51  PRO 51  669 669 PRO PRO A . n 
A 1 52  HIS 52  670 670 HIS HIS A . n 
A 1 53  HIS 53  671 671 HIS HIS A . n 
A 1 54  LEU 54  672 672 LEU LEU A . n 
A 1 55  THR 55  673 673 THR THR A . n 
A 1 56  LEU 56  674 674 LEU LEU A . n 
A 1 57  GLU 57  675 675 GLU GLU A . n 
A 1 58  LEU 58  676 676 LEU LEU A . n 
A 1 59  ASP 59  677 677 ASP ASP A . n 
A 1 60  ASN 60  678 678 ASN ASN A . n 
A 1 61  VAL 61  679 679 VAL VAL A . n 
A 1 62  TYR 62  680 680 TYR TYR A . n 
A 1 63  GLU 63  681 681 GLU GLU A . n 
A 1 64  ILE 64  682 682 ILE ILE A . n 
A 1 65  ASN 65  683 683 ASN ASN A . n 
A 1 66  LYS 66  684 684 LYS LYS A . n 
A 1 67  VAL 67  685 685 VAL VAL A . n 
A 1 68  LYS 68  686 686 LYS LYS A . n 
A 1 69  TYR 69  687 687 TYR TYR A . n 
A 1 70  ALA 70  688 688 ALA ALA A . n 
A 1 71  PRO 71  689 689 PRO PRO A . n 
A 1 72  ARG 72  690 690 ARG ARG A . n 
A 1 73  GLN 73  691 691 GLN GLN A . n 
A 1 74  ASP 74  692 692 ASP ASP A . n 
A 1 75  SER 75  693 693 SER SER A . n 
A 1 76  LYS 76  694 694 LYS LYS A . n 
A 1 77  ASN 77  695 695 ASN ASN A . n 
A 1 78  GLY 78  696 696 GLY GLY A . n 
A 1 79  ARG 79  697 697 ARG ARG A . n 
A 1 80  ILE 80  698 698 ILE ILE A . n 
A 1 81  THR 81  699 699 THR THR A . n 
A 1 82  GLY 82  700 700 GLY GLY A . n 
A 1 83  TYR 83  701 701 TYR TYR A . n 
A 1 84  LYS 84  702 702 LYS LYS A . n 
A 1 85  VAL 85  703 703 VAL VAL A . n 
A 1 86  SER 86  704 704 SER SER A . n 
A 1 87  VAL 87  705 705 VAL VAL A . n 
A 1 88  SER 88  706 706 SER SER A . n 
A 1 89  LEU 89  707 707 LEU LEU A . n 
A 1 90  ASP 90  708 708 ASP ASP A . n 
A 1 91  GLY 91  709 709 GLY GLY A . n 
A 1 92  GLU 92  710 710 GLU GLU A . n 
A 1 93  ASN 93  711 711 ASN ASN A . n 
A 1 94  PHE 94  712 712 PHE PHE A . n 
A 1 95  THR 95  713 713 THR THR A . n 
A 1 96  GLU 96  714 714 GLU GLU A . n 
A 1 97  VAL 97  715 715 VAL VAL A . n 
A 1 98  LYS 98  716 716 LYS LYS A . n 
A 1 99  THR 99  717 717 THR THR A . n 
A 1 100 GLY 100 718 718 GLY GLY A . n 
A 1 101 THR 101 719 719 THR THR A . n 
A 1 102 LEU 102 720 720 LEU LEU A . n 
A 1 103 GLU 103 721 721 GLU GLU A . n 
A 1 104 ASP 104 722 722 ASP ASP A . n 
A 1 105 ASN 105 723 723 ASN ASN A . n 
A 1 106 ALA 106 724 724 ALA ALA A . n 
A 1 107 ALA 107 725 725 ALA ALA A . n 
A 1 108 ILE 108 726 726 ILE ILE A . n 
A 1 109 LYS 109 727 727 LYS LYS A . n 
A 1 110 PHE 110 728 728 PHE PHE A . n 
A 1 111 ILE 111 729 729 ILE ILE A . n 
A 1 112 GLU 112 730 730 GLU GLU A . n 
A 1 113 PHE 113 731 731 PHE PHE A . n 
A 1 114 ASP 114 732 732 ASP ASP A . n 
A 1 115 SER 115 733 733 SER SER A . n 
A 1 116 VAL 116 734 734 VAL VAL A . n 
A 1 117 ASP 117 735 735 ASP ASP A . n 
A 1 118 ALA 118 736 736 ALA ALA A . n 
A 1 119 LYS 119 737 737 LYS LYS A . n 
A 1 120 TYR 120 738 738 TYR TYR A . n 
A 1 121 VAL 121 739 739 VAL VAL A . n 
A 1 122 ARG 122 740 740 ARG ARG A . n 
A 1 123 LEU 123 741 741 LEU LEU A . n 
A 1 124 ASP 124 742 742 ASP ASP A . n 
A 1 125 VAL 125 743 743 VAL VAL A . n 
A 1 126 THR 126 744 744 THR THR A . n 
A 1 127 ASP 127 745 745 ASP ASP A . n 
A 1 128 SER 128 746 746 SER SER A . n 
A 1 129 VAL 129 747 747 VAL VAL A . n 
A 1 130 SER 130 748 748 SER SER A . n 
A 1 131 ASP 131 749 749 ASP ASP A . n 
A 1 132 GLN 132 750 750 GLN GLN A . n 
A 1 133 ALA 133 751 751 ALA ALA A . n 
A 1 134 ASN 134 752 752 ASN ASN A . n 
A 1 135 GLY 135 753 753 GLY GLY A . n 
A 1 136 ARG 136 754 754 ARG ARG A . n 
A 1 137 GLY 137 755 755 GLY GLY A . n 
A 1 138 LYS 138 756 756 LYS LYS A . n 
A 1 139 PHE 139 757 757 PHE PHE A . n 
A 1 140 ALA 140 758 758 ALA ALA A . n 
A 1 141 THR 141 759 759 THR THR A . n 
A 1 142 ALA 142 760 760 ALA ALA A . n 
A 1 143 ALA 143 761 761 ALA ALA A . n 
A 1 144 GLU 144 762 762 GLU GLU A . n 
A 1 145 VAL 145 763 763 VAL VAL A . n 
A 1 146 ASN 146 764 764 ASN ASN A . n 
A 1 147 VAL 147 765 765 VAL VAL A . n 
A 1 148 HIS 148 766 766 HIS HIS A . n 
A 1 149 GLY 149 767 767 GLY GLY A . n 
# 
loop_
_pdbx_branch_scheme.asym_id 
_pdbx_branch_scheme.entity_id 
_pdbx_branch_scheme.mon_id 
_pdbx_branch_scheme.num 
_pdbx_branch_scheme.pdb_asym_id 
_pdbx_branch_scheme.pdb_mon_id 
_pdbx_branch_scheme.pdb_seq_num 
_pdbx_branch_scheme.auth_asym_id 
_pdbx_branch_scheme.auth_mon_id 
_pdbx_branch_scheme.auth_seq_num 
_pdbx_branch_scheme.hetero 
B 2 NDG 1 B NDG 1 A NDG 1769 n 
B 2 GAL 2 B GAL 2 A GAL 1770 n 
B 2 FUC 3 B FUC 3 A FUC 1771 n 
# 
loop_
_pdbx_nonpoly_scheme.asym_id 
_pdbx_nonpoly_scheme.entity_id 
_pdbx_nonpoly_scheme.mon_id 
_pdbx_nonpoly_scheme.ndb_seq_num 
_pdbx_nonpoly_scheme.pdb_seq_num 
_pdbx_nonpoly_scheme.auth_seq_num 
_pdbx_nonpoly_scheme.pdb_mon_id 
_pdbx_nonpoly_scheme.auth_mon_id 
_pdbx_nonpoly_scheme.pdb_strand_id 
_pdbx_nonpoly_scheme.pdb_ins_code 
C 3 CA  1   1768 1768 CA  CA  A . 
D 4 HOH 1   2001 2001 HOH HOH A . 
D 4 HOH 2   2002 2002 HOH HOH A . 
D 4 HOH 3   2003 2003 HOH HOH A . 
D 4 HOH 4   2004 2004 HOH HOH A . 
D 4 HOH 5   2005 2005 HOH HOH A . 
D 4 HOH 6   2006 2006 HOH HOH A . 
D 4 HOH 7   2007 2007 HOH HOH A . 
D 4 HOH 8   2008 2008 HOH HOH A . 
D 4 HOH 9   2009 2009 HOH HOH A . 
D 4 HOH 10  2010 2010 HOH HOH A . 
D 4 HOH 11  2011 2011 HOH HOH A . 
D 4 HOH 12  2012 2012 HOH HOH A . 
D 4 HOH 13  2013 2013 HOH HOH A . 
D 4 HOH 14  2014 2014 HOH HOH A . 
D 4 HOH 15  2015 2015 HOH HOH A . 
D 4 HOH 16  2016 2016 HOH HOH A . 
D 4 HOH 17  2017 2017 HOH HOH A . 
D 4 HOH 18  2018 2018 HOH HOH A . 
D 4 HOH 19  2019 2019 HOH HOH A . 
D 4 HOH 20  2020 2020 HOH HOH A . 
D 4 HOH 21  2021 2021 HOH HOH A . 
D 4 HOH 22  2022 2022 HOH HOH A . 
D 4 HOH 23  2023 2023 HOH HOH A . 
D 4 HOH 24  2024 2024 HOH HOH A . 
D 4 HOH 25  2025 2025 HOH HOH A . 
D 4 HOH 26  2026 2026 HOH HOH A . 
D 4 HOH 27  2027 2027 HOH HOH A . 
D 4 HOH 28  2028 2028 HOH HOH A . 
D 4 HOH 29  2029 2029 HOH HOH A . 
D 4 HOH 30  2030 2030 HOH HOH A . 
D 4 HOH 31  2031 2031 HOH HOH A . 
D 4 HOH 32  2032 2032 HOH HOH A . 
D 4 HOH 33  2033 2033 HOH HOH A . 
D 4 HOH 34  2034 2034 HOH HOH A . 
D 4 HOH 35  2035 2035 HOH HOH A . 
D 4 HOH 36  2036 2036 HOH HOH A . 
D 4 HOH 37  2037 2037 HOH HOH A . 
D 4 HOH 38  2038 2038 HOH HOH A . 
D 4 HOH 39  2039 2039 HOH HOH A . 
D 4 HOH 40  2040 2040 HOH HOH A . 
D 4 HOH 41  2041 2041 HOH HOH A . 
D 4 HOH 42  2042 2042 HOH HOH A . 
D 4 HOH 43  2043 2043 HOH HOH A . 
D 4 HOH 44  2044 2044 HOH HOH A . 
D 4 HOH 45  2045 2045 HOH HOH A . 
D 4 HOH 46  2046 2046 HOH HOH A . 
D 4 HOH 47  2047 2047 HOH HOH A . 
D 4 HOH 48  2048 2048 HOH HOH A . 
D 4 HOH 49  2049 2049 HOH HOH A . 
D 4 HOH 50  2050 2050 HOH HOH A . 
D 4 HOH 51  2051 2051 HOH HOH A . 
D 4 HOH 52  2052 2052 HOH HOH A . 
D 4 HOH 53  2053 2053 HOH HOH A . 
D 4 HOH 54  2054 2054 HOH HOH A . 
D 4 HOH 55  2055 2055 HOH HOH A . 
D 4 HOH 56  2056 2056 HOH HOH A . 
D 4 HOH 57  2057 2057 HOH HOH A . 
D 4 HOH 58  2058 2058 HOH HOH A . 
D 4 HOH 59  2059 2059 HOH HOH A . 
D 4 HOH 60  2060 2060 HOH HOH A . 
D 4 HOH 61  2061 2061 HOH HOH A . 
D 4 HOH 62  2062 2062 HOH HOH A . 
D 4 HOH 63  2063 2063 HOH HOH A . 
D 4 HOH 64  2064 2064 HOH HOH A . 
D 4 HOH 65  2065 2065 HOH HOH A . 
D 4 HOH 66  2066 2066 HOH HOH A . 
D 4 HOH 67  2067 2067 HOH HOH A . 
D 4 HOH 68  2068 2068 HOH HOH A . 
D 4 HOH 69  2069 2069 HOH HOH A . 
D 4 HOH 70  2070 2070 HOH HOH A . 
D 4 HOH 71  2071 2071 HOH HOH A . 
D 4 HOH 72  2072 2072 HOH HOH A . 
D 4 HOH 73  2073 2073 HOH HOH A . 
D 4 HOH 74  2074 2074 HOH HOH A . 
D 4 HOH 75  2075 2075 HOH HOH A . 
D 4 HOH 76  2076 2076 HOH HOH A . 
D 4 HOH 77  2077 2077 HOH HOH A . 
D 4 HOH 78  2078 2078 HOH HOH A . 
D 4 HOH 79  2079 2079 HOH HOH A . 
D 4 HOH 80  2080 2080 HOH HOH A . 
D 4 HOH 81  2081 2081 HOH HOH A . 
D 4 HOH 82  2082 2082 HOH HOH A . 
D 4 HOH 83  2083 2083 HOH HOH A . 
D 4 HOH 84  2084 2084 HOH HOH A . 
D 4 HOH 85  2085 2085 HOH HOH A . 
D 4 HOH 86  2086 2086 HOH HOH A . 
D 4 HOH 87  2087 2087 HOH HOH A . 
D 4 HOH 88  2088 2088 HOH HOH A . 
D 4 HOH 89  2089 2089 HOH HOH A . 
D 4 HOH 90  2090 2090 HOH HOH A . 
D 4 HOH 91  2091 2091 HOH HOH A . 
D 4 HOH 92  2092 2092 HOH HOH A . 
D 4 HOH 93  2093 2093 HOH HOH A . 
D 4 HOH 94  2094 2094 HOH HOH A . 
D 4 HOH 95  2095 2095 HOH HOH A . 
D 4 HOH 96  2096 2096 HOH HOH A . 
D 4 HOH 97  2097 2097 HOH HOH A . 
D 4 HOH 98  2098 2098 HOH HOH A . 
D 4 HOH 99  2099 2099 HOH HOH A . 
D 4 HOH 100 2100 2100 HOH HOH A . 
D 4 HOH 101 2101 2101 HOH HOH A . 
D 4 HOH 102 2102 2102 HOH HOH A . 
D 4 HOH 103 2103 2103 HOH HOH A . 
D 4 HOH 104 2104 2104 HOH HOH A . 
D 4 HOH 105 2105 2105 HOH HOH A . 
D 4 HOH 106 2106 2106 HOH HOH A . 
D 4 HOH 107 2107 2107 HOH HOH A . 
D 4 HOH 108 2108 2108 HOH HOH A . 
D 4 HOH 109 2109 2109 HOH HOH A . 
D 4 HOH 110 2110 2110 HOH HOH A . 
D 4 HOH 111 2111 2111 HOH HOH A . 
D 4 HOH 112 2112 2112 HOH HOH A . 
D 4 HOH 113 2113 2113 HOH HOH A . 
D 4 HOH 114 2114 2114 HOH HOH A . 
D 4 HOH 115 2115 2115 HOH HOH A . 
D 4 HOH 116 2116 2116 HOH HOH A . 
D 4 HOH 117 2117 2117 HOH HOH A . 
D 4 HOH 118 2118 2118 HOH HOH A . 
D 4 HOH 119 2119 2119 HOH HOH A . 
D 4 HOH 120 2120 2120 HOH HOH A . 
D 4 HOH 121 2121 2121 HOH HOH A . 
D 4 HOH 122 2122 2122 HOH HOH A . 
D 4 HOH 123 2123 2123 HOH HOH A . 
D 4 HOH 124 2124 2124 HOH HOH A . 
D 4 HOH 125 2125 2125 HOH HOH A . 
D 4 HOH 126 2126 2126 HOH HOH A . 
D 4 HOH 127 2127 2127 HOH HOH A . 
D 4 HOH 128 2128 2128 HOH HOH A . 
D 4 HOH 129 2129 2129 HOH HOH A . 
D 4 HOH 130 2130 2130 HOH HOH A . 
D 4 HOH 131 2131 2131 HOH HOH A . 
D 4 HOH 132 2132 2132 HOH HOH A . 
D 4 HOH 133 2133 2133 HOH HOH A . 
D 4 HOH 134 2134 2134 HOH HOH A . 
D 4 HOH 135 2135 2135 HOH HOH A . 
D 4 HOH 136 2136 2136 HOH HOH A . 
D 4 HOH 137 2137 2137 HOH HOH A . 
D 4 HOH 138 2138 2138 HOH HOH A . 
D 4 HOH 139 2139 2139 HOH HOH A . 
D 4 HOH 140 2140 2140 HOH HOH A . 
D 4 HOH 141 2141 2141 HOH HOH A . 
D 4 HOH 142 2142 2142 HOH HOH A . 
D 4 HOH 143 2143 2143 HOH HOH A . 
D 4 HOH 144 2144 2144 HOH HOH A . 
D 4 HOH 145 2145 2145 HOH HOH A . 
D 4 HOH 146 2146 2146 HOH HOH A . 
D 4 HOH 147 2147 2147 HOH HOH A . 
D 4 HOH 148 2148 2148 HOH HOH A . 
D 4 HOH 149 2149 2149 HOH HOH A . 
D 4 HOH 150 2150 2150 HOH HOH A . 
D 4 HOH 151 2151 2151 HOH HOH A . 
D 4 HOH 152 2152 2152 HOH HOH A . 
D 4 HOH 153 2153 2153 HOH HOH A . 
D 4 HOH 154 2154 2154 HOH HOH A . 
D 4 HOH 155 2155 2155 HOH HOH A . 
D 4 HOH 156 2156 2156 HOH HOH A . 
D 4 HOH 157 2157 2157 HOH HOH A . 
D 4 HOH 158 2158 2158 HOH HOH A . 
D 4 HOH 159 2159 2159 HOH HOH A . 
D 4 HOH 160 2160 2160 HOH HOH A . 
D 4 HOH 161 2161 2161 HOH HOH A . 
D 4 HOH 162 2162 2162 HOH HOH A . 
D 4 HOH 163 2163 2163 HOH HOH A . 
D 4 HOH 164 2164 2164 HOH HOH A . 
D 4 HOH 165 2165 2165 HOH HOH A . 
D 4 HOH 166 2166 2166 HOH HOH A . 
D 4 HOH 167 2167 2167 HOH HOH A . 
D 4 HOH 168 2168 2168 HOH HOH A . 
D 4 HOH 169 2169 2169 HOH HOH A . 
D 4 HOH 170 2170 2170 HOH HOH A . 
D 4 HOH 171 2171 2171 HOH HOH A . 
D 4 HOH 172 2172 2172 HOH HOH A . 
D 4 HOH 173 2173 2173 HOH HOH A . 
D 4 HOH 174 2174 2174 HOH HOH A . 
D 4 HOH 175 2175 2175 HOH HOH A . 
D 4 HOH 176 2176 2176 HOH HOH A . 
D 4 HOH 177 2177 2177 HOH HOH A . 
D 4 HOH 178 2178 2178 HOH HOH A . 
D 4 HOH 179 2179 2179 HOH HOH A . 
D 4 HOH 180 2180 2180 HOH HOH A . 
D 4 HOH 181 2181 2181 HOH HOH A . 
D 4 HOH 182 2182 2182 HOH HOH A . 
D 4 HOH 183 2183 2183 HOH HOH A . 
D 4 HOH 184 2184 2184 HOH HOH A . 
D 4 HOH 185 2185 2185 HOH HOH A . 
D 4 HOH 186 2186 2186 HOH HOH A . 
D 4 HOH 187 2187 2187 HOH HOH A . 
D 4 HOH 188 2188 2188 HOH HOH A . 
D 4 HOH 189 2189 2189 HOH HOH A . 
D 4 HOH 190 2190 2190 HOH HOH A . 
D 4 HOH 191 2191 2191 HOH HOH A . 
D 4 HOH 192 2192 2192 HOH HOH A . 
D 4 HOH 193 2193 2193 HOH HOH A . 
D 4 HOH 194 2194 2194 HOH HOH A . 
D 4 HOH 195 2195 2195 HOH HOH A . 
D 4 HOH 196 2196 2196 HOH HOH A . 
D 4 HOH 197 2197 2197 HOH HOH A . 
D 4 HOH 198 2198 2198 HOH HOH A . 
D 4 HOH 199 2199 2199 HOH HOH A . 
D 4 HOH 200 2200 2200 HOH HOH A . 
D 4 HOH 201 2201 2201 HOH HOH A . 
D 4 HOH 202 2202 2202 HOH HOH A . 
D 4 HOH 203 2203 2203 HOH HOH A . 
D 4 HOH 204 2204 2204 HOH HOH A . 
D 4 HOH 205 2205 2205 HOH HOH A . 
D 4 HOH 206 2206 2206 HOH HOH A . 
D 4 HOH 207 2207 2207 HOH HOH A . 
D 4 HOH 208 2208 2208 HOH HOH A . 
D 4 HOH 209 2209 2209 HOH HOH A . 
# 
_software.name             REFMAC 
_software.classification   refinement 
_software.version          5.2.0019 
_software.citation_id      ? 
_software.pdbx_ordinal     1 
# 
_cell.entry_id           2J7M 
_cell.length_a           77.315 
_cell.length_b           77.315 
_cell.length_c           74.162 
_cell.angle_alpha        90.00 
_cell.angle_beta         90.00 
_cell.angle_gamma        90.00 
_cell.Z_PDB              8 
_cell.pdbx_unique_axis   ? 
# 
_symmetry.entry_id                         2J7M 
_symmetry.space_group_name_H-M             'P 43 21 2' 
_symmetry.pdbx_full_space_group_name_H-M   ? 
_symmetry.cell_setting                     ? 
_symmetry.Int_Tables_number                96 
# 
_exptl.entry_id          2J7M 
_exptl.method            'X-RAY DIFFRACTION' 
_exptl.crystals_number   ? 
# 
_exptl_crystal.id                    1 
_exptl_crystal.density_meas          ? 
_exptl_crystal.density_Matthews      2.93 
_exptl_crystal.density_percent_sol   57.75 
_exptl_crystal.description           ? 
# 
_diffrn.id                     1 
_diffrn.ambient_temp           113.2 
_diffrn.ambient_temp_details   ? 
_diffrn.crystal_id             1 
# 
_diffrn_radiation.diffrn_id                        1 
_diffrn_radiation.wavelength_id                    1 
_diffrn_radiation.pdbx_monochromatic_or_laue_m_l   M 
_diffrn_radiation.monochromator                    ? 
_diffrn_radiation.pdbx_diffrn_protocol             'SINGLE WAVELENGTH' 
_diffrn_radiation.pdbx_scattering_type             x-ray 
# 
_diffrn_radiation_wavelength.id           1 
_diffrn_radiation_wavelength.wavelength   1.5418 
_diffrn_radiation_wavelength.wt           1.0 
# 
_diffrn_source.diffrn_id                   1 
_diffrn_source.source                      'ROTATING ANODE' 
_diffrn_source.type                        ? 
_diffrn_source.pdbx_synchrotron_site       ? 
_diffrn_source.pdbx_synchrotron_beamline   ? 
_diffrn_source.pdbx_wavelength             1.5418 
_diffrn_source.pdbx_wavelength_list        ? 
# 
_reflns.pdbx_diffrn_id               1 
_reflns.pdbx_ordinal                 1 
_reflns.entry_id                     2J7M 
_reflns.observed_criterion_sigma_I   2.000 
_reflns.observed_criterion_sigma_F   ? 
_reflns.d_resolution_low             20.000 
_reflns.d_resolution_high            2.300 
_reflns.number_obs                   10441 
_reflns.number_all                   ? 
_reflns.percent_possible_obs         99.9 
_reflns.pdbx_Rmerge_I_obs            0.12000 
_reflns.pdbx_Rsym_value              ? 
_reflns.pdbx_netI_over_sigmaI        7.8000 
_reflns.B_iso_Wilson_estimate        ? 
_reflns.pdbx_redundancy              4.870 
# 
_refine.pdbx_refine_id                           'X-RAY DIFFRACTION' 
_refine.entry_id                                 2J7M 
_refine.pdbx_diffrn_id                           1 
_refine.pdbx_TLS_residual_ADP_flag               ? 
_refine.ls_number_reflns_obs                     9939 
_refine.ls_number_reflns_all                     ? 
_refine.pdbx_ls_sigma_I                          ? 
_refine.pdbx_ls_sigma_F                          ? 
_refine.pdbx_data_cutoff_high_absF               ? 
_refine.pdbx_data_cutoff_low_absF                ? 
_refine.pdbx_data_cutoff_high_rms_absF           ? 
_refine.ls_d_res_low                             54.64 
_refine.ls_d_res_high                            2.30 
_refine.ls_percent_reflns_obs                    99.6 
_refine.ls_R_factor_obs                          0.191 
_refine.ls_R_factor_all                          ? 
_refine.ls_R_factor_R_work                       0.188 
_refine.ls_R_factor_R_free                       0.251 
_refine.ls_R_factor_R_free_error                 ? 
_refine.ls_R_factor_R_free_error_details         ? 
_refine.ls_percent_reflns_R_free                 4.800 
_refine.ls_number_reflns_R_free                  501 
_refine.ls_number_parameters                     ? 
_refine.ls_number_restraints                     ? 
_refine.occupancy_min                            ? 
_refine.occupancy_max                            ? 
_refine.correlation_coeff_Fo_to_Fc               0.950 
_refine.correlation_coeff_Fo_to_Fc_free          0.906 
_refine.B_iso_mean                               21.23 
_refine.aniso_B[1][1]                            -0.42000 
_refine.aniso_B[2][2]                            -0.42000 
_refine.aniso_B[3][3]                            0.85000 
_refine.aniso_B[1][2]                            0.00000 
_refine.aniso_B[1][3]                            0.00000 
_refine.aniso_B[2][3]                            0.00000 
_refine.solvent_model_details                    MASK 
_refine.solvent_model_param_ksol                 ? 
_refine.solvent_model_param_bsol                 ? 
_refine.pdbx_solvent_vdw_probe_radii             1.40 
_refine.pdbx_solvent_ion_probe_radii             0.80 
_refine.pdbx_solvent_shrinkage_radii             0.80 
_refine.pdbx_ls_cross_valid_method               THROUGHOUT 
_refine.details                                  'HYDROGENS HAVE BEEN ADDED IN THE RIDING POSITIONS.' 
_refine.pdbx_starting_model                      ? 
_refine.pdbx_method_to_determine_struct          OTHER 
_refine.pdbx_isotropic_thermal_model             ? 
_refine.pdbx_stereochemistry_target_values       'MAXIMUM LIKELIHOOD' 
_refine.pdbx_stereochem_target_val_spec_case     ? 
_refine.pdbx_R_Free_selection_details            RANDOM 
_refine.pdbx_overall_ESU_R                       0.239 
_refine.pdbx_overall_ESU_R_Free                  0.216 
_refine.overall_SU_ML                            0.136 
_refine.pdbx_overall_phase_error                 ? 
_refine.overall_SU_B                             5.550 
_refine.overall_SU_R_Cruickshank_DPI             ? 
_refine.pdbx_overall_SU_R_free_Cruickshank_DPI   ? 
_refine.pdbx_overall_SU_R_Blow_DPI               ? 
_refine.pdbx_overall_SU_R_free_Blow_DPI          ? 
# 
_refine_hist.pdbx_refine_id                   'X-RAY DIFFRACTION' 
_refine_hist.cycle_id                         LAST 
_refine_hist.pdbx_number_atoms_protein        1103 
_refine_hist.pdbx_number_atoms_nucleic_acid   0 
_refine_hist.pdbx_number_atoms_ligand         37 
_refine_hist.number_atoms_solvent             209 
_refine_hist.number_atoms_total               1349 
_refine_hist.d_res_high                       2.30 
_refine_hist.d_res_low                        54.64 
# 
loop_
_refine_ls_restr.type 
_refine_ls_restr.dev_ideal 
_refine_ls_restr.dev_ideal_target 
_refine_ls_restr.weight 
_refine_ls_restr.number 
_refine_ls_restr.pdbx_refine_id 
_refine_ls_restr.pdbx_restraint_function 
r_bond_refined_d             0.015  0.021  ? 1164 'X-RAY DIFFRACTION' ? 
r_bond_other_d               ?      ?      ? ?    'X-RAY DIFFRACTION' ? 
r_angle_refined_deg          1.635  1.962  ? 1583 'X-RAY DIFFRACTION' ? 
r_angle_other_deg            ?      ?      ? ?    'X-RAY DIFFRACTION' ? 
r_dihedral_angle_1_deg       6.958  5.000  ? 142  'X-RAY DIFFRACTION' ? 
r_dihedral_angle_2_deg       37.750 25.179 ? 56   'X-RAY DIFFRACTION' ? 
r_dihedral_angle_3_deg       15.559 15.000 ? 181  'X-RAY DIFFRACTION' ? 
r_dihedral_angle_4_deg       25.157 15.000 ? 5    'X-RAY DIFFRACTION' ? 
r_chiral_restr               0.097  0.200  ? 182  'X-RAY DIFFRACTION' ? 
r_gen_planes_refined         0.006  0.020  ? 877  'X-RAY DIFFRACTION' ? 
r_gen_planes_other           ?      ?      ? ?    'X-RAY DIFFRACTION' ? 
r_nbd_refined                0.203  0.200  ? 461  'X-RAY DIFFRACTION' ? 
r_nbd_other                  ?      ?      ? ?    'X-RAY DIFFRACTION' ? 
r_nbtor_refined              0.301  0.200  ? 780  'X-RAY DIFFRACTION' ? 
r_nbtor_other                ?      ?      ? ?    'X-RAY DIFFRACTION' ? 
r_xyhbond_nbd_refined        0.188  0.200  ? 166  'X-RAY DIFFRACTION' ? 
r_xyhbond_nbd_other          ?      ?      ? ?    'X-RAY DIFFRACTION' ? 
r_metal_ion_refined          ?      ?      ? ?    'X-RAY DIFFRACTION' ? 
r_metal_ion_other            ?      ?      ? ?    'X-RAY DIFFRACTION' ? 
r_symmetry_vdw_refined       0.156  0.200  ? 20   'X-RAY DIFFRACTION' ? 
r_symmetry_vdw_other         ?      ?      ? ?    'X-RAY DIFFRACTION' ? 
r_symmetry_hbond_refined     0.499  0.200  ? 17   'X-RAY DIFFRACTION' ? 
r_symmetry_hbond_other       ?      ?      ? ?    'X-RAY DIFFRACTION' ? 
r_symmetry_metal_ion_refined ?      ?      ? ?    'X-RAY DIFFRACTION' ? 
r_symmetry_metal_ion_other   ?      ?      ? ?    'X-RAY DIFFRACTION' ? 
r_mcbond_it                  0.767  1.500  ? 722  'X-RAY DIFFRACTION' ? 
r_mcbond_other               ?      ?      ? ?    'X-RAY DIFFRACTION' ? 
r_mcangle_it                 1.366  2.000  ? 1141 'X-RAY DIFFRACTION' ? 
r_mcangle_other              ?      ?      ? ?    'X-RAY DIFFRACTION' ? 
r_scbond_it                  2.234  3.000  ? 487  'X-RAY DIFFRACTION' ? 
r_scbond_other               ?      ?      ? ?    'X-RAY DIFFRACTION' ? 
r_scangle_it                 3.493  4.500  ? 442  'X-RAY DIFFRACTION' ? 
r_scangle_other              ?      ?      ? ?    'X-RAY DIFFRACTION' ? 
r_long_range_B_refined       ?      ?      ? ?    'X-RAY DIFFRACTION' ? 
r_long_range_B_other         ?      ?      ? ?    'X-RAY DIFFRACTION' ? 
r_rigid_bond_restr           ?      ?      ? ?    'X-RAY DIFFRACTION' ? 
r_sphericity_free            ?      ?      ? ?    'X-RAY DIFFRACTION' ? 
r_sphericity_bonded          ?      ?      ? ?    'X-RAY DIFFRACTION' ? 
# 
_refine_ls_shell.pdbx_refine_id                   'X-RAY DIFFRACTION' 
_refine_ls_shell.pdbx_total_number_of_bins_used   20 
_refine_ls_shell.d_res_high                       2.30 
_refine_ls_shell.d_res_low                        2.36 
_refine_ls_shell.number_reflns_R_work             719 
_refine_ls_shell.R_factor_R_work                  0.2150 
_refine_ls_shell.percent_reflns_obs               ? 
_refine_ls_shell.R_factor_R_free                  0.2530 
_refine_ls_shell.R_factor_R_free_error            ? 
_refine_ls_shell.percent_reflns_R_free            ? 
_refine_ls_shell.number_reflns_R_free             36 
_refine_ls_shell.number_reflns_all                ? 
_refine_ls_shell.R_factor_all                     ? 
# 
_struct.entry_id                  2J7M 
_struct.title                     'Characterization of a Family 32 CBM' 
_struct.pdbx_model_details        ? 
_struct.pdbx_CASP_flag            ? 
_struct.pdbx_model_type_details   ? 
# 
_struct_keywords.entry_id        2J7M 
_struct_keywords.pdbx_keywords   HYDROLASE 
_struct_keywords.text            'GLYCOSIDE HYDROLASE, CARBOHYDRATE BINDING, CBM, HYDROLASE, H-TRISACCHARIDE' 
# 
loop_
_struct_asym.id 
_struct_asym.pdbx_blank_PDB_chainid_flag 
_struct_asym.pdbx_modified 
_struct_asym.entity_id 
_struct_asym.details 
A N N 1 ? 
B N N 2 ? 
C N N 3 ? 
D N N 4 ? 
# 
loop_
_struct_ref.id 
_struct_ref.db_name 
_struct_ref.db_code 
_struct_ref.entity_id 
_struct_ref.pdbx_seq_one_letter_code 
_struct_ref.pdbx_align_begin 
_struct_ref.pdbx_db_accession 
_struct_ref.pdbx_db_isoform 
1 PDB 2J7M         1 ? ? 2J7M   ? 
2 UNP Q8XL08_CLOPE 1 ? ? Q8XL08 ? 
# 
loop_
_struct_ref_seq.align_id 
_struct_ref_seq.ref_id 
_struct_ref_seq.pdbx_PDB_id_code 
_struct_ref_seq.pdbx_strand_id 
_struct_ref_seq.seq_align_beg 
_struct_ref_seq.pdbx_seq_align_beg_ins_code 
_struct_ref_seq.seq_align_end 
_struct_ref_seq.pdbx_seq_align_end_ins_code 
_struct_ref_seq.pdbx_db_accession 
_struct_ref_seq.db_align_beg 
_struct_ref_seq.pdbx_db_align_beg_ins_code 
_struct_ref_seq.db_align_end 
_struct_ref_seq.pdbx_db_align_end_ins_code 
_struct_ref_seq.pdbx_auth_seq_align_beg 
_struct_ref_seq.pdbx_auth_seq_align_end 
1 1 2J7M A 1 ? 6   ? 2J7M   619 ? 624 ? 619 624 
2 2 2J7M A 7 ? 149 ? Q8XL08 625 ? 767 ? 625 767 
# 
_pdbx_struct_assembly.id                   1 
_pdbx_struct_assembly.details              author_and_software_defined_assembly 
_pdbx_struct_assembly.method_details       PQS 
_pdbx_struct_assembly.oligomeric_details   monomeric 
_pdbx_struct_assembly.oligomeric_count     1 
# 
_pdbx_struct_assembly_gen.assembly_id       1 
_pdbx_struct_assembly_gen.oper_expression   1 
_pdbx_struct_assembly_gen.asym_id_list      A,B,C,D 
# 
_pdbx_struct_oper_list.id                   1 
_pdbx_struct_oper_list.type                 'identity operation' 
_pdbx_struct_oper_list.name                 1_555 
_pdbx_struct_oper_list.symmetry_operation   x,y,z 
_pdbx_struct_oper_list.matrix[1][1]         1.0000000000 
_pdbx_struct_oper_list.matrix[1][2]         0.0000000000 
_pdbx_struct_oper_list.matrix[1][3]         0.0000000000 
_pdbx_struct_oper_list.vector[1]            0.0000000000 
_pdbx_struct_oper_list.matrix[2][1]         0.0000000000 
_pdbx_struct_oper_list.matrix[2][2]         1.0000000000 
_pdbx_struct_oper_list.matrix[2][3]         0.0000000000 
_pdbx_struct_oper_list.vector[2]            0.0000000000 
_pdbx_struct_oper_list.matrix[3][1]         0.0000000000 
_pdbx_struct_oper_list.matrix[3][2]         0.0000000000 
_pdbx_struct_oper_list.matrix[3][3]         1.0000000000 
_pdbx_struct_oper_list.vector[3]            0.0000000000 
# 
_struct_biol.id   1 
# 
_struct_conf.conf_type_id            HELX_P 
_struct_conf.id                      HELX_P1 
_struct_conf.pdbx_PDB_helix_id       1 
_struct_conf.beg_label_comp_id       PRO 
_struct_conf.beg_label_asym_id       A 
_struct_conf.beg_label_seq_id        26 
_struct_conf.pdbx_beg_PDB_ins_code   ? 
_struct_conf.end_label_comp_id       ASP 
_struct_conf.end_label_asym_id       A 
_struct_conf.end_label_seq_id        32 
_struct_conf.pdbx_end_PDB_ins_code   ? 
_struct_conf.beg_auth_comp_id        PRO 
_struct_conf.beg_auth_asym_id        A 
_struct_conf.beg_auth_seq_id         644 
_struct_conf.end_auth_comp_id        ASP 
_struct_conf.end_auth_asym_id        A 
_struct_conf.end_auth_seq_id         650 
_struct_conf.pdbx_PDB_helix_class    5 
_struct_conf.details                 ? 
_struct_conf.pdbx_PDB_helix_length   7 
# 
_struct_conf_type.id          HELX_P 
_struct_conf_type.criteria    ? 
_struct_conf_type.reference   ? 
# 
loop_
_struct_conn.id 
_struct_conn.conn_type_id 
_struct_conn.pdbx_leaving_atom_flag 
_struct_conn.pdbx_PDB_id 
_struct_conn.ptnr1_label_asym_id 
_struct_conn.ptnr1_label_comp_id 
_struct_conn.ptnr1_label_seq_id 
_struct_conn.ptnr1_label_atom_id 
_struct_conn.pdbx_ptnr1_label_alt_id 
_struct_conn.pdbx_ptnr1_PDB_ins_code 
_struct_conn.pdbx_ptnr1_standard_comp_id 
_struct_conn.ptnr1_symmetry 
_struct_conn.ptnr2_label_asym_id 
_struct_conn.ptnr2_label_comp_id 
_struct_conn.ptnr2_label_seq_id 
_struct_conn.ptnr2_label_atom_id 
_struct_conn.pdbx_ptnr2_label_alt_id 
_struct_conn.pdbx_ptnr2_PDB_ins_code 
_struct_conn.ptnr1_auth_asym_id 
_struct_conn.ptnr1_auth_comp_id 
_struct_conn.ptnr1_auth_seq_id 
_struct_conn.ptnr2_auth_asym_id 
_struct_conn.ptnr2_auth_comp_id 
_struct_conn.ptnr2_auth_seq_id 
_struct_conn.ptnr2_symmetry 
_struct_conn.pdbx_ptnr3_label_atom_id 
_struct_conn.pdbx_ptnr3_label_seq_id 
_struct_conn.pdbx_ptnr3_label_comp_id 
_struct_conn.pdbx_ptnr3_label_asym_id 
_struct_conn.pdbx_ptnr3_label_alt_id 
_struct_conn.pdbx_ptnr3_PDB_ins_code 
_struct_conn.details 
_struct_conn.pdbx_dist_value 
_struct_conn.pdbx_value_order 
_struct_conn.pdbx_role 
covale1 covale both ? B NDG .   O4  ? ? ? 1_555 B GAL . C1 ? ? B NDG 1   B GAL 2    1_555 ? ? ? ? ? ? ? 1.444 ? ? 
covale2 covale both ? B GAL .   O2  ? ? ? 1_555 B FUC . C1 ? ? B GAL 2   B FUC 3    1_555 ? ? ? ? ? ? ? 1.464 ? ? 
metalc1 metalc ?    ? A PHE 29  O   ? ? ? 1_555 C CA  . CA ? ? A PHE 647 A CA  1768 1_555 ? ? ? ? ? ? ? 2.516 ? ? 
metalc2 metalc ?    ? A ASP 32  OD2 ? ? ? 1_555 C CA  . CA ? ? A ASP 650 A CA  1768 1_555 ? ? ? ? ? ? ? 2.933 ? ? 
metalc3 metalc ?    ? A ASP 32  O   ? ? ? 1_555 C CA  . CA ? ? A ASP 650 A CA  1768 1_555 ? ? ? ? ? ? ? 3.391 ? ? 
metalc4 metalc ?    ? A ASP 34  O   ? ? ? 1_555 C CA  . CA ? ? A ASP 652 A CA  1768 1_555 ? ? ? ? ? ? ? 2.572 ? ? 
metalc5 metalc ?    ? A THR 37  OG1 ? ? ? 1_555 C CA  . CA ? ? A THR 655 A CA  1768 1_555 ? ? ? ? ? ? ? 2.854 ? ? 
metalc6 metalc ?    ? A THR 37  O   ? ? ? 1_555 C CA  . CA ? ? A THR 655 A CA  1768 1_555 ? ? ? ? ? ? ? 2.832 ? ? 
metalc7 metalc ?    ? A ALA 143 O   ? ? ? 1_555 C CA  . CA ? ? A ALA 761 A CA  1768 1_555 ? ? ? ? ? ? ? 2.624 ? ? 
# 
loop_
_struct_conn_type.id 
_struct_conn_type.criteria 
_struct_conn_type.reference 
covale ? ? 
metalc ? ? 
# 
loop_
_pdbx_struct_conn_angle.id 
_pdbx_struct_conn_angle.ptnr1_label_atom_id 
_pdbx_struct_conn_angle.ptnr1_label_alt_id 
_pdbx_struct_conn_angle.ptnr1_label_asym_id 
_pdbx_struct_conn_angle.ptnr1_label_comp_id 
_pdbx_struct_conn_angle.ptnr1_label_seq_id 
_pdbx_struct_conn_angle.ptnr1_auth_atom_id 
_pdbx_struct_conn_angle.ptnr1_auth_asym_id 
_pdbx_struct_conn_angle.ptnr1_auth_comp_id 
_pdbx_struct_conn_angle.ptnr1_auth_seq_id 
_pdbx_struct_conn_angle.ptnr1_PDB_ins_code 
_pdbx_struct_conn_angle.ptnr1_symmetry 
_pdbx_struct_conn_angle.ptnr2_label_atom_id 
_pdbx_struct_conn_angle.ptnr2_label_alt_id 
_pdbx_struct_conn_angle.ptnr2_label_asym_id 
_pdbx_struct_conn_angle.ptnr2_label_comp_id 
_pdbx_struct_conn_angle.ptnr2_label_seq_id 
_pdbx_struct_conn_angle.ptnr2_auth_atom_id 
_pdbx_struct_conn_angle.ptnr2_auth_asym_id 
_pdbx_struct_conn_angle.ptnr2_auth_comp_id 
_pdbx_struct_conn_angle.ptnr2_auth_seq_id 
_pdbx_struct_conn_angle.ptnr2_PDB_ins_code 
_pdbx_struct_conn_angle.ptnr2_symmetry 
_pdbx_struct_conn_angle.ptnr3_label_atom_id 
_pdbx_struct_conn_angle.ptnr3_label_alt_id 
_pdbx_struct_conn_angle.ptnr3_label_asym_id 
_pdbx_struct_conn_angle.ptnr3_label_comp_id 
_pdbx_struct_conn_angle.ptnr3_label_seq_id 
_pdbx_struct_conn_angle.ptnr3_auth_atom_id 
_pdbx_struct_conn_angle.ptnr3_auth_asym_id 
_pdbx_struct_conn_angle.ptnr3_auth_comp_id 
_pdbx_struct_conn_angle.ptnr3_auth_seq_id 
_pdbx_struct_conn_angle.ptnr3_PDB_ins_code 
_pdbx_struct_conn_angle.ptnr3_symmetry 
_pdbx_struct_conn_angle.value 
_pdbx_struct_conn_angle.value_esd 
1  O   ? A PHE 29 ? A PHE 647 ? 1_555 CA ? C CA . ? A CA 1768 ? 1_555 OD2 ? A ASP 32  ? A ASP 650 ? 1_555 87.0  ? 
2  O   ? A PHE 29 ? A PHE 647 ? 1_555 CA ? C CA . ? A CA 1768 ? 1_555 O   ? A ASP 32  ? A ASP 650 ? 1_555 89.0  ? 
3  OD2 ? A ASP 32 ? A ASP 650 ? 1_555 CA ? C CA . ? A CA 1768 ? 1_555 O   ? A ASP 32  ? A ASP 650 ? 1_555 63.6  ? 
4  O   ? A PHE 29 ? A PHE 647 ? 1_555 CA ? C CA . ? A CA 1768 ? 1_555 O   ? A ASP 34  ? A ASP 652 ? 1_555 171.6 ? 
5  OD2 ? A ASP 32 ? A ASP 650 ? 1_555 CA ? C CA . ? A CA 1768 ? 1_555 O   ? A ASP 34  ? A ASP 652 ? 1_555 92.4  ? 
6  O   ? A ASP 32 ? A ASP 650 ? 1_555 CA ? C CA . ? A CA 1768 ? 1_555 O   ? A ASP 34  ? A ASP 652 ? 1_555 98.2  ? 
7  O   ? A PHE 29 ? A PHE 647 ? 1_555 CA ? C CA . ? A CA 1768 ? 1_555 OG1 ? A THR 37  ? A THR 655 ? 1_555 92.2  ? 
8  OD2 ? A ASP 32 ? A ASP 650 ? 1_555 CA ? C CA . ? A CA 1768 ? 1_555 OG1 ? A THR 37  ? A THR 655 ? 1_555 77.8  ? 
9  O   ? A ASP 32 ? A ASP 650 ? 1_555 CA ? C CA . ? A CA 1768 ? 1_555 OG1 ? A THR 37  ? A THR 655 ? 1_555 141.3 ? 
10 O   ? A ASP 34 ? A ASP 652 ? 1_555 CA ? C CA . ? A CA 1768 ? 1_555 OG1 ? A THR 37  ? A THR 655 ? 1_555 79.5  ? 
11 O   ? A PHE 29 ? A PHE 647 ? 1_555 CA ? C CA . ? A CA 1768 ? 1_555 O   ? A THR 37  ? A THR 655 ? 1_555 101.5 ? 
12 OD2 ? A ASP 32 ? A ASP 650 ? 1_555 CA ? C CA . ? A CA 1768 ? 1_555 O   ? A THR 37  ? A THR 655 ? 1_555 145.9 ? 
13 O   ? A ASP 32 ? A ASP 650 ? 1_555 CA ? C CA . ? A CA 1768 ? 1_555 O   ? A THR 37  ? A THR 655 ? 1_555 148.2 ? 
14 O   ? A ASP 34 ? A ASP 652 ? 1_555 CA ? C CA . ? A CA 1768 ? 1_555 O   ? A THR 37  ? A THR 655 ? 1_555 74.5  ? 
15 OG1 ? A THR 37 ? A THR 655 ? 1_555 CA ? C CA . ? A CA 1768 ? 1_555 O   ? A THR 37  ? A THR 655 ? 1_555 69.0  ? 
16 O   ? A PHE 29 ? A PHE 647 ? 1_555 CA ? C CA . ? A CA 1768 ? 1_555 O   ? A ALA 143 ? A ALA 761 ? 1_555 78.5  ? 
17 OD2 ? A ASP 32 ? A ASP 650 ? 1_555 CA ? C CA . ? A CA 1768 ? 1_555 O   ? A ALA 143 ? A ALA 761 ? 1_555 135.8 ? 
18 O   ? A ASP 32 ? A ASP 650 ? 1_555 CA ? C CA . ? A CA 1768 ? 1_555 O   ? A ALA 143 ? A ALA 761 ? 1_555 74.5  ? 
19 O   ? A ASP 34 ? A ASP 652 ? 1_555 CA ? C CA . ? A CA 1768 ? 1_555 O   ? A ALA 143 ? A ALA 761 ? 1_555 107.4 ? 
20 OG1 ? A THR 37 ? A THR 655 ? 1_555 CA ? C CA . ? A CA 1768 ? 1_555 O   ? A ALA 143 ? A ALA 761 ? 1_555 143.4 ? 
21 O   ? A THR 37 ? A THR 655 ? 1_555 CA ? C CA . ? A CA 1768 ? 1_555 O   ? A ALA 143 ? A ALA 761 ? 1_555 78.2  ? 
# 
loop_
_struct_mon_prot_cis.pdbx_id 
_struct_mon_prot_cis.label_comp_id 
_struct_mon_prot_cis.label_seq_id 
_struct_mon_prot_cis.label_asym_id 
_struct_mon_prot_cis.label_alt_id 
_struct_mon_prot_cis.pdbx_PDB_ins_code 
_struct_mon_prot_cis.auth_comp_id 
_struct_mon_prot_cis.auth_seq_id 
_struct_mon_prot_cis.auth_asym_id 
_struct_mon_prot_cis.pdbx_label_comp_id_2 
_struct_mon_prot_cis.pdbx_label_seq_id_2 
_struct_mon_prot_cis.pdbx_label_asym_id_2 
_struct_mon_prot_cis.pdbx_PDB_ins_code_2 
_struct_mon_prot_cis.pdbx_auth_comp_id_2 
_struct_mon_prot_cis.pdbx_auth_seq_id_2 
_struct_mon_prot_cis.pdbx_auth_asym_id_2 
_struct_mon_prot_cis.pdbx_PDB_model_num 
_struct_mon_prot_cis.pdbx_omega_angle 
1 SER 45 A . ? SER 663 A PRO 46 A ? PRO 664 A 1 -7.40 
2 GLY 50 A . ? GLY 668 A PRO 51 A ? PRO 669 A 1 0.21  
# 
loop_
_struct_sheet.id 
_struct_sheet.type 
_struct_sheet.number_strands 
_struct_sheet.details 
AA ? 5 ? 
AB ? 3 ? 
AC ? 2 ? 
# 
loop_
_struct_sheet_order.sheet_id 
_struct_sheet_order.range_id_1 
_struct_sheet_order.range_id_2 
_struct_sheet_order.offset 
_struct_sheet_order.sense 
AA 1 2 ? anti-parallel 
AA 2 3 ? anti-parallel 
AA 3 4 ? anti-parallel 
AA 4 5 ? anti-parallel 
AB 1 2 ? anti-parallel 
AB 2 3 ? anti-parallel 
AC 1 2 ? anti-parallel 
# 
loop_
_struct_sheet_range.sheet_id 
_struct_sheet_range.id 
_struct_sheet_range.beg_label_comp_id 
_struct_sheet_range.beg_label_asym_id 
_struct_sheet_range.beg_label_seq_id 
_struct_sheet_range.pdbx_beg_PDB_ins_code 
_struct_sheet_range.end_label_comp_id 
_struct_sheet_range.end_label_asym_id 
_struct_sheet_range.end_label_seq_id 
_struct_sheet_range.pdbx_end_PDB_ins_code 
_struct_sheet_range.beg_auth_comp_id 
_struct_sheet_range.beg_auth_asym_id 
_struct_sheet_range.beg_auth_seq_id 
_struct_sheet_range.end_auth_comp_id 
_struct_sheet_range.end_auth_asym_id 
_struct_sheet_range.end_auth_seq_id 
AA 1 THR A 10  ? ALA A 15  ? THR A 628 ALA A 633 
AA 2 HIS A 52  ? ALA A 70  ? HIS A 670 ALA A 688 
AA 3 LYS A 109 ? SER A 128 ? LYS A 727 SER A 746 
AA 4 ILE A 80  ? SER A 88  ? ILE A 698 SER A 706 
AA 5 PHE A 94  ? THR A 101 ? PHE A 712 THR A 719 
AB 1 THR A 10  ? ALA A 15  ? THR A 628 ALA A 633 
AB 2 HIS A 52  ? ALA A 70  ? HIS A 670 ALA A 688 
AB 3 GLU A 144 ? HIS A 148 ? GLU A 762 HIS A 766 
AC 1 TRP A 39  ? HIS A 40  ? TRP A 657 HIS A 658 
AC 2 THR A 141 ? ALA A 142 ? THR A 759 ALA A 760 
# 
loop_
_pdbx_struct_sheet_hbond.sheet_id 
_pdbx_struct_sheet_hbond.range_id_1 
_pdbx_struct_sheet_hbond.range_id_2 
_pdbx_struct_sheet_hbond.range_1_label_atom_id 
_pdbx_struct_sheet_hbond.range_1_label_comp_id 
_pdbx_struct_sheet_hbond.range_1_label_asym_id 
_pdbx_struct_sheet_hbond.range_1_label_seq_id 
_pdbx_struct_sheet_hbond.range_1_PDB_ins_code 
_pdbx_struct_sheet_hbond.range_1_auth_atom_id 
_pdbx_struct_sheet_hbond.range_1_auth_comp_id 
_pdbx_struct_sheet_hbond.range_1_auth_asym_id 
_pdbx_struct_sheet_hbond.range_1_auth_seq_id 
_pdbx_struct_sheet_hbond.range_2_label_atom_id 
_pdbx_struct_sheet_hbond.range_2_label_comp_id 
_pdbx_struct_sheet_hbond.range_2_label_asym_id 
_pdbx_struct_sheet_hbond.range_2_label_seq_id 
_pdbx_struct_sheet_hbond.range_2_PDB_ins_code 
_pdbx_struct_sheet_hbond.range_2_auth_atom_id 
_pdbx_struct_sheet_hbond.range_2_auth_comp_id 
_pdbx_struct_sheet_hbond.range_2_auth_asym_id 
_pdbx_struct_sheet_hbond.range_2_auth_seq_id 
AA 1 2 N THR A 14  ? N THR A 632 O THR A 55  ? O THR A 673 
AA 2 3 N TYR A 69  ? N TYR A 687 O LYS A 109 ? O LYS A 727 
AA 3 4 O ASP A 127 ? O ASP A 745 N THR A 81  ? N THR A 699 
AA 4 5 N VAL A 87  ? N VAL A 705 O THR A 95  ? O THR A 713 
AB 1 2 N THR A 14  ? N THR A 632 O THR A 55  ? O THR A 673 
AB 2 3 N ALA A 70  ? N ALA A 688 O GLU A 144 ? O GLU A 762 
AC 1 2 N TRP A 39  ? N TRP A 657 O ALA A 142 ? O ALA A 760 
# 
loop_
_pdbx_validate_close_contact.id 
_pdbx_validate_close_contact.PDB_model_num 
_pdbx_validate_close_contact.auth_atom_id_1 
_pdbx_validate_close_contact.auth_asym_id_1 
_pdbx_validate_close_contact.auth_comp_id_1 
_pdbx_validate_close_contact.auth_seq_id_1 
_pdbx_validate_close_contact.PDB_ins_code_1 
_pdbx_validate_close_contact.label_alt_id_1 
_pdbx_validate_close_contact.auth_atom_id_2 
_pdbx_validate_close_contact.auth_asym_id_2 
_pdbx_validate_close_contact.auth_comp_id_2 
_pdbx_validate_close_contact.auth_seq_id_2 
_pdbx_validate_close_contact.PDB_ins_code_2 
_pdbx_validate_close_contact.label_alt_id_2 
_pdbx_validate_close_contact.dist 
1 1 O   A HOH 2015 ? ? O A HOH 2118 ? ? 1.87 
2 1 CD2 A HIS 671  ? ? O A HOH 2094 ? ? 2.06 
3 1 O   A HOH 2105 ? ? O A HOH 2156 ? ? 2.15 
# 
_pdbx_validate_symm_contact.id                1 
_pdbx_validate_symm_contact.PDB_model_num     1 
_pdbx_validate_symm_contact.auth_atom_id_1    O 
_pdbx_validate_symm_contact.auth_asym_id_1    A 
_pdbx_validate_symm_contact.auth_comp_id_1    HOH 
_pdbx_validate_symm_contact.auth_seq_id_1     2072 
_pdbx_validate_symm_contact.PDB_ins_code_1    ? 
_pdbx_validate_symm_contact.label_alt_id_1    ? 
_pdbx_validate_symm_contact.site_symmetry_1   1_555 
_pdbx_validate_symm_contact.auth_atom_id_2    O 
_pdbx_validate_symm_contact.auth_asym_id_2    A 
_pdbx_validate_symm_contact.auth_comp_id_2    HOH 
_pdbx_validate_symm_contact.auth_seq_id_2     2072 
_pdbx_validate_symm_contact.PDB_ins_code_2    ? 
_pdbx_validate_symm_contact.label_alt_id_2    ? 
_pdbx_validate_symm_contact.site_symmetry_2   8_665 
_pdbx_validate_symm_contact.dist              0.83 
# 
loop_
_pdbx_validate_rmsd_angle.id 
_pdbx_validate_rmsd_angle.PDB_model_num 
_pdbx_validate_rmsd_angle.auth_atom_id_1 
_pdbx_validate_rmsd_angle.auth_asym_id_1 
_pdbx_validate_rmsd_angle.auth_comp_id_1 
_pdbx_validate_rmsd_angle.auth_seq_id_1 
_pdbx_validate_rmsd_angle.PDB_ins_code_1 
_pdbx_validate_rmsd_angle.label_alt_id_1 
_pdbx_validate_rmsd_angle.auth_atom_id_2 
_pdbx_validate_rmsd_angle.auth_asym_id_2 
_pdbx_validate_rmsd_angle.auth_comp_id_2 
_pdbx_validate_rmsd_angle.auth_seq_id_2 
_pdbx_validate_rmsd_angle.PDB_ins_code_2 
_pdbx_validate_rmsd_angle.label_alt_id_2 
_pdbx_validate_rmsd_angle.auth_atom_id_3 
_pdbx_validate_rmsd_angle.auth_asym_id_3 
_pdbx_validate_rmsd_angle.auth_comp_id_3 
_pdbx_validate_rmsd_angle.auth_seq_id_3 
_pdbx_validate_rmsd_angle.PDB_ins_code_3 
_pdbx_validate_rmsd_angle.label_alt_id_3 
_pdbx_validate_rmsd_angle.angle_value 
_pdbx_validate_rmsd_angle.angle_target_value 
_pdbx_validate_rmsd_angle.angle_deviation 
_pdbx_validate_rmsd_angle.angle_standard_deviation 
_pdbx_validate_rmsd_angle.linker_flag 
1 1 NE A ARG 754 ? ? CZ A ARG 754 ? ? NH1 A ARG 754 ? ? 115.81 120.30 -4.49 0.50 N 
2 1 NE A ARG 754 ? ? CZ A ARG 754 ? ? NH2 A ARG 754 ? ? 125.55 120.30 5.25  0.50 N 
# 
_pdbx_validate_torsion.id              1 
_pdbx_validate_torsion.PDB_model_num   1 
_pdbx_validate_torsion.auth_comp_id    SER 
_pdbx_validate_torsion.auth_asym_id    A 
_pdbx_validate_torsion.auth_seq_id     659 
_pdbx_validate_torsion.PDB_ins_code    ? 
_pdbx_validate_torsion.label_alt_id    ? 
_pdbx_validate_torsion.phi             -49.35 
_pdbx_validate_torsion.psi             156.63 
# 
_pdbx_molecule_features.prd_id    PRD_900125 
_pdbx_molecule_features.name      'H type 2 antigen, alpha anomer' 
_pdbx_molecule_features.type      Oligosaccharide 
_pdbx_molecule_features.class     Antigen 
_pdbx_molecule_features.details   oligosaccharide 
# 
_pdbx_molecule.instance_id   1 
_pdbx_molecule.prd_id        PRD_900125 
_pdbx_molecule.asym_id       B 
# 
_pdbx_struct_special_symmetry.id              1 
_pdbx_struct_special_symmetry.PDB_model_num   1 
_pdbx_struct_special_symmetry.auth_asym_id    A 
_pdbx_struct_special_symmetry.auth_comp_id    HOH 
_pdbx_struct_special_symmetry.auth_seq_id     2070 
_pdbx_struct_special_symmetry.PDB_ins_code    ? 
_pdbx_struct_special_symmetry.label_asym_id   D 
_pdbx_struct_special_symmetry.label_comp_id   HOH 
_pdbx_struct_special_symmetry.label_seq_id    . 
# 
_pdbx_database_remark.id     700 
_pdbx_database_remark.text   
;
SHEET
THE SHEET STRUCTURE OF THIS MOLECULE IS BIFURCATED. IN
ORDER TO REPRESENT THIS FEATURE IN THE SHEET RECORDS BELOW,
TWO SHEETS ARE DEFINED.
;
# 
loop_
_pdbx_distant_solvent_atoms.id 
_pdbx_distant_solvent_atoms.PDB_model_num 
_pdbx_distant_solvent_atoms.auth_atom_id 
_pdbx_distant_solvent_atoms.label_alt_id 
_pdbx_distant_solvent_atoms.auth_asym_id 
_pdbx_distant_solvent_atoms.auth_comp_id 
_pdbx_distant_solvent_atoms.auth_seq_id 
_pdbx_distant_solvent_atoms.PDB_ins_code 
_pdbx_distant_solvent_atoms.neighbor_macromolecule_distance 
_pdbx_distant_solvent_atoms.neighbor_ligand_distance 
1 1 O ? A HOH 2031 ? 7.02 .    
2 1 O ? A HOH 2033 ? .    7.21 
# 
loop_
_pdbx_unobs_or_zero_occ_residues.id 
_pdbx_unobs_or_zero_occ_residues.PDB_model_num 
_pdbx_unobs_or_zero_occ_residues.polymer_flag 
_pdbx_unobs_or_zero_occ_residues.occupancy_flag 
_pdbx_unobs_or_zero_occ_residues.auth_asym_id 
_pdbx_unobs_or_zero_occ_residues.auth_comp_id 
_pdbx_unobs_or_zero_occ_residues.auth_seq_id 
_pdbx_unobs_or_zero_occ_residues.PDB_ins_code 
_pdbx_unobs_or_zero_occ_residues.label_asym_id 
_pdbx_unobs_or_zero_occ_residues.label_comp_id 
_pdbx_unobs_or_zero_occ_residues.label_seq_id 
1 1 Y 1 A GLY 619 ? A GLY 1 
2 1 Y 1 A ILE 620 ? A ILE 2 
3 1 Y 1 A ASP 621 ? A ASP 3 
4 1 Y 1 A PRO 622 ? A PRO 4 
5 1 Y 1 A PHE 623 ? A PHE 5 
6 1 Y 1 A THR 624 ? A THR 6 
# 
loop_
_chem_comp_atom.comp_id 
_chem_comp_atom.atom_id 
_chem_comp_atom.type_symbol 
_chem_comp_atom.pdbx_aromatic_flag 
_chem_comp_atom.pdbx_stereo_config 
_chem_comp_atom.pdbx_ordinal 
ALA N    N  N N 1   
ALA CA   C  N S 2   
ALA C    C  N N 3   
ALA O    O  N N 4   
ALA CB   C  N N 5   
ALA OXT  O  N N 6   
ALA H    H  N N 7   
ALA H2   H  N N 8   
ALA HA   H  N N 9   
ALA HB1  H  N N 10  
ALA HB2  H  N N 11  
ALA HB3  H  N N 12  
ALA HXT  H  N N 13  
ARG N    N  N N 14  
ARG CA   C  N S 15  
ARG C    C  N N 16  
ARG O    O  N N 17  
ARG CB   C  N N 18  
ARG CG   C  N N 19  
ARG CD   C  N N 20  
ARG NE   N  N N 21  
ARG CZ   C  N N 22  
ARG NH1  N  N N 23  
ARG NH2  N  N N 24  
ARG OXT  O  N N 25  
ARG H    H  N N 26  
ARG H2   H  N N 27  
ARG HA   H  N N 28  
ARG HB2  H  N N 29  
ARG HB3  H  N N 30  
ARG HG2  H  N N 31  
ARG HG3  H  N N 32  
ARG HD2  H  N N 33  
ARG HD3  H  N N 34  
ARG HE   H  N N 35  
ARG HH11 H  N N 36  
ARG HH12 H  N N 37  
ARG HH21 H  N N 38  
ARG HH22 H  N N 39  
ARG HXT  H  N N 40  
ASN N    N  N N 41  
ASN CA   C  N S 42  
ASN C    C  N N 43  
ASN O    O  N N 44  
ASN CB   C  N N 45  
ASN CG   C  N N 46  
ASN OD1  O  N N 47  
ASN ND2  N  N N 48  
ASN OXT  O  N N 49  
ASN H    H  N N 50  
ASN H2   H  N N 51  
ASN HA   H  N N 52  
ASN HB2  H  N N 53  
ASN HB3  H  N N 54  
ASN HD21 H  N N 55  
ASN HD22 H  N N 56  
ASN HXT  H  N N 57  
ASP N    N  N N 58  
ASP CA   C  N S 59  
ASP C    C  N N 60  
ASP O    O  N N 61  
ASP CB   C  N N 62  
ASP CG   C  N N 63  
ASP OD1  O  N N 64  
ASP OD2  O  N N 65  
ASP OXT  O  N N 66  
ASP H    H  N N 67  
ASP H2   H  N N 68  
ASP HA   H  N N 69  
ASP HB2  H  N N 70  
ASP HB3  H  N N 71  
ASP HD2  H  N N 72  
ASP HXT  H  N N 73  
CA  CA   CA N N 74  
FUC C1   C  N R 75  
FUC C2   C  N S 76  
FUC C3   C  N R 77  
FUC C4   C  N S 78  
FUC C5   C  N S 79  
FUC C6   C  N N 80  
FUC O1   O  N N 81  
FUC O2   O  N N 82  
FUC O3   O  N N 83  
FUC O4   O  N N 84  
FUC O5   O  N N 85  
FUC H1   H  N N 86  
FUC H2   H  N N 87  
FUC H3   H  N N 88  
FUC H4   H  N N 89  
FUC H5   H  N N 90  
FUC H61  H  N N 91  
FUC H62  H  N N 92  
FUC H63  H  N N 93  
FUC HO1  H  N N 94  
FUC HO2  H  N N 95  
FUC HO3  H  N N 96  
FUC HO4  H  N N 97  
GAL C1   C  N R 98  
GAL C2   C  N R 99  
GAL C3   C  N S 100 
GAL C4   C  N R 101 
GAL C5   C  N R 102 
GAL C6   C  N N 103 
GAL O1   O  N N 104 
GAL O2   O  N N 105 
GAL O3   O  N N 106 
GAL O4   O  N N 107 
GAL O5   O  N N 108 
GAL O6   O  N N 109 
GAL H1   H  N N 110 
GAL H2   H  N N 111 
GAL H3   H  N N 112 
GAL H4   H  N N 113 
GAL H5   H  N N 114 
GAL H61  H  N N 115 
GAL H62  H  N N 116 
GAL HO1  H  N N 117 
GAL HO2  H  N N 118 
GAL HO3  H  N N 119 
GAL HO4  H  N N 120 
GAL HO6  H  N N 121 
GLN N    N  N N 122 
GLN CA   C  N S 123 
GLN C    C  N N 124 
GLN O    O  N N 125 
GLN CB   C  N N 126 
GLN CG   C  N N 127 
GLN CD   C  N N 128 
GLN OE1  O  N N 129 
GLN NE2  N  N N 130 
GLN OXT  O  N N 131 
GLN H    H  N N 132 
GLN H2   H  N N 133 
GLN HA   H  N N 134 
GLN HB2  H  N N 135 
GLN HB3  H  N N 136 
GLN HG2  H  N N 137 
GLN HG3  H  N N 138 
GLN HE21 H  N N 139 
GLN HE22 H  N N 140 
GLN HXT  H  N N 141 
GLU N    N  N N 142 
GLU CA   C  N S 143 
GLU C    C  N N 144 
GLU O    O  N N 145 
GLU CB   C  N N 146 
GLU CG   C  N N 147 
GLU CD   C  N N 148 
GLU OE1  O  N N 149 
GLU OE2  O  N N 150 
GLU OXT  O  N N 151 
GLU H    H  N N 152 
GLU H2   H  N N 153 
GLU HA   H  N N 154 
GLU HB2  H  N N 155 
GLU HB3  H  N N 156 
GLU HG2  H  N N 157 
GLU HG3  H  N N 158 
GLU HE2  H  N N 159 
GLU HXT  H  N N 160 
GLY N    N  N N 161 
GLY CA   C  N N 162 
GLY C    C  N N 163 
GLY O    O  N N 164 
GLY OXT  O  N N 165 
GLY H    H  N N 166 
GLY H2   H  N N 167 
GLY HA2  H  N N 168 
GLY HA3  H  N N 169 
GLY HXT  H  N N 170 
HIS N    N  N N 171 
HIS CA   C  N S 172 
HIS C    C  N N 173 
HIS O    O  N N 174 
HIS CB   C  N N 175 
HIS CG   C  Y N 176 
HIS ND1  N  Y N 177 
HIS CD2  C  Y N 178 
HIS CE1  C  Y N 179 
HIS NE2  N  Y N 180 
HIS OXT  O  N N 181 
HIS H    H  N N 182 
HIS H2   H  N N 183 
HIS HA   H  N N 184 
HIS HB2  H  N N 185 
HIS HB3  H  N N 186 
HIS HD1  H  N N 187 
HIS HD2  H  N N 188 
HIS HE1  H  N N 189 
HIS HE2  H  N N 190 
HIS HXT  H  N N 191 
HOH O    O  N N 192 
HOH H1   H  N N 193 
HOH H2   H  N N 194 
ILE N    N  N N 195 
ILE CA   C  N S 196 
ILE C    C  N N 197 
ILE O    O  N N 198 
ILE CB   C  N S 199 
ILE CG1  C  N N 200 
ILE CG2  C  N N 201 
ILE CD1  C  N N 202 
ILE OXT  O  N N 203 
ILE H    H  N N 204 
ILE H2   H  N N 205 
ILE HA   H  N N 206 
ILE HB   H  N N 207 
ILE HG12 H  N N 208 
ILE HG13 H  N N 209 
ILE HG21 H  N N 210 
ILE HG22 H  N N 211 
ILE HG23 H  N N 212 
ILE HD11 H  N N 213 
ILE HD12 H  N N 214 
ILE HD13 H  N N 215 
ILE HXT  H  N N 216 
LEU N    N  N N 217 
LEU CA   C  N S 218 
LEU C    C  N N 219 
LEU O    O  N N 220 
LEU CB   C  N N 221 
LEU CG   C  N N 222 
LEU CD1  C  N N 223 
LEU CD2  C  N N 224 
LEU OXT  O  N N 225 
LEU H    H  N N 226 
LEU H2   H  N N 227 
LEU HA   H  N N 228 
LEU HB2  H  N N 229 
LEU HB3  H  N N 230 
LEU HG   H  N N 231 
LEU HD11 H  N N 232 
LEU HD12 H  N N 233 
LEU HD13 H  N N 234 
LEU HD21 H  N N 235 
LEU HD22 H  N N 236 
LEU HD23 H  N N 237 
LEU HXT  H  N N 238 
LYS N    N  N N 239 
LYS CA   C  N S 240 
LYS C    C  N N 241 
LYS O    O  N N 242 
LYS CB   C  N N 243 
LYS CG   C  N N 244 
LYS CD   C  N N 245 
LYS CE   C  N N 246 
LYS NZ   N  N N 247 
LYS OXT  O  N N 248 
LYS H    H  N N 249 
LYS H2   H  N N 250 
LYS HA   H  N N 251 
LYS HB2  H  N N 252 
LYS HB3  H  N N 253 
LYS HG2  H  N N 254 
LYS HG3  H  N N 255 
LYS HD2  H  N N 256 
LYS HD3  H  N N 257 
LYS HE2  H  N N 258 
LYS HE3  H  N N 259 
LYS HZ1  H  N N 260 
LYS HZ2  H  N N 261 
LYS HZ3  H  N N 262 
LYS HXT  H  N N 263 
MET N    N  N N 264 
MET CA   C  N S 265 
MET C    C  N N 266 
MET O    O  N N 267 
MET CB   C  N N 268 
MET CG   C  N N 269 
MET SD   S  N N 270 
MET CE   C  N N 271 
MET OXT  O  N N 272 
MET H    H  N N 273 
MET H2   H  N N 274 
MET HA   H  N N 275 
MET HB2  H  N N 276 
MET HB3  H  N N 277 
MET HG2  H  N N 278 
MET HG3  H  N N 279 
MET HE1  H  N N 280 
MET HE2  H  N N 281 
MET HE3  H  N N 282 
MET HXT  H  N N 283 
NDG C1   C  N S 284 
NDG C2   C  N R 285 
NDG C3   C  N R 286 
NDG C4   C  N S 287 
NDG C5   C  N R 288 
NDG C6   C  N N 289 
NDG C7   C  N N 290 
NDG C8   C  N N 291 
NDG O5   O  N N 292 
NDG O3   O  N N 293 
NDG O4   O  N N 294 
NDG O6   O  N N 295 
NDG O7   O  N N 296 
NDG N2   N  N N 297 
NDG O1   O  N N 298 
NDG H1   H  N N 299 
NDG H2   H  N N 300 
NDG H3   H  N N 301 
NDG H4   H  N N 302 
NDG H5   H  N N 303 
NDG H61  H  N N 304 
NDG H62  H  N N 305 
NDG H81  H  N N 306 
NDG H82  H  N N 307 
NDG H83  H  N N 308 
NDG HO3  H  N N 309 
NDG HO4  H  N N 310 
NDG HO6  H  N N 311 
NDG HN2  H  N N 312 
NDG HO1  H  N N 313 
PHE N    N  N N 314 
PHE CA   C  N S 315 
PHE C    C  N N 316 
PHE O    O  N N 317 
PHE CB   C  N N 318 
PHE CG   C  Y N 319 
PHE CD1  C  Y N 320 
PHE CD2  C  Y N 321 
PHE CE1  C  Y N 322 
PHE CE2  C  Y N 323 
PHE CZ   C  Y N 324 
PHE OXT  O  N N 325 
PHE H    H  N N 326 
PHE H2   H  N N 327 
PHE HA   H  N N 328 
PHE HB2  H  N N 329 
PHE HB3  H  N N 330 
PHE HD1  H  N N 331 
PHE HD2  H  N N 332 
PHE HE1  H  N N 333 
PHE HE2  H  N N 334 
PHE HZ   H  N N 335 
PHE HXT  H  N N 336 
PRO N    N  N N 337 
PRO CA   C  N S 338 
PRO C    C  N N 339 
PRO O    O  N N 340 
PRO CB   C  N N 341 
PRO CG   C  N N 342 
PRO CD   C  N N 343 
PRO OXT  O  N N 344 
PRO H    H  N N 345 
PRO HA   H  N N 346 
PRO HB2  H  N N 347 
PRO HB3  H  N N 348 
PRO HG2  H  N N 349 
PRO HG3  H  N N 350 
PRO HD2  H  N N 351 
PRO HD3  H  N N 352 
PRO HXT  H  N N 353 
SER N    N  N N 354 
SER CA   C  N S 355 
SER C    C  N N 356 
SER O    O  N N 357 
SER CB   C  N N 358 
SER OG   O  N N 359 
SER OXT  O  N N 360 
SER H    H  N N 361 
SER H2   H  N N 362 
SER HA   H  N N 363 
SER HB2  H  N N 364 
SER HB3  H  N N 365 
SER HG   H  N N 366 
SER HXT  H  N N 367 
THR N    N  N N 368 
THR CA   C  N S 369 
THR C    C  N N 370 
THR O    O  N N 371 
THR CB   C  N R 372 
THR OG1  O  N N 373 
THR CG2  C  N N 374 
THR OXT  O  N N 375 
THR H    H  N N 376 
THR H2   H  N N 377 
THR HA   H  N N 378 
THR HB   H  N N 379 
THR HG1  H  N N 380 
THR HG21 H  N N 381 
THR HG22 H  N N 382 
THR HG23 H  N N 383 
THR HXT  H  N N 384 
TRP N    N  N N 385 
TRP CA   C  N S 386 
TRP C    C  N N 387 
TRP O    O  N N 388 
TRP CB   C  N N 389 
TRP CG   C  Y N 390 
TRP CD1  C  Y N 391 
TRP CD2  C  Y N 392 
TRP NE1  N  Y N 393 
TRP CE2  C  Y N 394 
TRP CE3  C  Y N 395 
TRP CZ2  C  Y N 396 
TRP CZ3  C  Y N 397 
TRP CH2  C  Y N 398 
TRP OXT  O  N N 399 
TRP H    H  N N 400 
TRP H2   H  N N 401 
TRP HA   H  N N 402 
TRP HB2  H  N N 403 
TRP HB3  H  N N 404 
TRP HD1  H  N N 405 
TRP HE1  H  N N 406 
TRP HE3  H  N N 407 
TRP HZ2  H  N N 408 
TRP HZ3  H  N N 409 
TRP HH2  H  N N 410 
TRP HXT  H  N N 411 
TYR N    N  N N 412 
TYR CA   C  N S 413 
TYR C    C  N N 414 
TYR O    O  N N 415 
TYR CB   C  N N 416 
TYR CG   C  Y N 417 
TYR CD1  C  Y N 418 
TYR CD2  C  Y N 419 
TYR CE1  C  Y N 420 
TYR CE2  C  Y N 421 
TYR CZ   C  Y N 422 
TYR OH   O  N N 423 
TYR OXT  O  N N 424 
TYR H    H  N N 425 
TYR H2   H  N N 426 
TYR HA   H  N N 427 
TYR HB2  H  N N 428 
TYR HB3  H  N N 429 
TYR HD1  H  N N 430 
TYR HD2  H  N N 431 
TYR HE1  H  N N 432 
TYR HE2  H  N N 433 
TYR HH   H  N N 434 
TYR HXT  H  N N 435 
VAL N    N  N N 436 
VAL CA   C  N S 437 
VAL C    C  N N 438 
VAL O    O  N N 439 
VAL CB   C  N N 440 
VAL CG1  C  N N 441 
VAL CG2  C  N N 442 
VAL OXT  O  N N 443 
VAL H    H  N N 444 
VAL H2   H  N N 445 
VAL HA   H  N N 446 
VAL HB   H  N N 447 
VAL HG11 H  N N 448 
VAL HG12 H  N N 449 
VAL HG13 H  N N 450 
VAL HG21 H  N N 451 
VAL HG22 H  N N 452 
VAL HG23 H  N N 453 
VAL HXT  H  N N 454 
# 
loop_
_chem_comp_bond.comp_id 
_chem_comp_bond.atom_id_1 
_chem_comp_bond.atom_id_2 
_chem_comp_bond.value_order 
_chem_comp_bond.pdbx_aromatic_flag 
_chem_comp_bond.pdbx_stereo_config 
_chem_comp_bond.pdbx_ordinal 
ALA N   CA   sing N N 1   
ALA N   H    sing N N 2   
ALA N   H2   sing N N 3   
ALA CA  C    sing N N 4   
ALA CA  CB   sing N N 5   
ALA CA  HA   sing N N 6   
ALA C   O    doub N N 7   
ALA C   OXT  sing N N 8   
ALA CB  HB1  sing N N 9   
ALA CB  HB2  sing N N 10  
ALA CB  HB3  sing N N 11  
ALA OXT HXT  sing N N 12  
ARG N   CA   sing N N 13  
ARG N   H    sing N N 14  
ARG N   H2   sing N N 15  
ARG CA  C    sing N N 16  
ARG CA  CB   sing N N 17  
ARG CA  HA   sing N N 18  
ARG C   O    doub N N 19  
ARG C   OXT  sing N N 20  
ARG CB  CG   sing N N 21  
ARG CB  HB2  sing N N 22  
ARG CB  HB3  sing N N 23  
ARG CG  CD   sing N N 24  
ARG CG  HG2  sing N N 25  
ARG CG  HG3  sing N N 26  
ARG CD  NE   sing N N 27  
ARG CD  HD2  sing N N 28  
ARG CD  HD3  sing N N 29  
ARG NE  CZ   sing N N 30  
ARG NE  HE   sing N N 31  
ARG CZ  NH1  sing N N 32  
ARG CZ  NH2  doub N N 33  
ARG NH1 HH11 sing N N 34  
ARG NH1 HH12 sing N N 35  
ARG NH2 HH21 sing N N 36  
ARG NH2 HH22 sing N N 37  
ARG OXT HXT  sing N N 38  
ASN N   CA   sing N N 39  
ASN N   H    sing N N 40  
ASN N   H2   sing N N 41  
ASN CA  C    sing N N 42  
ASN CA  CB   sing N N 43  
ASN CA  HA   sing N N 44  
ASN C   O    doub N N 45  
ASN C   OXT  sing N N 46  
ASN CB  CG   sing N N 47  
ASN CB  HB2  sing N N 48  
ASN CB  HB3  sing N N 49  
ASN CG  OD1  doub N N 50  
ASN CG  ND2  sing N N 51  
ASN ND2 HD21 sing N N 52  
ASN ND2 HD22 sing N N 53  
ASN OXT HXT  sing N N 54  
ASP N   CA   sing N N 55  
ASP N   H    sing N N 56  
ASP N   H2   sing N N 57  
ASP CA  C    sing N N 58  
ASP CA  CB   sing N N 59  
ASP CA  HA   sing N N 60  
ASP C   O    doub N N 61  
ASP C   OXT  sing N N 62  
ASP CB  CG   sing N N 63  
ASP CB  HB2  sing N N 64  
ASP CB  HB3  sing N N 65  
ASP CG  OD1  doub N N 66  
ASP CG  OD2  sing N N 67  
ASP OD2 HD2  sing N N 68  
ASP OXT HXT  sing N N 69  
FUC C1  C2   sing N N 70  
FUC C1  O1   sing N N 71  
FUC C1  O5   sing N N 72  
FUC C1  H1   sing N N 73  
FUC C2  C3   sing N N 74  
FUC C2  O2   sing N N 75  
FUC C2  H2   sing N N 76  
FUC C3  C4   sing N N 77  
FUC C3  O3   sing N N 78  
FUC C3  H3   sing N N 79  
FUC C4  C5   sing N N 80  
FUC C4  O4   sing N N 81  
FUC C4  H4   sing N N 82  
FUC C5  C6   sing N N 83  
FUC C5  O5   sing N N 84  
FUC C5  H5   sing N N 85  
FUC C6  H61  sing N N 86  
FUC C6  H62  sing N N 87  
FUC C6  H63  sing N N 88  
FUC O1  HO1  sing N N 89  
FUC O2  HO2  sing N N 90  
FUC O3  HO3  sing N N 91  
FUC O4  HO4  sing N N 92  
GAL C1  C2   sing N N 93  
GAL C1  O1   sing N N 94  
GAL C1  O5   sing N N 95  
GAL C1  H1   sing N N 96  
GAL C2  C3   sing N N 97  
GAL C2  O2   sing N N 98  
GAL C2  H2   sing N N 99  
GAL C3  C4   sing N N 100 
GAL C3  O3   sing N N 101 
GAL C3  H3   sing N N 102 
GAL C4  C5   sing N N 103 
GAL C4  O4   sing N N 104 
GAL C4  H4   sing N N 105 
GAL C5  C6   sing N N 106 
GAL C5  O5   sing N N 107 
GAL C5  H5   sing N N 108 
GAL C6  O6   sing N N 109 
GAL C6  H61  sing N N 110 
GAL C6  H62  sing N N 111 
GAL O1  HO1  sing N N 112 
GAL O2  HO2  sing N N 113 
GAL O3  HO3  sing N N 114 
GAL O4  HO4  sing N N 115 
GAL O6  HO6  sing N N 116 
GLN N   CA   sing N N 117 
GLN N   H    sing N N 118 
GLN N   H2   sing N N 119 
GLN CA  C    sing N N 120 
GLN CA  CB   sing N N 121 
GLN CA  HA   sing N N 122 
GLN C   O    doub N N 123 
GLN C   OXT  sing N N 124 
GLN CB  CG   sing N N 125 
GLN CB  HB2  sing N N 126 
GLN CB  HB3  sing N N 127 
GLN CG  CD   sing N N 128 
GLN CG  HG2  sing N N 129 
GLN CG  HG3  sing N N 130 
GLN CD  OE1  doub N N 131 
GLN CD  NE2  sing N N 132 
GLN NE2 HE21 sing N N 133 
GLN NE2 HE22 sing N N 134 
GLN OXT HXT  sing N N 135 
GLU N   CA   sing N N 136 
GLU N   H    sing N N 137 
GLU N   H2   sing N N 138 
GLU CA  C    sing N N 139 
GLU CA  CB   sing N N 140 
GLU CA  HA   sing N N 141 
GLU C   O    doub N N 142 
GLU C   OXT  sing N N 143 
GLU CB  CG   sing N N 144 
GLU CB  HB2  sing N N 145 
GLU CB  HB3  sing N N 146 
GLU CG  CD   sing N N 147 
GLU CG  HG2  sing N N 148 
GLU CG  HG3  sing N N 149 
GLU CD  OE1  doub N N 150 
GLU CD  OE2  sing N N 151 
GLU OE2 HE2  sing N N 152 
GLU OXT HXT  sing N N 153 
GLY N   CA   sing N N 154 
GLY N   H    sing N N 155 
GLY N   H2   sing N N 156 
GLY CA  C    sing N N 157 
GLY CA  HA2  sing N N 158 
GLY CA  HA3  sing N N 159 
GLY C   O    doub N N 160 
GLY C   OXT  sing N N 161 
GLY OXT HXT  sing N N 162 
HIS N   CA   sing N N 163 
HIS N   H    sing N N 164 
HIS N   H2   sing N N 165 
HIS CA  C    sing N N 166 
HIS CA  CB   sing N N 167 
HIS CA  HA   sing N N 168 
HIS C   O    doub N N 169 
HIS C   OXT  sing N N 170 
HIS CB  CG   sing N N 171 
HIS CB  HB2  sing N N 172 
HIS CB  HB3  sing N N 173 
HIS CG  ND1  sing Y N 174 
HIS CG  CD2  doub Y N 175 
HIS ND1 CE1  doub Y N 176 
HIS ND1 HD1  sing N N 177 
HIS CD2 NE2  sing Y N 178 
HIS CD2 HD2  sing N N 179 
HIS CE1 NE2  sing Y N 180 
HIS CE1 HE1  sing N N 181 
HIS NE2 HE2  sing N N 182 
HIS OXT HXT  sing N N 183 
HOH O   H1   sing N N 184 
HOH O   H2   sing N N 185 
ILE N   CA   sing N N 186 
ILE N   H    sing N N 187 
ILE N   H2   sing N N 188 
ILE CA  C    sing N N 189 
ILE CA  CB   sing N N 190 
ILE CA  HA   sing N N 191 
ILE C   O    doub N N 192 
ILE C   OXT  sing N N 193 
ILE CB  CG1  sing N N 194 
ILE CB  CG2  sing N N 195 
ILE CB  HB   sing N N 196 
ILE CG1 CD1  sing N N 197 
ILE CG1 HG12 sing N N 198 
ILE CG1 HG13 sing N N 199 
ILE CG2 HG21 sing N N 200 
ILE CG2 HG22 sing N N 201 
ILE CG2 HG23 sing N N 202 
ILE CD1 HD11 sing N N 203 
ILE CD1 HD12 sing N N 204 
ILE CD1 HD13 sing N N 205 
ILE OXT HXT  sing N N 206 
LEU N   CA   sing N N 207 
LEU N   H    sing N N 208 
LEU N   H2   sing N N 209 
LEU CA  C    sing N N 210 
LEU CA  CB   sing N N 211 
LEU CA  HA   sing N N 212 
LEU C   O    doub N N 213 
LEU C   OXT  sing N N 214 
LEU CB  CG   sing N N 215 
LEU CB  HB2  sing N N 216 
LEU CB  HB3  sing N N 217 
LEU CG  CD1  sing N N 218 
LEU CG  CD2  sing N N 219 
LEU CG  HG   sing N N 220 
LEU CD1 HD11 sing N N 221 
LEU CD1 HD12 sing N N 222 
LEU CD1 HD13 sing N N 223 
LEU CD2 HD21 sing N N 224 
LEU CD2 HD22 sing N N 225 
LEU CD2 HD23 sing N N 226 
LEU OXT HXT  sing N N 227 
LYS N   CA   sing N N 228 
LYS N   H    sing N N 229 
LYS N   H2   sing N N 230 
LYS CA  C    sing N N 231 
LYS CA  CB   sing N N 232 
LYS CA  HA   sing N N 233 
LYS C   O    doub N N 234 
LYS C   OXT  sing N N 235 
LYS CB  CG   sing N N 236 
LYS CB  HB2  sing N N 237 
LYS CB  HB3  sing N N 238 
LYS CG  CD   sing N N 239 
LYS CG  HG2  sing N N 240 
LYS CG  HG3  sing N N 241 
LYS CD  CE   sing N N 242 
LYS CD  HD2  sing N N 243 
LYS CD  HD3  sing N N 244 
LYS CE  NZ   sing N N 245 
LYS CE  HE2  sing N N 246 
LYS CE  HE3  sing N N 247 
LYS NZ  HZ1  sing N N 248 
LYS NZ  HZ2  sing N N 249 
LYS NZ  HZ3  sing N N 250 
LYS OXT HXT  sing N N 251 
MET N   CA   sing N N 252 
MET N   H    sing N N 253 
MET N   H2   sing N N 254 
MET CA  C    sing N N 255 
MET CA  CB   sing N N 256 
MET CA  HA   sing N N 257 
MET C   O    doub N N 258 
MET C   OXT  sing N N 259 
MET CB  CG   sing N N 260 
MET CB  HB2  sing N N 261 
MET CB  HB3  sing N N 262 
MET CG  SD   sing N N 263 
MET CG  HG2  sing N N 264 
MET CG  HG3  sing N N 265 
MET SD  CE   sing N N 266 
MET CE  HE1  sing N N 267 
MET CE  HE2  sing N N 268 
MET CE  HE3  sing N N 269 
MET OXT HXT  sing N N 270 
NDG C1  C2   sing N N 271 
NDG C1  O5   sing N N 272 
NDG C1  O1   sing N N 273 
NDG C1  H1   sing N N 274 
NDG C2  C3   sing N N 275 
NDG C2  N2   sing N N 276 
NDG C2  H2   sing N N 277 
NDG C3  C4   sing N N 278 
NDG C3  O3   sing N N 279 
NDG C3  H3   sing N N 280 
NDG C4  C5   sing N N 281 
NDG C4  O4   sing N N 282 
NDG C4  H4   sing N N 283 
NDG C5  C6   sing N N 284 
NDG C5  O5   sing N N 285 
NDG C5  H5   sing N N 286 
NDG C6  O6   sing N N 287 
NDG C6  H61  sing N N 288 
NDG C6  H62  sing N N 289 
NDG C7  C8   sing N N 290 
NDG C7  O7   doub N N 291 
NDG C7  N2   sing N N 292 
NDG C8  H81  sing N N 293 
NDG C8  H82  sing N N 294 
NDG C8  H83  sing N N 295 
NDG O3  HO3  sing N N 296 
NDG O4  HO4  sing N N 297 
NDG O6  HO6  sing N N 298 
NDG N2  HN2  sing N N 299 
NDG O1  HO1  sing N N 300 
PHE N   CA   sing N N 301 
PHE N   H    sing N N 302 
PHE N   H2   sing N N 303 
PHE CA  C    sing N N 304 
PHE CA  CB   sing N N 305 
PHE CA  HA   sing N N 306 
PHE C   O    doub N N 307 
PHE C   OXT  sing N N 308 
PHE CB  CG   sing N N 309 
PHE CB  HB2  sing N N 310 
PHE CB  HB3  sing N N 311 
PHE CG  CD1  doub Y N 312 
PHE CG  CD2  sing Y N 313 
PHE CD1 CE1  sing Y N 314 
PHE CD1 HD1  sing N N 315 
PHE CD2 CE2  doub Y N 316 
PHE CD2 HD2  sing N N 317 
PHE CE1 CZ   doub Y N 318 
PHE CE1 HE1  sing N N 319 
PHE CE2 CZ   sing Y N 320 
PHE CE2 HE2  sing N N 321 
PHE CZ  HZ   sing N N 322 
PHE OXT HXT  sing N N 323 
PRO N   CA   sing N N 324 
PRO N   CD   sing N N 325 
PRO N   H    sing N N 326 
PRO CA  C    sing N N 327 
PRO CA  CB   sing N N 328 
PRO CA  HA   sing N N 329 
PRO C   O    doub N N 330 
PRO C   OXT  sing N N 331 
PRO CB  CG   sing N N 332 
PRO CB  HB2  sing N N 333 
PRO CB  HB3  sing N N 334 
PRO CG  CD   sing N N 335 
PRO CG  HG2  sing N N 336 
PRO CG  HG3  sing N N 337 
PRO CD  HD2  sing N N 338 
PRO CD  HD3  sing N N 339 
PRO OXT HXT  sing N N 340 
SER N   CA   sing N N 341 
SER N   H    sing N N 342 
SER N   H2   sing N N 343 
SER CA  C    sing N N 344 
SER CA  CB   sing N N 345 
SER CA  HA   sing N N 346 
SER C   O    doub N N 347 
SER C   OXT  sing N N 348 
SER CB  OG   sing N N 349 
SER CB  HB2  sing N N 350 
SER CB  HB3  sing N N 351 
SER OG  HG   sing N N 352 
SER OXT HXT  sing N N 353 
THR N   CA   sing N N 354 
THR N   H    sing N N 355 
THR N   H2   sing N N 356 
THR CA  C    sing N N 357 
THR CA  CB   sing N N 358 
THR CA  HA   sing N N 359 
THR C   O    doub N N 360 
THR C   OXT  sing N N 361 
THR CB  OG1  sing N N 362 
THR CB  CG2  sing N N 363 
THR CB  HB   sing N N 364 
THR OG1 HG1  sing N N 365 
THR CG2 HG21 sing N N 366 
THR CG2 HG22 sing N N 367 
THR CG2 HG23 sing N N 368 
THR OXT HXT  sing N N 369 
TRP N   CA   sing N N 370 
TRP N   H    sing N N 371 
TRP N   H2   sing N N 372 
TRP CA  C    sing N N 373 
TRP CA  CB   sing N N 374 
TRP CA  HA   sing N N 375 
TRP C   O    doub N N 376 
TRP C   OXT  sing N N 377 
TRP CB  CG   sing N N 378 
TRP CB  HB2  sing N N 379 
TRP CB  HB3  sing N N 380 
TRP CG  CD1  doub Y N 381 
TRP CG  CD2  sing Y N 382 
TRP CD1 NE1  sing Y N 383 
TRP CD1 HD1  sing N N 384 
TRP CD2 CE2  doub Y N 385 
TRP CD2 CE3  sing Y N 386 
TRP NE1 CE2  sing Y N 387 
TRP NE1 HE1  sing N N 388 
TRP CE2 CZ2  sing Y N 389 
TRP CE3 CZ3  doub Y N 390 
TRP CE3 HE3  sing N N 391 
TRP CZ2 CH2  doub Y N 392 
TRP CZ2 HZ2  sing N N 393 
TRP CZ3 CH2  sing Y N 394 
TRP CZ3 HZ3  sing N N 395 
TRP CH2 HH2  sing N N 396 
TRP OXT HXT  sing N N 397 
TYR N   CA   sing N N 398 
TYR N   H    sing N N 399 
TYR N   H2   sing N N 400 
TYR CA  C    sing N N 401 
TYR CA  CB   sing N N 402 
TYR CA  HA   sing N N 403 
TYR C   O    doub N N 404 
TYR C   OXT  sing N N 405 
TYR CB  CG   sing N N 406 
TYR CB  HB2  sing N N 407 
TYR CB  HB3  sing N N 408 
TYR CG  CD1  doub Y N 409 
TYR CG  CD2  sing Y N 410 
TYR CD1 CE1  sing Y N 411 
TYR CD1 HD1  sing N N 412 
TYR CD2 CE2  doub Y N 413 
TYR CD2 HD2  sing N N 414 
TYR CE1 CZ   doub Y N 415 
TYR CE1 HE1  sing N N 416 
TYR CE2 CZ   sing Y N 417 
TYR CE2 HE2  sing N N 418 
TYR CZ  OH   sing N N 419 
TYR OH  HH   sing N N 420 
TYR OXT HXT  sing N N 421 
VAL N   CA   sing N N 422 
VAL N   H    sing N N 423 
VAL N   H2   sing N N 424 
VAL CA  C    sing N N 425 
VAL CA  CB   sing N N 426 
VAL CA  HA   sing N N 427 
VAL C   O    doub N N 428 
VAL C   OXT  sing N N 429 
VAL CB  CG1  sing N N 430 
VAL CB  CG2  sing N N 431 
VAL CB  HB   sing N N 432 
VAL CG1 HG11 sing N N 433 
VAL CG1 HG12 sing N N 434 
VAL CG1 HG13 sing N N 435 
VAL CG2 HG21 sing N N 436 
VAL CG2 HG22 sing N N 437 
VAL CG2 HG23 sing N N 438 
VAL OXT HXT  sing N N 439 
# 
loop_
_pdbx_entity_branch_list.entity_id 
_pdbx_entity_branch_list.comp_id 
_pdbx_entity_branch_list.num 
_pdbx_entity_branch_list.hetero 
2 NDG 1 n 
2 GAL 2 n 
2 FUC 3 n 
# 
_atom_sites.entry_id                    2J7M 
_atom_sites.fract_transf_matrix[1][1]   0.00022321 
_atom_sites.fract_transf_matrix[1][2]   0.00291318 
_atom_sites.fract_transf_matrix[1][3]   0.01259968 
_atom_sites.fract_transf_matrix[2][1]   -0.00672587 
_atom_sites.fract_transf_matrix[2][2]   -0.01073696 
_atom_sites.fract_transf_matrix[2][3]   0.00260165 
_atom_sites.fract_transf_matrix[3][1]   0.01151510 
_atom_sites.fract_transf_matrix[3][2]   -0.00687745 
_atom_sites.fract_transf_matrix[3][3]   0.00138614 
_atom_sites.fract_transf_vector[1]      0.628548 
_atom_sites.fract_transf_vector[2]      0.156248 
_atom_sites.fract_transf_vector[3]      0.159183 
# 
loop_
_atom_type.symbol 
C  
CA 
N  
O  
S  
# 
loop_
_atom_site.group_PDB 
_atom_site.id 
_atom_site.type_symbol 
_atom_site.label_atom_id 
_atom_site.label_alt_id 
_atom_site.label_comp_id 
_atom_site.label_asym_id 
_atom_site.label_entity_id 
_atom_site.label_seq_id 
_atom_site.pdbx_PDB_ins_code 
_atom_site.Cartn_x 
_atom_site.Cartn_y 
_atom_site.Cartn_z 
_atom_site.occupancy 
_atom_site.B_iso_or_equiv 
_atom_site.pdbx_formal_charge 
_atom_site.auth_seq_id 
_atom_site.auth_comp_id 
_atom_site.auth_asym_id 
_atom_site.auth_atom_id 
_atom_site.pdbx_PDB_model_num 
ATOM   1    N  N   . ASN A 1 7   ? 7.573   5.643   15.485  1.00 45.38 ? 625  ASN A N   1 
ATOM   2    C  CA  . ASN A 1 7   ? 7.240   4.331   16.145  1.00 45.23 ? 625  ASN A CA  1 
ATOM   3    C  C   . ASN A 1 7   ? 5.749   3.835   16.097  1.00 44.09 ? 625  ASN A C   1 
ATOM   4    O  O   . ASN A 1 7   ? 5.410   2.859   16.795  1.00 45.04 ? 625  ASN A O   1 
ATOM   5    C  CB  . ASN A 1 7   ? 7.739   4.361   17.607  1.00 45.68 ? 625  ASN A CB  1 
ATOM   6    C  CG  . ASN A 1 7   ? 7.083   5.492   18.442  1.00 47.61 ? 625  ASN A CG  1 
ATOM   7    O  OD1 . ASN A 1 7   ? 6.163   5.245   19.242  1.00 49.92 ? 625  ASN A OD1 1 
ATOM   8    N  ND2 . ASN A 1 7   ? 7.555   6.733   18.250  1.00 48.56 ? 625  ASN A ND2 1 
ATOM   9    N  N   . PRO A 1 8   ? 4.851   4.486   15.304  1.00 42.26 ? 626  PRO A N   1 
ATOM   10   C  CA  . PRO A 1 8   ? 3.456   3.983   15.357  1.00 40.63 ? 626  PRO A CA  1 
ATOM   11   C  C   . PRO A 1 8   ? 3.323   2.486   15.046  1.00 39.13 ? 626  PRO A C   1 
ATOM   12   O  O   . PRO A 1 8   ? 3.976   1.984   14.114  1.00 39.28 ? 626  PRO A O   1 
ATOM   13   C  CB  . PRO A 1 8   ? 2.728   4.811   14.293  1.00 40.29 ? 626  PRO A CB  1 
ATOM   14   C  CG  . PRO A 1 8   ? 3.784   5.489   13.513  1.00 41.14 ? 626  PRO A CG  1 
ATOM   15   C  CD  . PRO A 1 8   ? 4.972   5.636   14.389  1.00 42.12 ? 626  PRO A CD  1 
ATOM   16   N  N   . ARG A 1 9   ? 2.501   1.788   15.833  1.00 37.02 ? 627  ARG A N   1 
ATOM   17   C  CA  . ARG A 1 9   ? 2.216   0.365   15.617  1.00 35.18 ? 627  ARG A CA  1 
ATOM   18   C  C   . ARG A 1 9   ? 0.999   0.248   14.689  1.00 33.15 ? 627  ARG A C   1 
ATOM   19   O  O   . ARG A 1 9   ? -0.005  0.937   14.882  1.00 32.55 ? 627  ARG A O   1 
ATOM   20   C  CB  . ARG A 1 9   ? 2.022   -0.387  16.969  1.00 35.94 ? 627  ARG A CB  1 
ATOM   21   C  CG  . ARG A 1 9   ? 1.154   -1.720  16.992  1.00 37.02 ? 627  ARG A CG  1 
ATOM   22   C  CD  . ARG A 1 9   ? 1.953   -3.013  16.606  1.00 41.02 ? 627  ARG A CD  1 
ATOM   23   N  NE  . ARG A 1 9   ? 1.309   -4.302  16.952  1.00 39.38 ? 627  ARG A NE  1 
ATOM   24   C  CZ  . ARG A 1 9   ? 1.893   -5.510  16.812  1.00 42.29 ? 627  ARG A CZ  1 
ATOM   25   N  NH1 . ARG A 1 9   ? 3.133   -5.626  16.308  1.00 41.71 ? 627  ARG A NH1 1 
ATOM   26   N  NH2 . ARG A 1 9   ? 1.243   -6.625  17.165  1.00 38.82 ? 627  ARG A NH2 1 
ATOM   27   N  N   . THR A 1 10  ? 1.125   -0.602  13.672  1.00 30.47 ? 628  THR A N   1 
ATOM   28   C  CA  . THR A 1 10  ? 0.017   -0.953  12.810  1.00 28.57 ? 628  THR A CA  1 
ATOM   29   C  C   . THR A 1 10  ? -0.804  -2.054  13.485  1.00 28.06 ? 628  THR A C   1 
ATOM   30   O  O   . THR A 1 10  ? -0.333  -3.186  13.677  1.00 27.68 ? 628  THR A O   1 
ATOM   31   C  CB  . THR A 1 10  ? 0.502   -1.413  11.408  1.00 28.66 ? 628  THR A CB  1 
ATOM   32   O  OG1 . THR A 1 10  ? 1.256   -0.366  10.801  1.00 27.21 ? 628  THR A OG1 1 
ATOM   33   C  CG2 . THR A 1 10  ? -0.658  -1.789  10.508  1.00 26.70 ? 628  THR A CG2 1 
ATOM   34   N  N   . VAL A 1 11  ? -2.024  -1.685  13.858  1.00 27.02 ? 629  VAL A N   1 
ATOM   35   C  CA  . VAL A 1 11  ? -3.009  -2.581  14.454  1.00 26.49 ? 629  VAL A CA  1 
ATOM   36   C  C   . VAL A 1 11  ? -3.492  -3.530  13.369  1.00 25.74 ? 629  VAL A C   1 
ATOM   37   O  O   . VAL A 1 11  ? -3.589  -4.746  13.583  1.00 25.79 ? 629  VAL A O   1 
ATOM   38   C  CB  . VAL A 1 11  ? -4.216  -1.767  15.081  1.00 25.95 ? 629  VAL A CB  1 
ATOM   39   C  CG1 . VAL A 1 11  ? -5.355  -2.676  15.538  1.00 25.32 ? 629  VAL A CG1 1 
ATOM   40   C  CG2 . VAL A 1 11  ? -3.731  -0.948  16.254  1.00 27.29 ? 629  VAL A CG2 1 
ATOM   41   N  N   . LYS A 1 12  ? -3.823  -2.960  12.216  1.00 24.76 ? 630  LYS A N   1 
ATOM   42   C  CA  . LYS A 1 12  ? -4.179  -3.756  11.055  1.00 24.43 ? 630  LYS A CA  1 
ATOM   43   C  C   . LYS A 1 12  ? -4.128  -2.989  9.757   1.00 23.30 ? 630  LYS A C   1 
ATOM   44   O  O   . LYS A 1 12  ? -4.200  -1.766  9.737   1.00 22.61 ? 630  LYS A O   1 
ATOM   45   C  CB  . LYS A 1 12  ? -5.552  -4.424  11.209  1.00 24.99 ? 630  LYS A CB  1 
ATOM   46   C  CG  . LYS A 1 12  ? -6.716  -3.492  11.449  1.00 24.99 ? 630  LYS A CG  1 
ATOM   47   C  CD  . LYS A 1 12  ? -7.970  -4.288  11.621  1.00 23.47 ? 630  LYS A CD  1 
ATOM   48   C  CE  . LYS A 1 12  ? -8.342  -4.982  10.345  1.00 23.77 ? 630  LYS A CE  1 
ATOM   49   N  NZ  . LYS A 1 12  ? -9.818  -5.313  10.329  1.00 23.09 ? 630  LYS A NZ  1 
ATOM   50   N  N   . ILE A 1 13  ? -3.992  -3.760  8.686   1.00 22.67 ? 631  ILE A N   1 
ATOM   51   C  CA  . ILE A 1 13  ? -4.023  -3.275  7.313   1.00 21.69 ? 631  ILE A CA  1 
ATOM   52   C  C   . ILE A 1 13  ? -5.241  -3.873  6.667   1.00 20.74 ? 631  ILE A C   1 
ATOM   53   O  O   . ILE A 1 13  ? -5.466  -5.075  6.749   1.00 20.22 ? 631  ILE A O   1 
ATOM   54   C  CB  . ILE A 1 13  ? -2.745  -3.666  6.489   1.00 21.65 ? 631  ILE A CB  1 
ATOM   55   C  CG1 . ILE A 1 13  ? -1.505  -3.038  7.110   1.00 22.43 ? 631  ILE A CG1 1 
ATOM   56   C  CG2 . ILE A 1 13  ? -2.824  -3.133  5.058   1.00 20.42 ? 631  ILE A CG2 1 
ATOM   57   C  CD1 . ILE A 1 13  ? -0.401  -2.700  6.130   1.00 19.91 ? 631  ILE A CD1 1 
ATOM   58   N  N   . THR A 1 14  ? -6.042  -3.005  6.060   1.00 20.29 ? 632  THR A N   1 
ATOM   59   C  CA  . THR A 1 14  ? -7.122  -3.423  5.171   1.00 19.64 ? 632  THR A CA  1 
ATOM   60   C  C   . THR A 1 14  ? -6.831  -2.936  3.732   1.00 18.88 ? 632  THR A C   1 
ATOM   61   O  O   . THR A 1 14  ? -6.030  -2.016  3.527   1.00 18.37 ? 632  THR A O   1 
ATOM   62   C  CB  . THR A 1 14  ? -8.485  -2.933  5.651   1.00 19.37 ? 632  THR A CB  1 
ATOM   63   O  OG1 . THR A 1 14  ? -8.496  -1.503  5.641   1.00 22.62 ? 632  THR A OG1 1 
ATOM   64   C  CG2 . THR A 1 14  ? -8.755  -3.432  7.058   1.00 19.45 ? 632  THR A CG2 1 
ATOM   65   N  N   . ALA A 1 15  ? -7.460  -3.578  2.749   1.00 17.80 ? 633  ALA A N   1 
ATOM   66   C  CA  . ALA A 1 15  ? -7.160  -3.343  1.360   1.00 16.86 ? 633  ALA A CA  1 
ATOM   67   C  C   . ALA A 1 15  ? -8.455  -3.390  0.594   1.00 16.52 ? 633  ALA A C   1 
ATOM   68   O  O   . ALA A 1 15  ? -9.470  -3.872  1.098   1.00 17.00 ? 633  ALA A O   1 
ATOM   69   C  CB  . ALA A 1 15  ? -6.168  -4.395  0.837   1.00 16.61 ? 633  ALA A CB  1 
ATOM   70   N  N   . SER A 1 16  ? -8.422  -2.880  -0.633  1.00 16.16 ? 634  SER A N   1 
ATOM   71   C  CA  . SER A 1 16  ? -9.540  -2.984  -1.567  1.00 15.16 ? 634  SER A CA  1 
ATOM   72   C  C   . SER A 1 16  ? -9.904  -4.460  -1.812  1.00 14.86 ? 634  SER A C   1 
ATOM   73   O  O   . SER A 1 16  ? -11.055 -4.786  -2.110  1.00 15.41 ? 634  SER A O   1 
ATOM   74   C  CB  . SER A 1 16  ? -9.137  -2.348  -2.899  1.00 14.01 ? 634  SER A CB  1 
ATOM   75   O  OG  . SER A 1 16  ? -7.807  -2.695  -3.213  1.00 11.02 ? 634  SER A OG  1 
ATOM   76   N  N   . SER A 1 17  ? -8.893  -5.322  -1.740  1.00 13.71 ? 635  SER A N   1 
ATOM   77   C  CA  . SER A 1 17  ? -9.008  -6.767  -2.041  1.00 13.59 ? 635  SER A CA  1 
ATOM   78   C  C   . SER A 1 17  ? -7.659  -7.421  -1.679  1.00 13.03 ? 635  SER A C   1 
ATOM   79   O  O   . SER A 1 17  ? -6.672  -6.724  -1.491  1.00 11.85 ? 635  SER A O   1 
ATOM   80   C  CB  . SER A 1 17  ? -9.324  -7.018  -3.544  1.00 13.47 ? 635  SER A CB  1 
ATOM   81   O  OG  . SER A 1 17  ? -8.140  -6.891  -4.363  1.00 12.23 ? 635  SER A OG  1 
ATOM   82   N  N   . GLU A 1 18  ? -7.640  -8.758  -1.612  1.00 13.56 ? 636  GLU A N   1 
ATOM   83   C  CA  . GLU A 1 18  ? -6.436  -9.529  -1.331  1.00 14.17 ? 636  GLU A CA  1 
ATOM   84   C  C   . GLU A 1 18  ? -6.538  -10.937 -1.910  1.00 15.09 ? 636  GLU A C   1 
ATOM   85   O  O   . GLU A 1 18  ? -7.650  -11.493 -2.034  1.00 15.22 ? 636  GLU A O   1 
ATOM   86   C  CB  . GLU A 1 18  ? -6.189  -9.605  0.186   1.00 14.08 ? 636  GLU A CB  1 
ATOM   87   C  CG  . GLU A 1 18  ? -7.254  -10.448 0.906   1.00 15.00 ? 636  GLU A CG  1 
ATOM   88   C  CD  . GLU A 1 18  ? -7.159  -10.440 2.399   1.00 14.58 ? 636  GLU A CD  1 
ATOM   89   O  OE1 . GLU A 1 18  ? -7.971  -11.161 2.997   1.00 17.61 ? 636  GLU A OE1 1 
ATOM   90   O  OE2 . GLU A 1 18  ? -6.306  -9.732  2.994   1.00 15.41 ? 636  GLU A OE2 1 
ATOM   91   N  N   . GLU A 1 19  ? -5.374  -11.509 -2.253  1.00 15.36 ? 637  GLU A N   1 
ATOM   92   C  CA  . GLU A 1 19  ? -5.288  -12.848 -2.769  1.00 15.33 ? 637  GLU A CA  1 
ATOM   93   C  C   . GLU A 1 19  ? -4.968  -13.862 -1.672  1.00 16.86 ? 637  GLU A C   1 
ATOM   94   O  O   . GLU A 1 19  ? -3.884  -13.839 -1.060  1.00 16.93 ? 637  GLU A O   1 
ATOM   95   C  CB  . GLU A 1 19  ? -4.219  -12.929 -3.867  1.00 15.93 ? 637  GLU A CB  1 
ATOM   96   C  CG  . GLU A 1 19  ? -4.187  -14.286 -4.588  1.00 14.89 ? 637  GLU A CG  1 
ATOM   97   C  CD  . GLU A 1 19  ? -5.491  -14.581 -5.344  1.00 16.09 ? 637  GLU A CD  1 
ATOM   98   O  OE1 . GLU A 1 19  ? -6.039  -13.684 -6.006  1.00 16.43 ? 637  GLU A OE1 1 
ATOM   99   O  OE2 . GLU A 1 19  ? -5.972  -15.719 -5.302  1.00 17.64 ? 637  GLU A OE2 1 
ATOM   100  N  N   . THR A 1 20  ? -5.915  -14.761 -1.415  1.00 17.99 ? 638  THR A N   1 
ATOM   101  C  CA  . THR A 1 20  ? -5.634  -15.944 -0.587  1.00 18.48 ? 638  THR A CA  1 
ATOM   102  C  C   . THR A 1 20  ? -5.977  -17.269 -1.297  1.00 19.08 ? 638  THR A C   1 
ATOM   103  O  O   . THR A 1 20  ? -5.948  -18.310 -0.686  1.00 19.43 ? 638  THR A O   1 
ATOM   104  C  CB  . THR A 1 20  ? -6.359  -15.863 0.749   1.00 17.99 ? 638  THR A CB  1 
ATOM   105  O  OG1 . THR A 1 20  ? -7.764  -15.754 0.508   1.00 19.12 ? 638  THR A OG1 1 
ATOM   106  C  CG2 . THR A 1 20  ? -5.896  -14.627 1.513   1.00 16.50 ? 638  THR A CG2 1 
ATOM   107  N  N   . SER A 1 21  ? -6.285  -17.227 -2.588  1.00 19.70 ? 639  SER A N   1 
ATOM   108  C  CA  . SER A 1 21  ? -6.651  -18.446 -3.315  1.00 21.07 ? 639  SER A CA  1 
ATOM   109  C  C   . SER A 1 21  ? -5.598  -18.946 -4.322  1.00 20.85 ? 639  SER A C   1 
ATOM   110  O  O   . SER A 1 21  ? -5.210  -20.118 -4.282  1.00 22.27 ? 639  SER A O   1 
ATOM   111  C  CB  . SER A 1 21  ? -8.023  -18.260 -3.973  1.00 21.28 ? 639  SER A CB  1 
ATOM   112  O  OG  . SER A 1 21  ? -8.357  -19.399 -4.722  1.00 25.54 ? 639  SER A OG  1 
ATOM   113  N  N   . GLY A 1 22  ? -5.108  -18.068 -5.194  1.00 20.53 ? 640  GLY A N   1 
ATOM   114  C  CA  . GLY A 1 22  ? -4.095  -18.450 -6.170  1.00 20.05 ? 640  GLY A CA  1 
ATOM   115  C  C   . GLY A 1 22  ? -2.723  -18.558 -5.524  1.00 20.25 ? 640  GLY A C   1 
ATOM   116  O  O   . GLY A 1 22  ? -1.822  -19.234 -6.047  1.00 20.96 ? 640  GLY A O   1 
ATOM   117  N  N   . GLU A 1 23  ? -2.563  -17.863 -4.396  1.00 19.28 ? 641  GLU A N   1 
ATOM   118  C  CA  . GLU A 1 23  ? -1.357  -17.869 -3.565  1.00 17.90 ? 641  GLU A CA  1 
ATOM   119  C  C   . GLU A 1 23  ? -1.796  -17.211 -2.253  1.00 17.40 ? 641  GLU A C   1 
ATOM   120  O  O   . GLU A 1 23  ? -2.890  -16.654 -2.185  1.00 16.55 ? 641  GLU A O   1 
ATOM   121  C  CB  . GLU A 1 23  ? -0.242  -17.040 -4.212  1.00 17.85 ? 641  GLU A CB  1 
ATOM   122  C  CG  . GLU A 1 23  ? -0.595  -15.531 -4.398  1.00 17.77 ? 641  GLU A CG  1 
ATOM   123  C  CD  . GLU A 1 23  ? 0.462   -14.779 -5.198  1.00 18.45 ? 641  GLU A CD  1 
ATOM   124  O  OE1 . GLU A 1 23  ? 1.630   -14.827 -4.825  1.00 19.27 ? 641  GLU A OE1 1 
ATOM   125  O  OE2 . GLU A 1 23  ? 0.141   -14.152 -6.219  1.00 20.38 ? 641  GLU A OE2 1 
ATOM   126  N  N   . ASN A 1 24  ? -0.945  -17.251 -1.221  1.00 16.99 ? 642  ASN A N   1 
ATOM   127  C  CA  . ASN A 1 24  ? -1.249  -16.586 0.045   1.00 15.14 ? 642  ASN A CA  1 
ATOM   128  C  C   . ASN A 1 24  ? -0.608  -15.184 0.100   1.00 14.28 ? 642  ASN A C   1 
ATOM   129  O  O   . ASN A 1 24  ? 0.595   -15.041 0.342   1.00 13.71 ? 642  ASN A O   1 
ATOM   130  C  CB  . ASN A 1 24  ? -0.780  -17.480 1.186   1.00 16.16 ? 642  ASN A CB  1 
ATOM   131  C  CG  . ASN A 1 24  ? -1.502  -17.234 2.482   1.00 14.49 ? 642  ASN A CG  1 
ATOM   132  O  OD1 . ASN A 1 24  ? -2.563  -16.606 2.535   1.00 17.87 ? 642  ASN A OD1 1 
ATOM   133  N  ND2 . ASN A 1 24  ? -0.932  -17.751 3.546   1.00 14.07 ? 642  ASN A ND2 1 
ATOM   134  N  N   . ALA A 1 25  ? -1.414  -14.156 -0.159  1.00 12.80 ? 643  ALA A N   1 
ATOM   135  C  CA  . ALA A 1 25  ? -0.942  -12.762 -0.138  1.00 12.49 ? 643  ALA A CA  1 
ATOM   136  C  C   . ALA A 1 25  ? -1.975  -11.804 0.522   1.00 12.19 ? 643  ALA A C   1 
ATOM   137  O  O   . ALA A 1 25  ? -2.423  -10.835 -0.092  1.00 13.34 ? 643  ALA A O   1 
ATOM   138  C  CB  . ALA A 1 25  ? -0.540  -12.292 -1.569  1.00 11.55 ? 643  ALA A CB  1 
ATOM   139  N  N   . PRO A 1 26  ? -2.375  -12.088 1.777   1.00 12.55 ? 644  PRO A N   1 
ATOM   140  C  CA  . PRO A 1 26  ? -3.353  -11.213 2.382   1.00 12.07 ? 644  PRO A CA  1 
ATOM   141  C  C   . PRO A 1 26  ? -2.760  -9.852  2.731   1.00 12.20 ? 644  PRO A C   1 
ATOM   142  O  O   . PRO A 1 26  ? -1.516  -9.712  2.853   1.00 12.92 ? 644  PRO A O   1 
ATOM   143  C  CB  . PRO A 1 26  ? -3.756  -11.976 3.653   1.00 11.95 ? 644  PRO A CB  1 
ATOM   144  C  CG  . PRO A 1 26  ? -2.509  -12.678 4.040   1.00 13.16 ? 644  PRO A CG  1 
ATOM   145  C  CD  . PRO A 1 26  ? -1.986  -13.183 2.704   1.00 11.88 ? 644  PRO A CD  1 
ATOM   146  N  N   . ALA A 1 27  ? -3.647  -8.869  2.911   1.00 11.40 ? 645  ALA A N   1 
ATOM   147  C  CA  . ALA A 1 27  ? -3.275  -7.490  3.160   1.00 12.04 ? 645  ALA A CA  1 
ATOM   148  C  C   . ALA A 1 27  ? -2.332  -7.357  4.355   1.00 12.45 ? 645  ALA A C   1 
ATOM   149  O  O   . ALA A 1 27  ? -1.419  -6.528  4.332   1.00 12.71 ? 645  ALA A O   1 
ATOM   150  C  CB  . ALA A 1 27  ? -4.554  -6.603  3.324   1.00 11.92 ? 645  ALA A CB  1 
ATOM   151  N  N   . SER A 1 28  ? -2.537  -8.188  5.389   1.00 12.29 ? 646  SER A N   1 
ATOM   152  C  CA  . SER A 1 28  ? -1.693  -8.147  6.593   1.00 12.20 ? 646  SER A CA  1 
ATOM   153  C  C   . SER A 1 28  ? -0.205  -8.499  6.370   1.00 12.67 ? 646  SER A C   1 
ATOM   154  O  O   . SER A 1 28  ? 0.649   -8.128  7.205   1.00 12.90 ? 646  SER A O   1 
ATOM   155  C  CB  . SER A 1 28  ? -2.287  -9.014  7.709   1.00 12.36 ? 646  SER A CB  1 
ATOM   156  O  OG  . SER A 1 28  ? -2.276  -10.380 7.360   1.00 10.50 ? 646  SER A OG  1 
ATOM   157  N  N   . PHE A 1 29  ? 0.126   -9.200  5.269   1.00 12.54 ? 647  PHE A N   1 
ATOM   158  C  CA  . PHE A 1 29  ? 1.544   -9.498  4.939   1.00 11.75 ? 647  PHE A CA  1 
ATOM   159  C  C   . PHE A 1 29  ? 2.368   -8.248  4.662   1.00 12.26 ? 647  PHE A C   1 
ATOM   160  O  O   . PHE A 1 29  ? 3.612   -8.283  4.717   1.00 13.36 ? 647  PHE A O   1 
ATOM   161  C  CB  . PHE A 1 29  ? 1.639   -10.416 3.736   1.00 11.24 ? 647  PHE A CB  1 
ATOM   162  C  CG  . PHE A 1 29  ? 1.396   -11.881 4.043   1.00 12.29 ? 647  PHE A CG  1 
ATOM   163  C  CD1 . PHE A 1 29  ? 0.776   -12.295 5.241   1.00 10.87 ? 647  PHE A CD1 1 
ATOM   164  C  CD2 . PHE A 1 29  ? 1.763   -12.845 3.113   1.00 10.68 ? 647  PHE A CD2 1 
ATOM   165  C  CE1 . PHE A 1 29  ? 0.526   -13.658 5.484   1.00 12.29 ? 647  PHE A CE1 1 
ATOM   166  C  CE2 . PHE A 1 29  ? 1.539   -14.204 3.350   1.00 10.56 ? 647  PHE A CE2 1 
ATOM   167  C  CZ  . PHE A 1 29  ? 0.917   -14.615 4.536   1.00 10.56 ? 647  PHE A CZ  1 
ATOM   168  N  N   . ALA A 1 30  ? 1.674   -7.156  4.358   1.00 11.50 ? 648  ALA A N   1 
ATOM   169  C  CA  . ALA A 1 30  ? 2.283   -5.838  4.131   1.00 12.55 ? 648  ALA A CA  1 
ATOM   170  C  C   . ALA A 1 30  ? 2.486   -5.087  5.439   1.00 12.63 ? 648  ALA A C   1 
ATOM   171  O  O   . ALA A 1 30  ? 2.965   -3.964  5.418   1.00 12.23 ? 648  ALA A O   1 
ATOM   172  C  CB  . ALA A 1 30  ? 1.423   -4.955  3.129   1.00 10.78 ? 648  ALA A CB  1 
ATOM   173  N  N   . SER A 1 31  ? 2.144   -5.709  6.569   1.00 13.88 ? 649  SER A N   1 
ATOM   174  C  CA  . SER A 1 31  ? 2.324   -5.047  7.872   1.00 15.35 ? 649  SER A CA  1 
ATOM   175  C  C   . SER A 1 31  ? 3.476   -5.621  8.684   1.00 16.15 ? 649  SER A C   1 
ATOM   176  O  O   . SER A 1 31  ? 3.537   -5.440  9.912   1.00 17.24 ? 649  SER A O   1 
ATOM   177  C  CB  . SER A 1 31  ? 1.013   -4.979  8.685   1.00 14.67 ? 649  SER A CB  1 
ATOM   178  O  OG  . SER A 1 31  ? 0.653   -6.261  9.175   1.00 17.24 ? 649  SER A OG  1 
ATOM   179  N  N   . ASP A 1 32  ? 4.406   -6.292  8.002   1.00 16.87 ? 650  ASP A N   1 
ATOM   180  C  CA  . ASP A 1 32  ? 5.688   -6.684  8.611   1.00 17.46 ? 650  ASP A CA  1 
ATOM   181  C  C   . ASP A 1 32  ? 6.862   -6.413  7.654   1.00 17.51 ? 650  ASP A C   1 
ATOM   182  O  O   . ASP A 1 32  ? 6.666   -6.038  6.495   1.00 17.59 ? 650  ASP A O   1 
ATOM   183  C  CB  . ASP A 1 32  ? 5.669   -8.130  9.199   1.00 17.60 ? 650  ASP A CB  1 
ATOM   184  C  CG  . ASP A 1 32  ? 5.518   -9.250  8.139   1.00 18.16 ? 650  ASP A CG  1 
ATOM   185  O  OD1 . ASP A 1 32  ? 4.633   -10.113 8.319   1.00 17.74 ? 650  ASP A OD1 1 
ATOM   186  O  OD2 . ASP A 1 32  ? 6.291   -9.307  7.152   1.00 18.79 ? 650  ASP A OD2 1 
ATOM   187  N  N   . GLY A 1 33  ? 8.071   -6.573  8.154   1.00 17.27 ? 651  GLY A N   1 
ATOM   188  C  CA  . GLY A 1 33  ? 9.251   -6.270  7.365   1.00 17.52 ? 651  GLY A CA  1 
ATOM   189  C  C   . GLY A 1 33  ? 9.943   -7.453  6.704   1.00 17.42 ? 651  GLY A C   1 
ATOM   190  O  O   . GLY A 1 33  ? 11.070  -7.316  6.231   1.00 17.68 ? 651  GLY A O   1 
ATOM   191  N  N   . ASP A 1 34  ? 9.286   -8.612  6.676   1.00 17.03 ? 652  ASP A N   1 
ATOM   192  C  CA  . ASP A 1 34  ? 9.753   -9.751  5.859   1.00 17.76 ? 652  ASP A CA  1 
ATOM   193  C  C   . ASP A 1 34  ? 9.618   -9.361  4.372   1.00 18.23 ? 652  ASP A C   1 
ATOM   194  O  O   . ASP A 1 34  ? 8.522   -9.231  3.854   1.00 17.83 ? 652  ASP A O   1 
ATOM   195  C  CB  . ASP A 1 34  ? 8.977   -11.028 6.233   1.00 17.44 ? 652  ASP A CB  1 
ATOM   196  C  CG  . ASP A 1 34  ? 9.543   -12.297 5.618   1.00 17.33 ? 652  ASP A CG  1 
ATOM   197  O  OD1 . ASP A 1 34  ? 10.327  -12.243 4.662   1.00 15.87 ? 652  ASP A OD1 1 
ATOM   198  O  OD2 . ASP A 1 34  ? 9.166   -13.389 6.098   1.00 18.07 ? 652  ASP A OD2 1 
ATOM   199  N  N   . MET A 1 35  ? 10.762  -9.109  3.737   1.00 19.78 ? 653  MET A N   1 
ATOM   200  C  CA  . MET A 1 35  ? 10.860  -8.696  2.332   1.00 21.22 ? 653  MET A CA  1 
ATOM   201  C  C   . MET A 1 35  ? 10.475  -9.805  1.375   1.00 21.37 ? 653  MET A C   1 
ATOM   202  O  O   . MET A 1 35  ? 10.384  -9.587  0.175   1.00 21.88 ? 653  MET A O   1 
ATOM   203  C  CB  . MET A 1 35  ? 12.281  -8.187  1.996   1.00 21.17 ? 653  MET A CB  1 
ATOM   204  C  CG  . MET A 1 35  ? 12.600  -6.820  2.606   1.00 21.91 ? 653  MET A CG  1 
ATOM   205  S  SD  . MET A 1 35  ? 11.387  -5.566  2.123   1.00 25.51 ? 653  MET A SD  1 
ATOM   206  C  CE  . MET A 1 35  ? 10.110  -5.584  3.397   1.00 25.61 ? 653  MET A CE  1 
ATOM   207  N  N   . ASN A 1 36  ? 10.224  -10.983 1.921   1.00 21.55 ? 654  ASN A N   1 
ATOM   208  C  CA  . ASN A 1 36  ? 9.894   -12.151 1.125   1.00 21.44 ? 654  ASN A CA  1 
ATOM   209  C  C   . ASN A 1 36  ? 8.426   -12.552 1.225   1.00 20.31 ? 654  ASN A C   1 
ATOM   210  O  O   . ASN A 1 36  ? 7.989   -13.507 0.585   1.00 21.49 ? 654  ASN A O   1 
ATOM   211  C  CB  . ASN A 1 36  ? 10.906  -13.280 1.407   1.00 23.04 ? 654  ASN A CB  1 
ATOM   212  C  CG  . ASN A 1 36  ? 12.356  -12.852 0.991   1.00 27.62 ? 654  ASN A CG  1 
ATOM   213  O  OD1 . ASN A 1 36  ? 12.629  -12.644 -0.211  1.00 32.07 ? 654  ASN A OD1 1 
ATOM   214  N  ND2 . ASN A 1 36  ? 13.240  -12.603 1.989   1.00 30.72 ? 654  ASN A ND2 1 
ATOM   215  N  N   . THR A 1 37  ? 7.635   -11.768 1.957   1.00 17.84 ? 655  THR A N   1 
ATOM   216  C  CA  . THR A 1 37  ? 6.179   -11.899 1.878   1.00 15.25 ? 655  THR A CA  1 
ATOM   217  C  C   . THR A 1 37  ? 5.540   -10.578 1.424   1.00 14.91 ? 655  THR A C   1 
ATOM   218  O  O   . THR A 1 37  ? 6.117   -9.507  1.647   1.00 14.28 ? 655  THR A O   1 
ATOM   219  C  CB  . THR A 1 37  ? 5.565   -12.377 3.213   1.00 14.72 ? 655  THR A CB  1 
ATOM   220  O  OG1 . THR A 1 37  ? 5.844   -11.416 4.224   1.00 13.40 ? 655  THR A OG1 1 
ATOM   221  C  CG2 . THR A 1 37  ? 6.168   -13.736 3.624   1.00 13.63 ? 655  THR A CG2 1 
ATOM   222  N  N   . PHE A 1 38  ? 4.364   -10.656 0.798   1.00 13.45 ? 656  PHE A N   1 
ATOM   223  C  CA  . PHE A 1 38  ? 3.687   -9.466  0.260   1.00 12.61 ? 656  PHE A CA  1 
ATOM   224  C  C   . PHE A 1 38  ? 2.175   -9.627  0.223   1.00 12.15 ? 656  PHE A C   1 
ATOM   225  O  O   . PHE A 1 38  ? 1.640   -10.758 0.235   1.00 12.02 ? 656  PHE A O   1 
ATOM   226  C  CB  . PHE A 1 38  ? 4.179   -9.175  -1.167  1.00 12.12 ? 656  PHE A CB  1 
ATOM   227  C  CG  . PHE A 1 38  ? 4.051   -10.354 -2.093  1.00 13.46 ? 656  PHE A CG  1 
ATOM   228  C  CD1 . PHE A 1 38  ? 2.911   -10.519 -2.891  1.00 13.17 ? 656  PHE A CD1 1 
ATOM   229  C  CD2 . PHE A 1 38  ? 5.059   -11.317 -2.144  1.00 15.69 ? 656  PHE A CD2 1 
ATOM   230  C  CE1 . PHE A 1 38  ? 2.770   -11.604 -3.699  1.00 12.92 ? 656  PHE A CE1 1 
ATOM   231  C  CE2 . PHE A 1 38  ? 4.940   -12.413 -2.973  1.00 14.58 ? 656  PHE A CE2 1 
ATOM   232  C  CZ  . PHE A 1 38  ? 3.798   -12.560 -3.754  1.00 13.96 ? 656  PHE A CZ  1 
ATOM   233  N  N   . TRP A 1 39  ? 1.500   -8.488  0.178   1.00 11.78 ? 657  TRP A N   1 
ATOM   234  C  CA  . TRP A 1 39  ? 0.104   -8.409  -0.195  1.00 11.52 ? 657  TRP A CA  1 
ATOM   235  C  C   . TRP A 1 39  ? 0.006   -8.365  -1.717  1.00 11.87 ? 657  TRP A C   1 
ATOM   236  O  O   . TRP A 1 39  ? 0.787   -7.679  -2.390  1.00 11.50 ? 657  TRP A O   1 
ATOM   237  C  CB  . TRP A 1 39  ? -0.500  -7.136  0.403   1.00 11.14 ? 657  TRP A CB  1 
ATOM   238  C  CG  . TRP A 1 39  ? -1.761  -6.679  -0.248  1.00 11.35 ? 657  TRP A CG  1 
ATOM   239  C  CD1 . TRP A 1 39  ? -2.975  -7.323  -0.224  1.00 11.57 ? 657  TRP A CD1 1 
ATOM   240  C  CD2 . TRP A 1 39  ? -1.961  -5.471  -1.014  1.00 12.32 ? 657  TRP A CD2 1 
ATOM   241  N  NE1 . TRP A 1 39  ? -3.903  -6.606  -0.930  1.00 11.42 ? 657  TRP A NE1 1 
ATOM   242  C  CE2 . TRP A 1 39  ? -3.320  -5.459  -1.416  1.00 11.01 ? 657  TRP A CE2 1 
ATOM   243  C  CE3 . TRP A 1 39  ? -1.118  -4.398  -1.404  1.00 11.80 ? 657  TRP A CE3 1 
ATOM   244  C  CZ2 . TRP A 1 39  ? -3.868  -4.412  -2.180  1.00 11.49 ? 657  TRP A CZ2 1 
ATOM   245  C  CZ3 . TRP A 1 39  ? -1.652  -3.359  -2.149  1.00 9.46  ? 657  TRP A CZ3 1 
ATOM   246  C  CH2 . TRP A 1 39  ? -3.022  -3.361  -2.527  1.00 12.26 ? 657  TRP A CH2 1 
ATOM   247  N  N   . HIS A 1 40  ? -0.975  -9.092  -2.262  1.00 12.92 ? 658  HIS A N   1 
ATOM   248  C  CA  . HIS A 1 40  ? -1.361  -8.974  -3.662  1.00 11.88 ? 658  HIS A CA  1 
ATOM   249  C  C   . HIS A 1 40  ? -2.844  -8.693  -3.658  1.00 12.54 ? 658  HIS A C   1 
ATOM   250  O  O   . HIS A 1 40  ? -3.605  -9.395  -2.966  1.00 13.63 ? 658  HIS A O   1 
ATOM   251  C  CB  . HIS A 1 40  ? -1.096  -10.287 -4.405  1.00 11.32 ? 658  HIS A CB  1 
ATOM   252  C  CG  . HIS A 1 40  ? -0.844  -10.120 -5.877  1.00 11.79 ? 658  HIS A CG  1 
ATOM   253  N  ND1 . HIS A 1 40  ? -1.718  -9.460  -6.721  1.00 10.13 ? 658  HIS A ND1 1 
ATOM   254  C  CD2 . HIS A 1 40  ? 0.188   -10.535 -6.654  1.00 9.73  ? 658  HIS A CD2 1 
ATOM   255  C  CE1 . HIS A 1 40  ? -1.227  -9.463  -7.949  1.00 9.79  ? 658  HIS A CE1 1 
ATOM   256  N  NE2 . HIS A 1 40  ? -0.080  -10.125 -7.935  1.00 12.69 ? 658  HIS A NE2 1 
ATOM   257  N  N   . SER A 1 41  ? -3.264  -7.661  -4.399  1.00 11.90 ? 659  SER A N   1 
ATOM   258  C  CA  . SER A 1 41  ? -4.656  -7.506  -4.775  1.00 11.86 ? 659  SER A CA  1 
ATOM   259  C  C   . SER A 1 41  ? -5.178  -8.860  -5.369  1.00 12.89 ? 659  SER A C   1 
ATOM   260  O  O   . SER A 1 41  ? -4.389  -9.680  -5.855  1.00 13.16 ? 659  SER A O   1 
ATOM   261  C  CB  . SER A 1 41  ? -4.793  -6.366  -5.801  1.00 10.99 ? 659  SER A CB  1 
ATOM   262  O  OG  . SER A 1 41  ? -4.086  -6.671  -7.006  1.00 10.15 ? 659  SER A OG  1 
ATOM   263  N  N   . LYS A 1 42  ? -6.485  -9.091  -5.334  1.00 13.81 ? 660  LYS A N   1 
ATOM   264  C  CA  . LYS A 1 42  ? -7.048  -10.361 -5.805  1.00 15.37 ? 660  LYS A CA  1 
ATOM   265  C  C   . LYS A 1 42  ? -6.994  -10.464 -7.327  1.00 16.65 ? 660  LYS A C   1 
ATOM   266  O  O   . LYS A 1 42  ? -7.645  -9.694  -8.032  1.00 17.63 ? 660  LYS A O   1 
ATOM   267  C  CB  . LYS A 1 42  ? -8.481  -10.546 -5.308  1.00 15.65 ? 660  LYS A CB  1 
ATOM   268  C  CG  . LYS A 1 42  ? -9.018  -11.956 -5.514  1.00 16.61 ? 660  LYS A CG  1 
ATOM   269  C  CD  . LYS A 1 42  ? -10.417 -12.093 -4.953  1.00 18.81 ? 660  LYS A CD  1 
ATOM   270  C  CE  . LYS A 1 42  ? -11.096 -13.387 -5.417  1.00 20.15 ? 660  LYS A CE  1 
ATOM   271  N  NZ  . LYS A 1 42  ? -10.133 -14.509 -5.582  1.00 24.42 ? 660  LYS A NZ  1 
ATOM   272  N  N   . TRP A 1 43  ? -6.188  -11.399 -7.812  1.00 17.53 ? 661  TRP A N   1 
ATOM   273  C  CA  . TRP A 1 43  ? -6.029  -11.661 -9.221  1.00 18.42 ? 661  TRP A CA  1 
ATOM   274  C  C   . TRP A 1 43  ? -6.762  -12.906 -9.695  1.00 19.44 ? 661  TRP A C   1 
ATOM   275  O  O   . TRP A 1 43  ? -7.113  -13.014 -10.883 1.00 20.32 ? 661  TRP A O   1 
ATOM   276  C  CB  . TRP A 1 43  ? -4.550  -11.745 -9.610  1.00 18.49 ? 661  TRP A CB  1 
ATOM   277  C  CG  . TRP A 1 43  ? -3.691  -12.762 -8.869  1.00 18.72 ? 661  TRP A CG  1 
ATOM   278  C  CD1 . TRP A 1 43  ? -2.928  -12.534 -7.755  1.00 18.75 ? 661  TRP A CD1 1 
ATOM   279  C  CD2 . TRP A 1 43  ? -3.465  -14.131 -9.233  1.00 19.37 ? 661  TRP A CD2 1 
ATOM   280  N  NE1 . TRP A 1 43  ? -2.266  -13.682 -7.389  1.00 17.29 ? 661  TRP A NE1 1 
ATOM   281  C  CE2 . TRP A 1 43  ? -2.574  -14.678 -8.275  1.00 18.88 ? 661  TRP A CE2 1 
ATOM   282  C  CE3 . TRP A 1 43  ? -3.937  -14.955 -10.273 1.00 20.27 ? 661  TRP A CE3 1 
ATOM   283  C  CZ2 . TRP A 1 43  ? -2.127  -16.009 -8.328  1.00 18.23 ? 661  TRP A CZ2 1 
ATOM   284  C  CZ3 . TRP A 1 43  ? -3.511  -16.285 -10.322 1.00 19.82 ? 661  TRP A CZ3 1 
ATOM   285  C  CH2 . TRP A 1 43  ? -2.609  -16.799 -9.342  1.00 20.74 ? 661  TRP A CH2 1 
ATOM   286  N  N   . SER A 1 44  ? -7.040  -13.828 -8.777  1.00 20.63 ? 662  SER A N   1 
ATOM   287  C  CA  . SER A 1 44  ? -7.700  -15.085 -9.143  1.00 21.51 ? 662  SER A CA  1 
ATOM   288  C  C   . SER A 1 44  ? -9.177  -14.791 -9.326  1.00 21.79 ? 662  SER A C   1 
ATOM   289  O  O   . SER A 1 44  ? -9.683  -13.845 -8.751  1.00 21.41 ? 662  SER A O   1 
ATOM   290  C  CB  . SER A 1 44  ? -7.467  -16.162 -8.085  1.00 21.36 ? 662  SER A CB  1 
ATOM   291  O  OG  . SER A 1 44  ? -8.169  -15.848 -6.882  1.00 23.57 ? 662  SER A OG  1 
ATOM   292  N  N   . SER A 1 45  ? -9.852  -15.579 -10.158 1.00 23.19 ? 663  SER A N   1 
ATOM   293  C  CA  . SER A 1 45  ? -11.279 -15.356 -10.503 1.00 24.16 ? 663  SER A CA  1 
ATOM   294  C  C   . SER A 1 45  ? -12.153 -15.549 -9.280  1.00 23.99 ? 663  SER A C   1 
ATOM   295  O  O   . SER A 1 45  ? -11.962 -16.528 -8.573  1.00 24.21 ? 663  SER A O   1 
ATOM   296  C  CB  . SER A 1 45  ? -11.719 -16.389 -11.556 1.00 24.61 ? 663  SER A CB  1 
ATOM   297  O  OG  . SER A 1 45  ? -12.888 -15.987 -12.229 1.00 25.33 ? 663  SER A OG  1 
ATOM   298  N  N   . PRO A 1 46  ? -13.076 -14.593 -8.988  1.00 24.29 ? 664  PRO A N   1 
ATOM   299  C  CA  . PRO A 1 46  ? -13.241 -13.284 -9.647  1.00 23.89 ? 664  PRO A CA  1 
ATOM   300  C  C   . PRO A 1 46  ? -12.228 -12.213 -9.156  1.00 23.76 ? 664  PRO A C   1 
ATOM   301  O  O   . PRO A 1 46  ? -12.184 -11.904 -7.955  1.00 24.00 ? 664  PRO A O   1 
ATOM   302  C  CB  . PRO A 1 46  ? -14.688 -12.899 -9.300  1.00 23.65 ? 664  PRO A CB  1 
ATOM   303  C  CG  . PRO A 1 46  ? -14.985 -13.600 -8.026  1.00 23.70 ? 664  PRO A CG  1 
ATOM   304  C  CD  . PRO A 1 46  ? -14.104 -14.819 -7.951  1.00 23.85 ? 664  PRO A CD  1 
ATOM   305  N  N   . ALA A 1 47  ? -11.411 -11.682 -10.082 1.00 22.61 ? 665  ALA A N   1 
ATOM   306  C  CA  . ALA A 1 47  ? -10.362 -10.720 -9.755  1.00 21.07 ? 665  ALA A CA  1 
ATOM   307  C  C   . ALA A 1 47  ? -10.969 -9.403  -9.332  1.00 21.09 ? 665  ALA A C   1 
ATOM   308  O  O   . ALA A 1 47  ? -12.070 -9.062  -9.765  1.00 21.44 ? 665  ALA A O   1 
ATOM   309  C  CB  . ALA A 1 47  ? -9.461  -10.507 -10.924 1.00 20.52 ? 665  ALA A CB  1 
ATOM   310  N  N   . HIS A 1 48  ? -10.257 -8.666  -8.477  1.00 20.37 ? 666  HIS A N   1 
ATOM   311  C  CA  . HIS A 1 48  ? -10.538 -7.245  -8.255  1.00 19.53 ? 666  HIS A CA  1 
ATOM   312  C  C   . HIS A 1 48  ? -9.381  -6.502  -8.930  1.00 19.62 ? 666  HIS A C   1 
ATOM   313  O  O   . HIS A 1 48  ? -8.231  -6.573  -8.479  1.00 19.41 ? 666  HIS A O   1 
ATOM   314  C  CB  . HIS A 1 48  ? -10.646 -6.891  -6.760  1.00 18.88 ? 666  HIS A CB  1 
ATOM   315  C  CG  . HIS A 1 48  ? -11.157 -5.498  -6.504  1.00 19.16 ? 666  HIS A CG  1 
ATOM   316  N  ND1 . HIS A 1 48  ? -10.363 -4.378  -6.610  1.00 18.16 ? 666  HIS A ND1 1 
ATOM   317  C  CD2 . HIS A 1 48  ? -12.394 -5.045  -6.183  1.00 19.52 ? 666  HIS A CD2 1 
ATOM   318  C  CE1 . HIS A 1 48  ? -11.079 -3.299  -6.359  1.00 17.92 ? 666  HIS A CE1 1 
ATOM   319  N  NE2 . HIS A 1 48  ? -12.314 -3.677  -6.085  1.00 19.85 ? 666  HIS A NE2 1 
ATOM   320  N  N   . GLU A 1 49  ? -9.673  -5.819  -10.034 1.00 19.60 ? 667  GLU A N   1 
ATOM   321  C  CA  . GLU A 1 49  ? -8.599  -5.174  -10.796 1.00 19.49 ? 667  GLU A CA  1 
ATOM   322  C  C   . GLU A 1 49  ? -8.575  -3.652  -10.642 1.00 19.29 ? 667  GLU A C   1 
ATOM   323  O  O   . GLU A 1 49  ? -7.988  -2.933  -11.467 1.00 19.74 ? 667  GLU A O   1 
ATOM   324  C  CB  . GLU A 1 49  ? -8.615  -5.658  -12.246 1.00 19.60 ? 667  GLU A CB  1 
ATOM   325  C  CG  . GLU A 1 49  ? -8.375  -7.155  -12.332 1.00 20.78 ? 667  GLU A CG  1 
ATOM   326  C  CD  . GLU A 1 49  ? -8.515  -7.714  -13.731 1.00 27.83 ? 667  GLU A CD  1 
ATOM   327  O  OE1 . GLU A 1 49  ? -8.232  -8.939  -13.888 1.00 30.68 ? 667  GLU A OE1 1 
ATOM   328  O  OE2 . GLU A 1 49  ? -8.896  -6.949  -14.664 1.00 27.00 ? 667  GLU A OE2 1 
ATOM   329  N  N   . GLY A 1 50  ? -9.175  -3.182  -9.550  1.00 18.26 ? 668  GLY A N   1 
ATOM   330  C  CA  . GLY A 1 50  ? -9.089  -1.791  -9.166  1.00 18.28 ? 668  GLY A CA  1 
ATOM   331  C  C   . GLY A 1 50  ? -10.440 -1.137  -8.966  1.00 18.07 ? 668  GLY A C   1 
ATOM   332  O  O   . GLY A 1 50  ? -11.462 -1.687  -9.334  1.00 18.66 ? 668  GLY A O   1 
ATOM   333  N  N   . PRO A 1 51  ? -10.449 0.063   -8.377  1.00 18.24 ? 669  PRO A N   1 
ATOM   334  C  CA  . PRO A 1 51  ? -9.198  0.729   -7.942  1.00 17.78 ? 669  PRO A CA  1 
ATOM   335  C  C   . PRO A 1 51  ? -8.625  0.052   -6.696  1.00 17.31 ? 669  PRO A C   1 
ATOM   336  O  O   . PRO A 1 51  ? -9.374  -0.612  -5.961  1.00 16.76 ? 669  PRO A O   1 
ATOM   337  C  CB  . PRO A 1 51  ? -9.642  2.180   -7.689  1.00 17.59 ? 669  PRO A CB  1 
ATOM   338  C  CG  . PRO A 1 51  ? -11.111 2.100   -7.440  1.00 17.32 ? 669  PRO A CG  1 
ATOM   339  C  CD  . PRO A 1 51  ? -11.650 0.867   -8.106  1.00 17.12 ? 669  PRO A CD  1 
ATOM   340  N  N   . HIS A 1 52  ? -7.308  0.158   -6.521  1.00 16.68 ? 670  HIS A N   1 
ATOM   341  C  CA  . HIS A 1 52  ? -6.586  -0.500  -5.427  1.00 16.42 ? 670  HIS A CA  1 
ATOM   342  C  C   . HIS A 1 52  ? -6.206  0.479   -4.323  1.00 16.56 ? 670  HIS A C   1 
ATOM   343  O  O   . HIS A 1 52  ? -5.848  1.646   -4.585  1.00 16.47 ? 670  HIS A O   1 
ATOM   344  C  CB  . HIS A 1 52  ? -5.288  -1.167  -5.929  1.00 16.05 ? 670  HIS A CB  1 
ATOM   345  C  CG  . HIS A 1 52  ? -5.483  -2.087  -7.089  1.00 14.87 ? 670  HIS A CG  1 
ATOM   346  N  ND1 . HIS A 1 52  ? -5.077  -1.769  -8.377  1.00 13.84 ? 670  HIS A ND1 1 
ATOM   347  C  CD2 . HIS A 1 52  ? -6.071  -3.304  -7.165  1.00 11.52 ? 670  HIS A CD2 1 
ATOM   348  C  CE1 . HIS A 1 52  ? -5.399  -2.764  -9.190  1.00 10.72 ? 670  HIS A CE1 1 
ATOM   349  N  NE2 . HIS A 1 52  ? -5.991  -3.708  -8.477  1.00 13.35 ? 670  HIS A NE2 1 
ATOM   350  N  N   . HIS A 1 53  ? -6.236  -0.012  -3.095  1.00 15.93 ? 671  HIS A N   1 
ATOM   351  C  CA  . HIS A 1 53  ? -5.773  0.775   -1.985  1.00 16.11 ? 671  HIS A CA  1 
ATOM   352  C  C   . HIS A 1 53  ? -5.478  -0.074  -0.772  1.00 16.41 ? 671  HIS A C   1 
ATOM   353  O  O   . HIS A 1 53  ? -5.868  -1.237  -0.682  1.00 16.01 ? 671  HIS A O   1 
ATOM   354  C  CB  . HIS A 1 53  ? -6.795  1.875   -1.612  1.00 16.51 ? 671  HIS A CB  1 
ATOM   355  C  CG  . HIS A 1 53  ? -8.138  1.346   -1.234  1.00 17.54 ? 671  HIS A CG  1 
ATOM   356  N  ND1 . HIS A 1 53  ? -9.193  1.248   -2.134  1.00 19.12 ? 671  HIS A ND1 1 
ATOM   357  C  CD2 . HIS A 1 53  ? -8.588  0.851   -0.058  1.00 17.26 ? 671  HIS A CD2 1 
ATOM   358  C  CE1 . HIS A 1 53  ? -10.232 0.714   -1.512  1.00 21.78 ? 671  HIS A CE1 1 
ATOM   359  N  NE2 . HIS A 1 53  ? -9.893  0.471   -0.251  1.00 20.30 ? 671  HIS A NE2 1 
ATOM   360  N  N   . LEU A 1 54  ? -4.839  0.563   0.198   1.00 16.77 ? 672  LEU A N   1 
ATOM   361  C  CA  . LEU A 1 54  ? -4.451  -0.090  1.413   1.00 17.39 ? 672  LEU A CA  1 
ATOM   362  C  C   . LEU A 1 54  ? -4.605  0.931   2.532   1.00 16.94 ? 672  LEU A C   1 
ATOM   363  O  O   . LEU A 1 54  ? -4.197  2.076   2.370   1.00 16.17 ? 672  LEU A O   1 
ATOM   364  C  CB  . LEU A 1 54  ? -2.997  -0.473  1.232   1.00 18.69 ? 672  LEU A CB  1 
ATOM   365  C  CG  . LEU A 1 54  ? -2.297  -1.634  1.827   1.00 20.68 ? 672  LEU A CG  1 
ATOM   366  C  CD1 . LEU A 1 54  ? -2.981  -2.905  1.382   1.00 23.37 ? 672  LEU A CD1 1 
ATOM   367  C  CD2 . LEU A 1 54  ? -0.885  -1.539  1.268   1.00 21.33 ? 672  LEU A CD2 1 
ATOM   368  N  N   . THR A 1 55  ? -5.209  0.521   3.651   1.00 16.88 ? 673  THR A N   1 
ATOM   369  C  CA  . THR A 1 55  ? -5.359  1.393   4.831   1.00 17.15 ? 673  THR A CA  1 
ATOM   370  C  C   . THR A 1 55  ? -4.696  0.755   6.076   1.00 17.08 ? 673  THR A C   1 
ATOM   371  O  O   . THR A 1 55  ? -5.022  -0.372  6.477   1.00 17.75 ? 673  THR A O   1 
ATOM   372  C  CB  . THR A 1 55  ? -6.853  1.780   5.087   1.00 17.15 ? 673  THR A CB  1 
ATOM   373  O  OG1 . THR A 1 55  ? -7.446  2.270   3.871   1.00 18.90 ? 673  THR A OG1 1 
ATOM   374  C  CG2 . THR A 1 55  ? -7.011  2.869   6.148   1.00 15.26 ? 673  THR A CG2 1 
ATOM   375  N  N   . LEU A 1 56  ? -3.731  1.458   6.648   1.00 16.75 ? 674  LEU A N   1 
ATOM   376  C  CA  . LEU A 1 56  ? -3.159  1.066   7.931   1.00 16.95 ? 674  LEU A CA  1 
ATOM   377  C  C   . LEU A 1 56  ? -3.920  1.790   9.051   1.00 17.02 ? 674  LEU A C   1 
ATOM   378  O  O   . LEU A 1 56  ? -4.105  3.022   9.013   1.00 16.10 ? 674  LEU A O   1 
ATOM   379  C  CB  . LEU A 1 56  ? -1.671  1.414   8.031   1.00 16.53 ? 674  LEU A CB  1 
ATOM   380  C  CG  . LEU A 1 56  ? -0.570  0.833   7.145   1.00 18.11 ? 674  LEU A CG  1 
ATOM   381  C  CD1 . LEU A 1 56  ? -0.878  0.980   5.651   1.00 18.82 ? 674  LEU A CD1 1 
ATOM   382  C  CD2 . LEU A 1 56  ? 0.708   1.563   7.483   1.00 17.39 ? 674  LEU A CD2 1 
ATOM   383  N  N   . GLU A 1 57  ? -4.394  1.000   10.002  1.00 16.62 ? 675  GLU A N   1 
ATOM   384  C  CA  . GLU A 1 57  ? -4.909  1.526   11.252  1.00 17.96 ? 675  GLU A CA  1 
ATOM   385  C  C   . GLU A 1 57  ? -3.777  1.496   12.292  1.00 17.90 ? 675  GLU A C   1 
ATOM   386  O  O   . GLU A 1 57  ? -3.242  0.429   12.617  1.00 17.20 ? 675  GLU A O   1 
ATOM   387  C  CB  . GLU A 1 57  ? -6.076  0.699   11.734  1.00 17.38 ? 675  GLU A CB  1 
ATOM   388  C  CG  . GLU A 1 57  ? -6.587  1.149   13.060  1.00 20.65 ? 675  GLU A CG  1 
ATOM   389  C  CD  . GLU A 1 57  ? -7.767  0.341   13.569  1.00 22.51 ? 675  GLU A CD  1 
ATOM   390  O  OE1 . GLU A 1 57  ? -8.126  0.562   14.735  1.00 24.33 ? 675  GLU A OE1 1 
ATOM   391  O  OE2 . GLU A 1 57  ? -8.339  -0.493  12.826  1.00 24.08 ? 675  GLU A OE2 1 
ATOM   392  N  N   . LEU A 1 58  ? -3.402  2.680   12.763  1.00 17.84 ? 676  LEU A N   1 
ATOM   393  C  CA  . LEU A 1 58  ? -2.413  2.819   13.820  1.00 17.87 ? 676  LEU A CA  1 
ATOM   394  C  C   . LEU A 1 58  ? -3.086  2.598   15.208  1.00 19.42 ? 676  LEU A C   1 
ATOM   395  O  O   . LEU A 1 58  ? -4.317  2.646   15.320  1.00 19.08 ? 676  LEU A O   1 
ATOM   396  C  CB  . LEU A 1 58  ? -1.701  4.171   13.690  0.65 17.04 ? 676  LEU A CB  1 
ATOM   397  C  CG  . LEU A 1 58  ? -1.147  4.495   12.287  0.65 15.11 ? 676  LEU A CG  1 
ATOM   398  C  CD1 . LEU A 1 58  ? -0.486  5.850   12.268  0.65 15.93 ? 676  LEU A CD1 1 
ATOM   399  C  CD2 . LEU A 1 58  ? -0.181  3.424   11.766  0.65 12.54 ? 676  LEU A CD2 1 
ATOM   400  N  N   . ASP A 1 59  ? -2.277  2.307   16.229  1.00 20.70 ? 677  ASP A N   1 
ATOM   401  C  CA  . ASP A 1 59  ? -2.761  2.048   17.608  1.00 22.33 ? 677  ASP A CA  1 
ATOM   402  C  C   . ASP A 1 59  ? -3.202  3.316   18.371  1.00 21.75 ? 677  ASP A C   1 
ATOM   403  O  O   . ASP A 1 59  ? -3.902  3.242   19.373  1.00 21.04 ? 677  ASP A O   1 
ATOM   404  C  CB  . ASP A 1 59  ? -1.730  1.212   18.419  1.00 22.87 ? 677  ASP A CB  1 
ATOM   405  C  CG  . ASP A 1 59  ? -0.468  2.002   18.806  1.00 27.78 ? 677  ASP A CG  1 
ATOM   406  O  OD1 . ASP A 1 59  ? 0.160   2.709   17.970  1.00 30.67 ? 677  ASP A OD1 1 
ATOM   407  O  OD2 . ASP A 1 59  ? -0.074  1.887   19.984  1.00 34.87 ? 677  ASP A OD2 1 
ATOM   408  N  N   . ASN A 1 60  ? -2.824  4.473   17.841  1.00 22.21 ? 678  ASN A N   1 
ATOM   409  C  CA  . ASN A 1 60  ? -3.191  5.759   18.407  1.00 22.70 ? 678  ASN A CA  1 
ATOM   410  C  C   . ASN A 1 60  ? -3.104  6.873   17.349  1.00 22.79 ? 678  ASN A C   1 
ATOM   411  O  O   . ASN A 1 60  ? -2.776  6.617   16.177  1.00 22.50 ? 678  ASN A O   1 
ATOM   412  C  CB  . ASN A 1 60  ? -2.293  6.087   19.622  1.00 22.52 ? 678  ASN A CB  1 
ATOM   413  C  CG  . ASN A 1 60  ? -3.099  6.603   20.825  1.00 24.09 ? 678  ASN A CG  1 
ATOM   414  O  OD1 . ASN A 1 60  ? -3.865  7.567   20.713  1.00 27.08 ? 678  ASN A OD1 1 
ATOM   415  N  ND2 . ASN A 1 60  ? -2.933  5.960   21.967  1.00 24.07 ? 678  ASN A ND2 1 
ATOM   416  N  N   . VAL A 1 61  ? -3.407  8.099   17.769  1.00 22.85 ? 679  VAL A N   1 
ATOM   417  C  CA  . VAL A 1 61  ? -3.158  9.259   16.937  1.00 23.26 ? 679  VAL A CA  1 
ATOM   418  C  C   . VAL A 1 61  ? -1.663  9.613   17.036  1.00 23.42 ? 679  VAL A C   1 
ATOM   419  O  O   . VAL A 1 61  ? -1.143  9.844   18.136  1.00 22.63 ? 679  VAL A O   1 
ATOM   420  C  CB  . VAL A 1 61  ? -4.063  10.473  17.298  1.00 23.24 ? 679  VAL A CB  1 
ATOM   421  C  CG1 . VAL A 1 61  ? -3.716  11.682  16.414  1.00 23.20 ? 679  VAL A CG1 1 
ATOM   422  C  CG2 . VAL A 1 61  ? -5.518  10.114  17.105  1.00 23.54 ? 679  VAL A CG2 1 
ATOM   423  N  N   . TYR A 1 62  ? -0.986  9.631   15.884  1.00 23.27 ? 680  TYR A N   1 
ATOM   424  C  CA  . TYR A 1 62  ? 0.431   10.015  15.818  1.00 23.52 ? 680  TYR A CA  1 
ATOM   425  C  C   . TYR A 1 62  ? 0.613   11.177  14.858  1.00 24.02 ? 680  TYR A C   1 
ATOM   426  O  O   . TYR A 1 62  ? -0.189  11.372  13.939  1.00 23.69 ? 680  TYR A O   1 
ATOM   427  C  CB  . TYR A 1 62  ? 1.331   8.846   15.359  1.00 23.87 ? 680  TYR A CB  1 
ATOM   428  C  CG  . TYR A 1 62  ? 1.395   7.698   16.321  1.00 23.55 ? 680  TYR A CG  1 
ATOM   429  C  CD1 . TYR A 1 62  ? 2.387   7.631   17.283  1.00 24.39 ? 680  TYR A CD1 1 
ATOM   430  C  CD2 . TYR A 1 62  ? 0.452   6.680   16.281  1.00 22.52 ? 680  TYR A CD2 1 
ATOM   431  C  CE1 . TYR A 1 62  ? 2.441   6.575   18.180  1.00 25.32 ? 680  TYR A CE1 1 
ATOM   432  C  CE2 . TYR A 1 62  ? 0.490   5.640   17.170  1.00 22.22 ? 680  TYR A CE2 1 
ATOM   433  C  CZ  . TYR A 1 62  ? 1.484   5.589   18.115  1.00 24.38 ? 680  TYR A CZ  1 
ATOM   434  O  OH  . TYR A 1 62  ? 1.526   4.525   19.001  1.00 28.23 ? 680  TYR A OH  1 
ATOM   435  N  N   . GLU A 1 63  ? 1.676   11.939  15.090  1.00 24.59 ? 681  GLU A N   1 
ATOM   436  C  CA  . GLU A 1 63  ? 2.148   12.908  14.144  1.00 25.53 ? 681  GLU A CA  1 
ATOM   437  C  C   . GLU A 1 63  ? 3.080   12.180  13.172  1.00 25.18 ? 681  GLU A C   1 
ATOM   438  O  O   . GLU A 1 63  ? 4.132   11.661  13.546  1.00 25.80 ? 681  GLU A O   1 
ATOM   439  C  CB  . GLU A 1 63  ? 2.859   14.057  14.858  1.00 25.92 ? 681  GLU A CB  1 
ATOM   440  C  CG  . GLU A 1 63  ? 3.170   15.250  13.937  1.00 28.26 ? 681  GLU A CG  1 
ATOM   441  C  CD  . GLU A 1 63  ? 3.961   16.333  14.628  0.65 26.80 ? 681  GLU A CD  1 
ATOM   442  O  OE1 . GLU A 1 63  ? 5.189   16.368  14.462  0.65 29.81 ? 681  GLU A OE1 1 
ATOM   443  O  OE2 . GLU A 1 63  ? 3.352   17.137  15.347  0.65 28.92 ? 681  GLU A OE2 1 
ATOM   444  N  N   . ILE A 1 64  ? 2.671   12.131  11.915  1.00 24.78 ? 682  ILE A N   1 
ATOM   445  C  CA  . ILE A 1 64  ? 3.412   11.387  10.909  1.00 23.63 ? 682  ILE A CA  1 
ATOM   446  C  C   . ILE A 1 64  ? 3.818   12.283  9.717   1.00 22.95 ? 682  ILE A C   1 
ATOM   447  O  O   . ILE A 1 64  ? 3.113   13.236  9.357   1.00 23.96 ? 682  ILE A O   1 
ATOM   448  C  CB  . ILE A 1 64  ? 2.635   10.090  10.456  1.00 23.93 ? 682  ILE A CB  1 
ATOM   449  C  CG1 . ILE A 1 64  ? 1.430   10.425  9.599   1.00 23.41 ? 682  ILE A CG1 1 
ATOM   450  C  CG2 . ILE A 1 64  ? 2.232   9.154   11.677  1.00 21.82 ? 682  ILE A CG2 1 
ATOM   451  C  CD1 . ILE A 1 64  ? 1.273   9.436   8.480   1.00 28.51 ? 682  ILE A CD1 1 
ATOM   452  N  N   . ASN A 1 65  ? 4.960   11.983  9.120   1.00 21.73 ? 683  ASN A N   1 
ATOM   453  C  CA  . ASN A 1 65  ? 5.490   12.790  8.028   1.00 20.44 ? 683  ASN A CA  1 
ATOM   454  C  C   . ASN A 1 65  ? 6.065   11.911  6.906   1.00 19.21 ? 683  ASN A C   1 
ATOM   455  O  O   . ASN A 1 65  ? 6.587   12.405  5.898   1.00 18.00 ? 683  ASN A O   1 
ATOM   456  C  CB  . ASN A 1 65  ? 6.503   13.830  8.560   1.00 20.38 ? 683  ASN A CB  1 
ATOM   457  C  CG  . ASN A 1 65  ? 7.741   13.193  9.152   1.00 22.83 ? 683  ASN A CG  1 
ATOM   458  O  OD1 . ASN A 1 65  ? 7.887   11.968  9.157   1.00 26.86 ? 683  ASN A OD1 1 
ATOM   459  N  ND2 . ASN A 1 65  ? 8.645   14.019  9.662   1.00 23.83 ? 683  ASN A ND2 1 
ATOM   460  N  N   . LYS A 1 66  ? 5.901   10.598  7.050   1.00 18.24 ? 684  LYS A N   1 
ATOM   461  C  CA  . LYS A 1 66  ? 6.531   9.681   6.088   1.00 17.32 ? 684  LYS A CA  1 
ATOM   462  C  C   . LYS A 1 66  ? 5.859   8.312   5.994   1.00 15.85 ? 684  LYS A C   1 
ATOM   463  O  O   . LYS A 1 66  ? 5.481   7.728   6.996   1.00 14.73 ? 684  LYS A O   1 
ATOM   464  C  CB  . LYS A 1 66  ? 8.007   9.562   6.442   1.00 16.74 ? 684  LYS A CB  1 
ATOM   465  C  CG  . LYS A 1 66  ? 8.815   8.634   5.622   1.00 19.24 ? 684  LYS A CG  1 
ATOM   466  C  CD  . LYS A 1 66  ? 10.301  8.920   5.862   1.00 20.30 ? 684  LYS A CD  1 
ATOM   467  C  CE  . LYS A 1 66  ? 10.836  8.210   7.087   1.00 20.26 ? 684  LYS A CE  1 
ATOM   468  N  NZ  . LYS A 1 66  ? 12.191  8.804   7.434   1.00 22.16 ? 684  LYS A NZ  1 
ATOM   469  N  N   . VAL A 1 67  ? 5.696   7.844   4.756   1.00 15.69 ? 685  VAL A N   1 
ATOM   470  C  CA  . VAL A 1 67  ? 5.314   6.472   4.430   1.00 13.96 ? 685  VAL A CA  1 
ATOM   471  C  C   . VAL A 1 67  ? 6.490   5.753   3.728   1.00 14.63 ? 685  VAL A C   1 
ATOM   472  O  O   . VAL A 1 67  ? 7.018   6.219   2.721   1.00 14.30 ? 685  VAL A O   1 
ATOM   473  C  CB  . VAL A 1 67  ? 4.042   6.445   3.523   1.00 13.71 ? 685  VAL A CB  1 
ATOM   474  C  CG1 . VAL A 1 67  ? 3.704   5.016   3.064   1.00 12.16 ? 685  VAL A CG1 1 
ATOM   475  C  CG2 . VAL A 1 67  ? 2.823   7.067   4.251   1.00 13.16 ? 685  VAL A CG2 1 
ATOM   476  N  N   . LYS A 1 68  ? 6.882   4.607   4.269   1.00 14.46 ? 686  LYS A N   1 
ATOM   477  C  CA  . LYS A 1 68  ? 7.749   3.694   3.578   1.00 15.12 ? 686  LYS A CA  1 
ATOM   478  C  C   . LYS A 1 68  ? 6.960   2.641   2.760   1.00 14.33 ? 686  LYS A C   1 
ATOM   479  O  O   . LYS A 1 68  ? 6.057   2.003   3.275   1.00 14.06 ? 686  LYS A O   1 
ATOM   480  C  CB  . LYS A 1 68  ? 8.667   3.001   4.594   1.00 16.04 ? 686  LYS A CB  1 
ATOM   481  C  CG  . LYS A 1 68  ? 9.510   1.873   4.013   1.00 18.27 ? 686  LYS A CG  1 
ATOM   482  C  CD  . LYS A 1 68  ? 10.105  1.086   5.138   1.00 21.66 ? 686  LYS A CD  1 
ATOM   483  C  CE  . LYS A 1 68  ? 10.099  -0.349  4.824   1.00 23.94 ? 686  LYS A CE  1 
ATOM   484  N  NZ  . LYS A 1 68  ? 11.307  -1.060  5.329   1.00 28.27 ? 686  LYS A NZ  1 
ATOM   485  N  N   . TYR A 1 69  ? 7.349   2.455   1.499   1.00 13.58 ? 687  TYR A N   1 
ATOM   486  C  CA  . TYR A 1 69  ? 6.813   1.396   0.632   1.00 12.70 ? 687  TYR A CA  1 
ATOM   487  C  C   . TYR A 1 69  ? 7.923   0.490   0.092   1.00 12.57 ? 687  TYR A C   1 
ATOM   488  O  O   . TYR A 1 69  ? 8.840   0.948   -0.626  1.00 12.35 ? 687  TYR A O   1 
ATOM   489  C  CB  . TYR A 1 69  ? 6.000   2.002   -0.524  1.00 12.65 ? 687  TYR A CB  1 
ATOM   490  C  CG  . TYR A 1 69  ? 5.699   1.046   -1.659  1.00 12.41 ? 687  TYR A CG  1 
ATOM   491  C  CD1 . TYR A 1 69  ? 6.207   1.274   -2.957  1.00 12.95 ? 687  TYR A CD1 1 
ATOM   492  C  CD2 . TYR A 1 69  ? 4.894   -0.077  -1.453  1.00 12.04 ? 687  TYR A CD2 1 
ATOM   493  C  CE1 . TYR A 1 69  ? 5.918   0.384   -4.014  1.00 13.08 ? 687  TYR A CE1 1 
ATOM   494  C  CE2 . TYR A 1 69  ? 4.600   -0.972  -2.504  1.00 12.01 ? 687  TYR A CE2 1 
ATOM   495  C  CZ  . TYR A 1 69  ? 5.101   -0.734  -3.773  1.00 12.96 ? 687  TYR A CZ  1 
ATOM   496  O  OH  . TYR A 1 69  ? 4.822   -1.636  -4.785  1.00 12.91 ? 687  TYR A OH  1 
ATOM   497  N  N   . ALA A 1 70  ? 7.868   -0.783  0.489   1.00 12.24 ? 688  ALA A N   1 
ATOM   498  C  CA  . ALA A 1 70  ? 8.764   -1.807  -0.029  1.00 12.21 ? 688  ALA A CA  1 
ATOM   499  C  C   . ALA A 1 70  ? 8.008   -2.574  -1.097  1.00 12.30 ? 688  ALA A C   1 
ATOM   500  O  O   . ALA A 1 70  ? 6.991   -3.212  -0.788  1.00 12.43 ? 688  ALA A O   1 
ATOM   501  C  CB  . ALA A 1 70  ? 9.199   -2.762  1.093   1.00 12.77 ? 688  ALA A CB  1 
ATOM   502  N  N   . PRO A 1 71  ? 8.453   -2.475  -2.365  1.00 12.10 ? 689  PRO A N   1 
ATOM   503  C  CA  . PRO A 1 71  ? 7.790   -3.283  -3.384  1.00 12.17 ? 689  PRO A CA  1 
ATOM   504  C  C   . PRO A 1 71  ? 7.966   -4.778  -3.145  1.00 13.40 ? 689  PRO A C   1 
ATOM   505  O  O   . PRO A 1 71  ? 8.927   -5.222  -2.475  1.00 13.57 ? 689  PRO A O   1 
ATOM   506  C  CB  . PRO A 1 71  ? 8.500   -2.847  -4.709  1.00 12.16 ? 689  PRO A CB  1 
ATOM   507  C  CG  . PRO A 1 71  ? 9.039   -1.486  -4.424  1.00 10.59 ? 689  PRO A CG  1 
ATOM   508  C  CD  . PRO A 1 71  ? 9.478   -1.580  -2.956  1.00 11.51 ? 689  PRO A CD  1 
ATOM   509  N  N   . ARG A 1 72  ? 7.037   -5.555  -3.689  1.00 13.38 ? 690  ARG A N   1 
ATOM   510  C  CA  . ARG A 1 72  ? 7.250   -6.981  -3.856  1.00 13.79 ? 690  ARG A CA  1 
ATOM   511  C  C   . ARG A 1 72  ? 8.634   -7.205  -4.510  1.00 14.80 ? 690  ARG A C   1 
ATOM   512  O  O   . ARG A 1 72  ? 9.021   -6.502  -5.468  1.00 15.11 ? 690  ARG A O   1 
ATOM   513  C  CB  . ARG A 1 72  ? 6.096   -7.531  -4.708  1.00 14.41 ? 690  ARG A CB  1 
ATOM   514  C  CG  . ARG A 1 72  ? 6.308   -8.887  -5.256  1.00 14.26 ? 690  ARG A CG  1 
ATOM   515  C  CD  . ARG A 1 72  ? 5.070   -9.419  -5.894  1.00 14.13 ? 690  ARG A CD  1 
ATOM   516  N  NE  . ARG A 1 72  ? 5.244   -10.843 -6.163  1.00 16.03 ? 690  ARG A NE  1 
ATOM   517  C  CZ  . ARG A 1 72  ? 4.403   -11.569 -6.886  1.00 16.36 ? 690  ARG A CZ  1 
ATOM   518  N  NH1 . ARG A 1 72  ? 3.330   -11.000 -7.405  1.00 14.75 ? 690  ARG A NH1 1 
ATOM   519  N  NH2 . ARG A 1 72  ? 4.631   -12.857 -7.069  1.00 16.08 ? 690  ARG A NH2 1 
ATOM   520  N  N   . GLN A 1 73  ? 9.378   -8.172  -3.976  1.00 14.99 ? 691  GLN A N   1 
ATOM   521  C  CA  . GLN A 1 73  ? 10.767  -8.393  -4.321  1.00 15.43 ? 691  GLN A CA  1 
ATOM   522  C  C   . GLN A 1 73  ? 11.027  -9.376  -5.465  1.00 16.40 ? 691  GLN A C   1 
ATOM   523  O  O   . GLN A 1 73  ? 12.091  -9.355  -6.042  1.00 16.45 ? 691  GLN A O   1 
ATOM   524  C  CB  . GLN A 1 73  ? 11.555  -8.790  -3.054  1.00 14.77 ? 691  GLN A CB  1 
ATOM   525  C  CG  . GLN A 1 73  ? 11.719  -7.608  -2.034  1.00 14.02 ? 691  GLN A CG  1 
ATOM   526  C  CD  . GLN A 1 73  ? 12.516  -6.424  -2.597  1.00 13.32 ? 691  GLN A CD  1 
ATOM   527  O  OE1 . GLN A 1 73  ? 13.731  -6.515  -2.786  1.00 17.09 ? 691  GLN A OE1 1 
ATOM   528  N  NE2 . GLN A 1 73  ? 11.831  -5.318  -2.876  1.00 10.60 ? 691  GLN A NE2 1 
ATOM   529  N  N   . ASP A 1 74  ? 10.042  -10.202 -5.804  1.00 17.88 ? 692  ASP A N   1 
ATOM   530  C  CA  . ASP A 1 74  ? 10.208  -11.292 -6.769  1.00 19.15 ? 692  ASP A CA  1 
ATOM   531  C  C   . ASP A 1 74  ? 9.462   -11.054 -8.095  1.00 19.25 ? 692  ASP A C   1 
ATOM   532  O  O   . ASP A 1 74  ? 9.645   -11.783 -9.060  1.00 19.69 ? 692  ASP A O   1 
ATOM   533  C  CB  . ASP A 1 74  ? 9.770   -12.629 -6.148  1.00 19.66 ? 692  ASP A CB  1 
ATOM   534  C  CG  . ASP A 1 74  ? 8.283   -12.661 -5.805  1.00 22.83 ? 692  ASP A CG  1 
ATOM   535  O  OD1 . ASP A 1 74  ? 7.811   -11.717 -5.129  1.00 25.49 ? 692  ASP A OD1 1 
ATOM   536  O  OD2 . ASP A 1 74  ? 7.581   -13.630 -6.199  1.00 28.01 ? 692  ASP A OD2 1 
ATOM   537  N  N   . SER A 1 75  ? 8.641   -10.022 -8.162  1.00 18.57 ? 693  SER A N   1 
ATOM   538  C  CA  . SER A 1 75  ? 7.882   -9.778  -9.379  1.00 18.07 ? 693  SER A CA  1 
ATOM   539  C  C   . SER A 1 75  ? 7.586   -8.295  -9.441  1.00 18.09 ? 693  SER A C   1 
ATOM   540  O  O   . SER A 1 75  ? 7.423   -7.654  -8.399  1.00 17.04 ? 693  SER A O   1 
ATOM   541  C  CB  . SER A 1 75  ? 6.574   -10.605 -9.375  1.00 18.35 ? 693  SER A CB  1 
ATOM   542  O  OG  . SER A 1 75  ? 5.686   -10.238 -10.414 1.00 15.62 ? 693  SER A OG  1 
ATOM   543  N  N   . LYS A 1 76  ? 7.536   -7.741  -10.651 1.00 17.55 ? 694  LYS A N   1 
ATOM   544  C  CA  . LYS A 1 76  ? 7.088   -6.355  -10.769 1.00 17.60 ? 694  LYS A CA  1 
ATOM   545  C  C   . LYS A 1 76  ? 5.571   -6.189  -10.794 1.00 16.64 ? 694  LYS A C   1 
ATOM   546  O  O   . LYS A 1 76  ? 5.093   -5.058  -10.762 1.00 16.71 ? 694  LYS A O   1 
ATOM   547  C  CB  . LYS A 1 76  ? 7.739   -5.612  -11.940 1.00 17.91 ? 694  LYS A CB  1 
ATOM   548  C  CG  . LYS A 1 76  ? 7.188   -5.917  -13.323 1.00 18.95 ? 694  LYS A CG  1 
ATOM   549  C  CD  . LYS A 1 76  ? 7.988   -5.189  -14.376 1.00 18.89 ? 694  LYS A CD  1 
ATOM   550  C  CE  . LYS A 1 76  ? 7.714   -3.713  -14.327 1.00 21.17 ? 694  LYS A CE  1 
ATOM   551  N  NZ  . LYS A 1 76  ? 8.384   -2.944  -15.448 1.00 25.29 ? 694  LYS A NZ  1 
ATOM   552  N  N   . ASN A 1 77  ? 4.837   -7.299  -10.844 1.00 16.25 ? 695  ASN A N   1 
ATOM   553  C  CA  . ASN A 1 77  ? 3.362   -7.293  -10.903 1.00 16.23 ? 695  ASN A CA  1 
ATOM   554  C  C   . ASN A 1 77  ? 2.733   -6.559  -9.727  1.00 15.93 ? 695  ASN A C   1 
ATOM   555  O  O   . ASN A 1 77  ? 2.892   -6.990  -8.576  1.00 16.51 ? 695  ASN A O   1 
ATOM   556  C  CB  . ASN A 1 77  ? 2.805   -8.728  -10.913 1.00 16.52 ? 695  ASN A CB  1 
ATOM   557  C  CG  . ASN A 1 77  ? 2.772   -9.363  -12.292 1.00 17.46 ? 695  ASN A CG  1 
ATOM   558  O  OD1 . ASN A 1 77  ? 2.594   -10.573 -12.412 1.00 21.66 ? 695  ASN A OD1 1 
ATOM   559  N  ND2 . ASN A 1 77  ? 2.918   -8.570  -13.324 1.00 18.56 ? 695  ASN A ND2 1 
ATOM   560  N  N   . GLY A 1 78  ? 2.044   -5.460  -10.002 1.00 14.58 ? 696  GLY A N   1 
ATOM   561  C  CA  . GLY A 1 78  ? 1.418   -4.677  -8.952  1.00 13.93 ? 696  GLY A CA  1 
ATOM   562  C  C   . GLY A 1 78  ? 2.243   -3.552  -8.355  1.00 13.64 ? 696  GLY A C   1 
ATOM   563  O  O   . GLY A 1 78  ? 1.787   -2.839  -7.448  1.00 13.74 ? 696  GLY A O   1 
ATOM   564  N  N   . ARG A 1 79  ? 3.460   -3.391  -8.850  1.00 13.73 ? 697  ARG A N   1 
ATOM   565  C  CA  . ARG A 1 79  ? 4.399   -2.389  -8.330  1.00 13.90 ? 697  ARG A CA  1 
ATOM   566  C  C   . ARG A 1 79  ? 3.802   -1.012  -8.524  1.00 14.43 ? 697  ARG A C   1 
ATOM   567  O  O   . ARG A 1 79  ? 3.379   -0.646  -9.644  1.00 14.18 ? 697  ARG A O   1 
ATOM   568  C  CB  . ARG A 1 79  ? 5.749   -2.500  -9.046  1.00 13.08 ? 697  ARG A CB  1 
ATOM   569  C  CG  . ARG A 1 79  ? 6.830   -1.536  -8.602  1.00 13.29 ? 697  ARG A CG  1 
ATOM   570  C  CD  . ARG A 1 79  ? 8.038   -1.727  -9.528  1.00 14.08 ? 697  ARG A CD  1 
ATOM   571  N  NE  . ARG A 1 79  ? 8.689   -2.999  -9.244  1.00 16.09 ? 697  ARG A NE  1 
ATOM   572  C  CZ  . ARG A 1 79  ? 9.580   -3.584  -10.033 1.00 14.42 ? 697  ARG A CZ  1 
ATOM   573  N  NH1 . ARG A 1 79  ? 9.923   -3.038  -11.198 1.00 12.19 ? 697  ARG A NH1 1 
ATOM   574  N  NH2 . ARG A 1 79  ? 10.116  -4.728  -9.657  1.00 15.34 ? 697  ARG A NH2 1 
ATOM   575  N  N   . ILE A 1 80  ? 3.761   -0.275  -7.415  1.00 14.41 ? 698  ILE A N   1 
ATOM   576  C  CA  . ILE A 1 80  ? 3.084   1.015   -7.324  1.00 14.58 ? 698  ILE A CA  1 
ATOM   577  C  C   . ILE A 1 80  ? 4.004   2.099   -7.909  1.00 14.76 ? 698  ILE A C   1 
ATOM   578  O  O   . ILE A 1 80  ? 5.180   2.247   -7.499  1.00 14.41 ? 698  ILE A O   1 
ATOM   579  C  CB  . ILE A 1 80  ? 2.625   1.285   -5.844  1.00 13.94 ? 698  ILE A CB  1 
ATOM   580  C  CG1 . ILE A 1 80  ? 1.630   0.191   -5.418  1.00 16.16 ? 698  ILE A CG1 1 
ATOM   581  C  CG2 . ILE A 1 80  ? 2.023   2.649   -5.694  1.00 14.45 ? 698  ILE A CG2 1 
ATOM   582  C  CD1 . ILE A 1 80  ? 1.264   0.088   -3.917  1.00 15.12 ? 698  ILE A CD1 1 
ATOM   583  N  N   . THR A 1 81  ? 3.464   2.823   -8.899  1.00 14.57 ? 699  THR A N   1 
ATOM   584  C  CA  . THR A 1 81  ? 4.195   3.862   -9.590  1.00 13.67 ? 699  THR A CA  1 
ATOM   585  C  C   . THR A 1 81  ? 3.433   5.197   -9.514  1.00 14.48 ? 699  THR A C   1 
ATOM   586  O  O   . THR A 1 81  ? 3.918   6.212   -10.005 1.00 14.67 ? 699  THR A O   1 
ATOM   587  C  CB  . THR A 1 81  ? 4.476   3.468   -11.071 1.00 14.18 ? 699  THR A CB  1 
ATOM   588  O  OG1 . THR A 1 81  ? 3.256   3.051   -11.699 1.00 11.87 ? 699  THR A OG1 1 
ATOM   589  C  CG2 . THR A 1 81  ? 5.555   2.367   -11.178 1.00 10.62 ? 699  THR A CG2 1 
ATOM   590  N  N   . GLY A 1 82  ? 2.240   5.186   -8.916  1.00 13.69 ? 700  GLY A N   1 
ATOM   591  C  CA  . GLY A 1 82  ? 1.430   6.396   -8.737  1.00 13.63 ? 700  GLY A CA  1 
ATOM   592  C  C   . GLY A 1 82  ? 0.598   6.175   -7.479  1.00 14.31 ? 700  GLY A C   1 
ATOM   593  O  O   . GLY A 1 82  ? 0.072   5.076   -7.263  1.00 14.01 ? 700  GLY A O   1 
ATOM   594  N  N   . TYR A 1 83  ? 0.509   7.192   -6.620  1.00 14.95 ? 701  TYR A N   1 
ATOM   595  C  CA  . TYR A 1 83  ? -0.122  7.024   -5.297  1.00 15.23 ? 701  TYR A CA  1 
ATOM   596  C  C   . TYR A 1 83  ? -0.826  8.327   -4.883  1.00 15.84 ? 701  TYR A C   1 
ATOM   597  O  O   . TYR A 1 83  ? -0.476  9.405   -5.336  1.00 14.82 ? 701  TYR A O   1 
ATOM   598  C  CB  . TYR A 1 83  ? 0.915   6.630   -4.203  1.00 14.63 ? 701  TYR A CB  1 
ATOM   599  C  CG  . TYR A 1 83  ? 1.913   7.759   -3.949  1.00 14.91 ? 701  TYR A CG  1 
ATOM   600  C  CD1 . TYR A 1 83  ? 3.125   7.796   -4.629  1.00 12.81 ? 701  TYR A CD1 1 
ATOM   601  C  CD2 . TYR A 1 83  ? 1.616   8.815   -3.065  1.00 13.47 ? 701  TYR A CD2 1 
ATOM   602  C  CE1 . TYR A 1 83  ? 4.008   8.851   -4.447  1.00 14.42 ? 701  TYR A CE1 1 
ATOM   603  C  CE2 . TYR A 1 83  ? 2.497   9.884   -2.876  1.00 12.37 ? 701  TYR A CE2 1 
ATOM   604  C  CZ  . TYR A 1 83  ? 3.684   9.892   -3.570  1.00 15.31 ? 701  TYR A CZ  1 
ATOM   605  O  OH  . TYR A 1 83  ? 4.588   10.918  -3.395  1.00 16.97 ? 701  TYR A OH  1 
ATOM   606  N  N   . LYS A 1 84  ? -1.809  8.193   -4.003  1.00 16.64 ? 702  LYS A N   1 
ATOM   607  C  CA  . LYS A 1 84  ? -2.323  9.307   -3.256  1.00 19.01 ? 702  LYS A CA  1 
ATOM   608  C  C   . LYS A 1 84  ? -2.210  8.860   -1.790  1.00 18.38 ? 702  LYS A C   1 
ATOM   609  O  O   . LYS A 1 84  ? -2.497  7.723   -1.495  1.00 19.57 ? 702  LYS A O   1 
ATOM   610  C  CB  . LYS A 1 84  ? -3.757  9.625   -3.720  1.00 18.41 ? 702  LYS A CB  1 
ATOM   611  C  CG  . LYS A 1 84  ? -4.469  10.707  -2.887  1.00 22.34 ? 702  LYS A CG  1 
ATOM   612  C  CD  . LYS A 1 84  ? -5.775  11.185  -3.551  1.00 22.02 ? 702  LYS A CD  1 
ATOM   613  C  CE  . LYS A 1 84  ? -6.899  10.207  -3.277  1.00 29.45 ? 702  LYS A CE  1 
ATOM   614  N  NZ  . LYS A 1 84  ? -8.152  10.533  -4.036  1.00 32.57 ? 702  LYS A NZ  1 
ATOM   615  N  N   . VAL A 1 85  ? -1.699  9.711   -0.900  1.00 18.62 ? 703  VAL A N   1 
ATOM   616  C  CA  . VAL A 1 85  ? -1.697  9.421   0.544   1.00 17.95 ? 703  VAL A CA  1 
ATOM   617  C  C   . VAL A 1 85  ? -2.710  10.319  1.239   1.00 17.79 ? 703  VAL A C   1 
ATOM   618  O  O   . VAL A 1 85  ? -2.733  11.518  0.996   1.00 18.38 ? 703  VAL A O   1 
ATOM   619  C  CB  . VAL A 1 85  ? -0.274  9.547   1.218   1.00 19.28 ? 703  VAL A CB  1 
ATOM   620  C  CG1 . VAL A 1 85  ? -0.359  9.439   2.782   1.00 17.46 ? 703  VAL A CG1 1 
ATOM   621  C  CG2 . VAL A 1 85  ? 0.694   8.495   0.672   1.00 16.56 ? 703  VAL A CG2 1 
ATOM   622  N  N   . SER A 1 86  ? -3.572  9.723   2.064   1.00 17.64 ? 704  SER A N   1 
ATOM   623  C  CA  . SER A 1 86  ? -4.572  10.453  2.885   1.00 17.35 ? 704  SER A CA  1 
ATOM   624  C  C   . SER A 1 86  ? -4.541  9.976   4.318   1.00 16.54 ? 704  SER A C   1 
ATOM   625  O  O   . SER A 1 86  ? -4.173  8.829   4.588   1.00 16.31 ? 704  SER A O   1 
ATOM   626  C  CB  . SER A 1 86  ? -5.992  10.217  2.373   1.00 16.69 ? 704  SER A CB  1 
ATOM   627  O  OG  . SER A 1 86  ? -6.041  10.356  0.981   1.00 20.77 ? 704  SER A OG  1 
ATOM   628  N  N   . VAL A 1 87  ? -4.975  10.847  5.223   1.00 16.30 ? 705  VAL A N   1 
ATOM   629  C  CA  . VAL A 1 87  ? -4.963  10.576  6.655   1.00 17.26 ? 705  VAL A CA  1 
ATOM   630  C  C   . VAL A 1 87  ? -6.333  10.845  7.270   1.00 18.58 ? 705  VAL A C   1 
ATOM   631  O  O   . VAL A 1 87  ? -7.125  11.660  6.755   1.00 19.15 ? 705  VAL A O   1 
ATOM   632  C  CB  . VAL A 1 87  ? -3.873  11.400  7.430   1.00 17.17 ? 705  VAL A CB  1 
ATOM   633  C  CG1 . VAL A 1 87  ? -2.505  11.175  6.837   1.00 15.88 ? 705  VAL A CG1 1 
ATOM   634  C  CG2 . VAL A 1 87  ? -4.212  12.909  7.466   1.00 16.00 ? 705  VAL A CG2 1 
ATOM   635  N  N   . SER A 1 88  ? -6.589  10.180  8.391   1.00 19.12 ? 706  SER A N   1 
ATOM   636  C  CA  . SER A 1 88  ? -7.874  10.230  9.036   1.00 20.28 ? 706  SER A CA  1 
ATOM   637  C  C   . SER A 1 88  ? -7.691  10.131  10.527  1.00 21.52 ? 706  SER A C   1 
ATOM   638  O  O   . SER A 1 88  ? -6.717  9.556   11.011  1.00 22.13 ? 706  SER A O   1 
ATOM   639  C  CB  . SER A 1 88  ? -8.736  9.084   8.554   1.00 19.95 ? 706  SER A CB  1 
ATOM   640  O  OG  . SER A 1 88  ? -10.048 9.191   9.052   1.00 18.98 ? 706  SER A OG  1 
ATOM   641  N  N   . LEU A 1 89  ? -8.627  10.706  11.258  1.00 23.04 ? 707  LEU A N   1 
ATOM   642  C  CA  . LEU A 1 89  ? -8.686  10.517  12.701  1.00 25.15 ? 707  LEU A CA  1 
ATOM   643  C  C   . LEU A 1 89  ? -9.727  9.459   13.079  1.00 26.40 ? 707  LEU A C   1 
ATOM   644  O  O   . LEU A 1 89  ? -9.532  8.723   14.037  1.00 27.61 ? 707  LEU A O   1 
ATOM   645  C  CB  . LEU A 1 89  ? -8.999  11.838  13.401  1.00 24.75 ? 707  LEU A CB  1 
ATOM   646  C  CG  . LEU A 1 89  ? -7.912  12.902  13.267  1.00 24.30 ? 707  LEU A CG  1 
ATOM   647  C  CD1 . LEU A 1 89  ? -8.410  14.228  13.859  1.00 25.77 ? 707  LEU A CD1 1 
ATOM   648  C  CD2 . LEU A 1 89  ? -6.587  12.467  13.884  1.00 20.49 ? 707  LEU A CD2 1 
ATOM   649  N  N   . ASP A 1 90  ? -10.799 9.366   12.295  1.00 28.10 ? 708  ASP A N   1 
ATOM   650  C  CA  . ASP A 1 90  ? -11.946 8.543   12.635  1.00 29.74 ? 708  ASP A CA  1 
ATOM   651  C  C   . ASP A 1 90  ? -12.108 7.296   11.753  1.00 30.47 ? 708  ASP A C   1 
ATOM   652  O  O   . ASP A 1 90  ? -13.023 6.491   11.962  1.00 30.67 ? 708  ASP A O   1 
ATOM   653  C  CB  . ASP A 1 90  ? -13.236 9.396   12.630  1.00 30.24 ? 708  ASP A CB  1 
ATOM   654  C  CG  . ASP A 1 90  ? -13.605 9.943   11.243  1.00 32.29 ? 708  ASP A CG  1 
ATOM   655  O  OD1 . ASP A 1 90  ? -14.487 10.834  11.194  1.00 32.97 ? 708  ASP A OD1 1 
ATOM   656  O  OD2 . ASP A 1 90  ? -13.049 9.492   10.208  1.00 33.65 ? 708  ASP A OD2 1 
ATOM   657  N  N   . GLY A 1 91  ? -11.245 7.151   10.752  1.00 30.90 ? 709  GLY A N   1 
ATOM   658  C  CA  . GLY A 1 91  ? -11.289 5.982   9.893   1.00 31.41 ? 709  GLY A CA  1 
ATOM   659  C  C   . GLY A 1 91  ? -12.313 6.090   8.786   1.00 32.20 ? 709  GLY A C   1 
ATOM   660  O  O   . GLY A 1 91  ? -12.356 5.243   7.904   1.00 32.12 ? 709  GLY A O   1 
ATOM   661  N  N   . GLU A 1 92  ? -13.137 7.134   8.826   1.00 32.91 ? 710  GLU A N   1 
ATOM   662  C  CA  . GLU A 1 92  ? -14.133 7.348   7.781   1.00 33.76 ? 710  GLU A CA  1 
ATOM   663  C  C   . GLU A 1 92  ? -13.853 8.576   6.927   1.00 32.73 ? 710  GLU A C   1 
ATOM   664  O  O   . GLU A 1 92  ? -14.042 8.525   5.713   1.00 32.73 ? 710  GLU A O   1 
ATOM   665  C  CB  . GLU A 1 92  ? -15.552 7.376   8.378   1.00 34.63 ? 710  GLU A CB  1 
ATOM   666  C  CG  . GLU A 1 92  ? -16.193 5.978   8.407   1.00 40.50 ? 710  GLU A CG  1 
ATOM   667  C  CD  . GLU A 1 92  ? -17.075 5.742   9.626   1.00 48.03 ? 710  GLU A CD  1 
ATOM   668  O  OE1 . GLU A 1 92  ? -17.633 6.743   10.161  1.00 51.77 ? 710  GLU A OE1 1 
ATOM   669  O  OE2 . GLU A 1 92  ? -17.215 4.555   10.040  1.00 49.96 ? 710  GLU A OE2 1 
ATOM   670  N  N   . ASN A 1 93  ? -13.408 9.668   7.547   1.00 31.82 ? 711  ASN A N   1 
ATOM   671  C  CA  . ASN A 1 93  ? -13.156 10.915  6.810   1.00 31.77 ? 711  ASN A CA  1 
ATOM   672  C  C   . ASN A 1 93  ? -11.669 11.164  6.588   1.00 30.71 ? 711  ASN A C   1 
ATOM   673  O  O   . ASN A 1 93  ? -10.911 11.358  7.553   1.00 30.31 ? 711  ASN A O   1 
ATOM   674  C  CB  . ASN A 1 93  ? -13.842 12.105  7.494   1.00 32.18 ? 711  ASN A CB  1 
ATOM   675  C  CG  . ASN A 1 93  ? -15.307 11.816  7.802   1.00 34.69 ? 711  ASN A CG  1 
ATOM   676  O  OD1 . ASN A 1 93  ? -16.150 11.720  6.892   1.00 35.10 ? 711  ASN A OD1 1 
ATOM   677  N  ND2 . ASN A 1 93  ? -15.607 11.620  9.086   1.00 35.15 ? 711  ASN A ND2 1 
ATOM   678  N  N   . PHE A 1 94  ? -11.269 11.117  5.313   1.00 29.05 ? 712  PHE A N   1 
ATOM   679  C  CA  . PHE A 1 94  ? -9.860  11.213  4.913   1.00 27.43 ? 712  PHE A CA  1 
ATOM   680  C  C   . PHE A 1 94  ? -9.523  12.538  4.234   1.00 27.12 ? 712  PHE A C   1 
ATOM   681  O  O   . PHE A 1 94  ? -10.363 13.116  3.519   1.00 26.93 ? 712  PHE A O   1 
ATOM   682  C  CB  . PHE A 1 94  ? -9.488  10.047  3.985   1.00 26.63 ? 712  PHE A CB  1 
ATOM   683  C  CG  . PHE A 1 94  ? -9.385  8.741   4.690   1.00 25.05 ? 712  PHE A CG  1 
ATOM   684  C  CD1 . PHE A 1 94  ? -8.150  8.260   5.109   1.00 22.92 ? 712  PHE A CD1 1 
ATOM   685  C  CD2 . PHE A 1 94  ? -10.525 7.995   4.967   1.00 23.85 ? 712  PHE A CD2 1 
ATOM   686  C  CE1 . PHE A 1 94  ? -8.046  7.044   5.793   1.00 20.26 ? 712  PHE A CE1 1 
ATOM   687  C  CE2 . PHE A 1 94  ? -10.422 6.773   5.676   1.00 24.02 ? 712  PHE A CE2 1 
ATOM   688  C  CZ  . PHE A 1 94  ? -9.178  6.315   6.085   1.00 21.57 ? 712  PHE A CZ  1 
ATOM   689  N  N   . THR A 1 95  ? -8.288  12.990  4.449   1.00 25.77 ? 713  THR A N   1 
ATOM   690  C  CA  . THR A 1 95  ? -7.781  14.238  3.891   1.00 24.98 ? 713  THR A CA  1 
ATOM   691  C  C   . THR A 1 95  ? -6.518  13.933  3.086   1.00 24.50 ? 713  THR A C   1 
ATOM   692  O  O   . THR A 1 95  ? -5.569  13.359  3.627   1.00 23.47 ? 713  THR A O   1 
ATOM   693  C  CB  . THR A 1 95  ? -7.409  15.226  5.010   1.00 25.03 ? 713  THR A CB  1 
ATOM   694  O  OG1 . THR A 1 95  ? -8.579  15.534  5.768   1.00 25.69 ? 713  THR A OG1 1 
ATOM   695  C  CG2 . THR A 1 95  ? -6.774  16.525  4.444   1.00 25.21 ? 713  THR A CG2 1 
ATOM   696  N  N   . GLU A 1 96  ? -6.521  14.284  1.799   1.00 23.81 ? 714  GLU A N   1 
ATOM   697  C  CA  . GLU A 1 96  ? -5.354  14.044  0.965   1.00 24.04 ? 714  GLU A CA  1 
ATOM   698  C  C   . GLU A 1 96  ? -4.155  14.863  1.489   1.00 22.87 ? 714  GLU A C   1 
ATOM   699  O  O   . GLU A 1 96  ? -4.288  16.050  1.757   1.00 22.93 ? 714  GLU A O   1 
ATOM   700  C  CB  . GLU A 1 96  ? -5.664  14.349  -0.498  1.00 24.21 ? 714  GLU A CB  1 
ATOM   701  C  CG  . GLU A 1 96  ? -4.547  13.969  -1.415  1.00 27.17 ? 714  GLU A CG  1 
ATOM   702  C  CD  . GLU A 1 96  ? -4.571  14.756  -2.704  1.00 34.36 ? 714  GLU A CD  1 
ATOM   703  O  OE1 . GLU A 1 96  ? -5.490  14.533  -3.527  1.00 35.43 ? 714  GLU A OE1 1 
ATOM   704  O  OE2 . GLU A 1 96  ? -3.657  15.600  -2.893  1.00 37.67 ? 714  GLU A OE2 1 
ATOM   705  N  N   . VAL A 1 97  ? -3.009  14.216  1.703   1.00 21.79 ? 715  VAL A N   1 
ATOM   706  C  CA  . VAL A 1 97  ? -1.832  14.963  2.160   1.00 20.86 ? 715  VAL A CA  1 
ATOM   707  C  C   . VAL A 1 97  ? -0.689  14.958  1.151   1.00 21.02 ? 715  VAL A C   1 
ATOM   708  O  O   . VAL A 1 97  ? 0.219   15.792  1.263   1.00 21.06 ? 715  VAL A O   1 
ATOM   709  C  CB  . VAL A 1 97  ? -1.322  14.537  3.590   1.00 21.29 ? 715  VAL A CB  1 
ATOM   710  C  CG1 . VAL A 1 97  ? -2.436  14.687  4.623   1.00 20.14 ? 715  VAL A CG1 1 
ATOM   711  C  CG2 . VAL A 1 97  ? -0.718  13.114  3.598   1.00 19.35 ? 715  VAL A CG2 1 
ATOM   712  N  N   . LYS A 1 98  ? -0.743  14.041  0.172   1.00 20.64 ? 716  LYS A N   1 
ATOM   713  C  CA  . LYS A 1 98  ? 0.340   13.865  -0.797  1.00 20.91 ? 716  LYS A CA  1 
ATOM   714  C  C   . LYS A 1 98  ? -0.069  13.057  -2.040  1.00 21.40 ? 716  LYS A C   1 
ATOM   715  O  O   . LYS A 1 98  ? -0.690  12.007  -1.923  1.00 22.78 ? 716  LYS A O   1 
ATOM   716  C  CB  . LYS A 1 98  ? 1.522   13.197  -0.081  1.00 21.03 ? 716  LYS A CB  1 
ATOM   717  C  CG  . LYS A 1 98  ? 2.791   12.984  -0.862  1.00 20.74 ? 716  LYS A CG  1 
ATOM   718  C  CD  . LYS A 1 98  ? 3.490   14.260  -1.213  1.00 19.05 ? 716  LYS A CD  1 
ATOM   719  C  CE  . LYS A 1 98  ? 4.757   13.930  -1.952  0.65 19.04 ? 716  LYS A CE  1 
ATOM   720  N  NZ  . LYS A 1 98  ? 5.478   15.177  -2.261  0.65 20.78 ? 716  LYS A NZ  1 
ATOM   721  N  N   . THR A 1 99  ? 0.292   13.531  -3.227  1.00 21.01 ? 717  THR A N   1 
ATOM   722  C  CA  . THR A 1 99  ? 0.127   12.747  -4.471  1.00 21.19 ? 717  THR A CA  1 
ATOM   723  C  C   . THR A 1 99  ? 1.485   12.702  -5.189  1.00 19.81 ? 717  THR A C   1 
ATOM   724  O  O   . THR A 1 99  ? 2.268   13.655  -5.082  1.00 19.83 ? 717  THR A O   1 
ATOM   725  C  CB  . THR A 1 99  ? -0.951  13.367  -5.415  1.00 21.13 ? 717  THR A CB  1 
ATOM   726  O  OG1 . THR A 1 99  ? -2.250  13.208  -4.828  1.00 25.44 ? 717  THR A OG1 1 
ATOM   727  C  CG2 . THR A 1 99  ? -0.983  12.640  -6.703  1.00 24.65 ? 717  THR A CG2 1 
ATOM   728  N  N   . GLY A 1 100 ? 1.780   11.619  -5.914  1.00 18.06 ? 718  GLY A N   1 
ATOM   729  C  CA  . GLY A 1 100 ? 3.026   11.568  -6.694  1.00 16.48 ? 718  GLY A CA  1 
ATOM   730  C  C   . GLY A 1 100 ? 3.234   10.264  -7.442  1.00 15.66 ? 718  GLY A C   1 
ATOM   731  O  O   . GLY A 1 100 ? 2.396   9.366   -7.395  1.00 15.48 ? 718  GLY A O   1 
ATOM   732  N  N   . THR A 1 101 ? 4.375   10.170  -8.123  1.00 15.10 ? 719  THR A N   1 
ATOM   733  C  CA  . THR A 1 101 ? 4.795   8.954   -8.797  1.00 14.81 ? 719  THR A CA  1 
ATOM   734  C  C   . THR A 1 101 ? 5.980   8.315   -8.040  1.00 14.91 ? 719  THR A C   1 
ATOM   735  O  O   . THR A 1 101 ? 6.635   8.964   -7.207  1.00 15.44 ? 719  THR A O   1 
ATOM   736  C  CB  . THR A 1 101 ? 5.173   9.229   -10.262 1.00 14.68 ? 719  THR A CB  1 
ATOM   737  O  OG1 . THR A 1 101 ? 6.322   10.073  -10.291 1.00 15.71 ? 719  THR A OG1 1 
ATOM   738  C  CG2 . THR A 1 101 ? 4.004   9.910   -11.032 1.00 13.16 ? 719  THR A CG2 1 
ATOM   739  N  N   . LEU A 1 102 ? 6.244   7.042   -8.326  1.00 15.09 ? 720  LEU A N   1 
ATOM   740  C  CA  . LEU A 1 102 ? 7.433   6.317   -7.828  1.00 15.07 ? 720  LEU A CA  1 
ATOM   741  C  C   . LEU A 1 102 ? 8.080   5.613   -8.999  1.00 15.66 ? 720  LEU A C   1 
ATOM   742  O  O   . LEU A 1 102 ? 7.431   5.323   -10.004 1.00 16.61 ? 720  LEU A O   1 
ATOM   743  C  CB  . LEU A 1 102 ? 7.042   5.298   -6.771  1.00 14.44 ? 720  LEU A CB  1 
ATOM   744  C  CG  . LEU A 1 102 ? 6.296   5.825   -5.551  1.00 15.03 ? 720  LEU A CG  1 
ATOM   745  C  CD1 . LEU A 1 102 ? 5.628   4.668   -4.821  1.00 16.83 ? 720  LEU A CD1 1 
ATOM   746  C  CD2 . LEU A 1 102 ? 7.255   6.577   -4.618  1.00 16.01 ? 720  LEU A CD2 1 
ATOM   747  N  N   . GLU A 1 103 ? 9.373   5.372   -8.894  1.00 16.73 ? 721  GLU A N   1 
ATOM   748  C  CA  . GLU A 1 103 ? 10.151  4.839   -9.993  1.00 17.17 ? 721  GLU A CA  1 
ATOM   749  C  C   . GLU A 1 103 ? 9.844   3.350   -10.136 1.00 16.88 ? 721  GLU A C   1 
ATOM   750  O  O   . GLU A 1 103 ? 9.469   2.695   -9.165  1.00 16.44 ? 721  GLU A O   1 
ATOM   751  C  CB  . GLU A 1 103 ? 11.632  5.060   -9.725  1.00 17.27 ? 721  GLU A CB  1 
ATOM   752  C  CG  . GLU A 1 103 ? 12.051  6.517   -9.741  1.00 22.55 ? 721  GLU A CG  1 
ATOM   753  C  CD  . GLU A 1 103 ? 11.793  7.198   -11.104 1.00 27.74 ? 721  GLU A CD  1 
ATOM   754  O  OE1 . GLU A 1 103 ? 12.162  6.626   -12.161 1.00 27.96 ? 721  GLU A OE1 1 
ATOM   755  O  OE2 . GLU A 1 103 ? 11.182  8.296   -11.105 1.00 31.64 ? 721  GLU A OE2 1 
ATOM   756  N  N   . ASP A 1 104 ? 9.979   2.843   -11.357 1.00 16.50 ? 722  ASP A N   1 
ATOM   757  C  CA  . ASP A 1 104 ? 9.624   1.482   -11.679 1.00 17.15 ? 722  ASP A CA  1 
ATOM   758  C  C   . ASP A 1 104 ? 10.856  0.578   -11.454 1.00 16.68 ? 722  ASP A C   1 
ATOM   759  O  O   . ASP A 1 104 ? 11.572  0.231   -12.383 1.00 17.29 ? 722  ASP A O   1 
ATOM   760  C  CB  . ASP A 1 104 ? 9.051   1.422   -13.118 1.00 17.71 ? 722  ASP A CB  1 
ATOM   761  C  CG  . ASP A 1 104 ? 8.725   -0.001  -13.580 1.00 21.14 ? 722  ASP A CG  1 
ATOM   762  O  OD1 . ASP A 1 104 ? 8.774   -0.938  -12.751 1.00 18.81 ? 722  ASP A OD1 1 
ATOM   763  O  OD2 . ASP A 1 104 ? 8.448   -0.182  -14.802 1.00 24.91 ? 722  ASP A OD2 1 
ATOM   764  N  N   . ASN A 1 105 ? 11.109  0.252   -10.188 1.00 15.32 ? 723  ASN A N   1 
ATOM   765  C  CA  . ASN A 1 105 ? 12.168  -0.673  -9.765  1.00 14.52 ? 723  ASN A CA  1 
ATOM   766  C  C   . ASN A 1 105 ? 11.749  -1.232  -8.404  1.00 14.07 ? 723  ASN A C   1 
ATOM   767  O  O   . ASN A 1 105 ? 10.801  -0.712  -7.787  1.00 13.84 ? 723  ASN A O   1 
ATOM   768  C  CB  . ASN A 1 105 ? 13.551  0.018   -9.689  1.00 13.44 ? 723  ASN A CB  1 
ATOM   769  C  CG  . ASN A 1 105 ? 13.528  1.298   -8.871  1.00 14.42 ? 723  ASN A CG  1 
ATOM   770  O  OD1 . ASN A 1 105 ? 13.019  1.333   -7.734  1.00 15.43 ? 723  ASN A OD1 1 
ATOM   771  N  ND2 . ASN A 1 105 ? 14.075  2.363   -9.437  1.00 12.24 ? 723  ASN A ND2 1 
ATOM   772  N  N   . ALA A 1 106 ? 12.467  -2.241  -7.909  1.00 13.44 ? 724  ALA A N   1 
ATOM   773  C  CA  . ALA A 1 106 ? 12.041  -2.910  -6.685  1.00 13.16 ? 724  ALA A CA  1 
ATOM   774  C  C   . ALA A 1 106 ? 12.618  -2.250  -5.427  1.00 13.25 ? 724  ALA A C   1 
ATOM   775  O  O   . ALA A 1 106 ? 12.474  -2.778  -4.323  1.00 12.65 ? 724  ALA A O   1 
ATOM   776  C  CB  . ALA A 1 106 ? 12.392  -4.394  -6.754  1.00 13.24 ? 724  ALA A CB  1 
ATOM   777  N  N   . ALA A 1 107 ? 13.245  -1.086  -5.595  1.00 12.67 ? 725  ALA A N   1 
ATOM   778  C  CA  . ALA A 1 107 ? 13.868  -0.372  -4.484  1.00 13.03 ? 725  ALA A CA  1 
ATOM   779  C  C   . ALA A 1 107 ? 12.813  0.105   -3.479  1.00 13.59 ? 725  ALA A C   1 
ATOM   780  O  O   . ALA A 1 107 ? 11.680  0.377   -3.874  1.00 13.10 ? 725  ALA A O   1 
ATOM   781  C  CB  . ALA A 1 107 ? 14.675  0.796   -5.006  1.00 13.00 ? 725  ALA A CB  1 
ATOM   782  N  N   . ILE A 1 108 ? 13.184  0.185   -2.187  1.00 13.57 ? 726  ILE A N   1 
ATOM   783  C  CA  . ILE A 1 108 ? 12.302  0.697   -1.120  1.00 13.33 ? 726  ILE A CA  1 
ATOM   784  C  C   . ILE A 1 108 ? 12.016  2.179   -1.364  1.00 13.12 ? 726  ILE A C   1 
ATOM   785  O  O   . ILE A 1 108 ? 12.927  2.962   -1.664  1.00 14.09 ? 726  ILE A O   1 
ATOM   786  C  CB  . ILE A 1 108 ? 12.916  0.418   0.334   1.00 13.51 ? 726  ILE A CB  1 
ATOM   787  C  CG1 . ILE A 1 108 ? 12.546  -0.972  0.864   1.00 12.90 ? 726  ILE A CG1 1 
ATOM   788  C  CG2 . ILE A 1 108 ? 12.436  1.415   1.355   1.00 13.66 ? 726  ILE A CG2 1 
ATOM   789  C  CD1 . ILE A 1 108 ? 12.838  -2.160  -0.071  1.00 13.59 ? 726  ILE A CD1 1 
ATOM   790  N  N   . LYS A 1 109 ? 10.756  2.588   -1.267  1.00 13.27 ? 727  LYS A N   1 
ATOM   791  C  CA  . LYS A 1 109 ? 10.425  3.995   -1.569  1.00 12.62 ? 727  LYS A CA  1 
ATOM   792  C  C   . LYS A 1 109 ? 10.004  4.713   -0.303  1.00 13.14 ? 727  LYS A C   1 
ATOM   793  O  O   . LYS A 1 109 ? 9.473   4.070   0.623   1.00 13.31 ? 727  LYS A O   1 
ATOM   794  C  CB  . LYS A 1 109 ? 9.323   4.106   -2.646  1.00 11.67 ? 727  LYS A CB  1 
ATOM   795  C  CG  . LYS A 1 109 ? 9.565   3.297   -3.935  1.00 10.22 ? 727  LYS A CG  1 
ATOM   796  C  CD  . LYS A 1 109 ? 10.901  3.656   -4.636  1.00 6.97  ? 727  LYS A CD  1 
ATOM   797  C  CE  . LYS A 1 109 ? 10.897  3.163   -6.070  1.00 7.37  ? 727  LYS A CE  1 
ATOM   798  N  NZ  . LYS A 1 109 ? 10.666  1.661   -6.156  1.00 9.14  ? 727  LYS A NZ  1 
ATOM   799  N  N   . PHE A 1 110 ? 10.226  6.030   -0.266  1.00 14.25 ? 728  PHE A N   1 
ATOM   800  C  CA  . PHE A 1 110 ? 9.652   6.889   0.784   1.00 16.08 ? 728  PHE A CA  1 
ATOM   801  C  C   . PHE A 1 110 ? 8.772   7.993   0.246   1.00 16.61 ? 728  PHE A C   1 
ATOM   802  O  O   . PHE A 1 110 ? 9.060   8.598   -0.763  1.00 18.07 ? 728  PHE A O   1 
ATOM   803  C  CB  . PHE A 1 110 ? 10.730  7.453   1.699   1.00 16.14 ? 728  PHE A CB  1 
ATOM   804  C  CG  . PHE A 1 110 ? 11.569  6.388   2.335   1.00 17.08 ? 728  PHE A CG  1 
ATOM   805  C  CD1 . PHE A 1 110 ? 11.153  5.772   3.510   1.00 18.97 ? 728  PHE A CD1 1 
ATOM   806  C  CD2 . PHE A 1 110 ? 12.747  5.979   1.745   1.00 18.16 ? 728  PHE A CD2 1 
ATOM   807  C  CE1 . PHE A 1 110 ? 11.916  4.793   4.098   1.00 20.19 ? 728  PHE A CE1 1 
ATOM   808  C  CE2 . PHE A 1 110 ? 13.514  4.977   2.325   1.00 20.34 ? 728  PHE A CE2 1 
ATOM   809  C  CZ  . PHE A 1 110 ? 13.090  4.378   3.489   1.00 18.14 ? 728  PHE A CZ  1 
ATOM   810  N  N   . ILE A 1 111 ? 7.671   8.238   0.916   1.00 17.40 ? 729  ILE A N   1 
ATOM   811  C  CA  . ILE A 1 111 ? 6.771   9.292   0.515   1.00 17.89 ? 729  ILE A CA  1 
ATOM   812  C  C   . ILE A 1 111 ? 6.764   10.215  1.724   1.00 18.39 ? 729  ILE A C   1 
ATOM   813  O  O   . ILE A 1 111 ? 6.485   9.756   2.823   1.00 18.34 ? 729  ILE A O   1 
ATOM   814  C  CB  . ILE A 1 111 ? 5.353   8.738   0.218   1.00 17.58 ? 729  ILE A CB  1 
ATOM   815  C  CG1 . ILE A 1 111 ? 5.367   7.753   -0.964  1.00 17.41 ? 729  ILE A CG1 1 
ATOM   816  C  CG2 . ILE A 1 111 ? 4.392   9.857   -0.052  1.00 17.58 ? 729  ILE A CG2 1 
ATOM   817  C  CD1 . ILE A 1 111 ? 4.302   6.637   -0.856  1.00 14.22 ? 729  ILE A CD1 1 
ATOM   818  N  N   . GLU A 1 112 ? 7.119   11.486  1.525   1.00 18.78 ? 730  GLU A N   1 
ATOM   819  C  CA  . GLU A 1 112 ? 7.238   12.429  2.627   1.00 20.37 ? 730  GLU A CA  1 
ATOM   820  C  C   . GLU A 1 112 ? 6.311   13.636  2.453   1.00 20.31 ? 730  GLU A C   1 
ATOM   821  O  O   . GLU A 1 112 ? 6.073   14.125  1.341   1.00 20.93 ? 730  GLU A O   1 
ATOM   822  C  CB  . GLU A 1 112 ? 8.692   12.880  2.822   1.00 19.92 ? 730  GLU A CB  1 
ATOM   823  C  CG  . GLU A 1 112 ? 9.670   11.752  3.156   1.00 22.06 ? 730  GLU A CG  1 
ATOM   824  C  CD  . GLU A 1 112 ? 11.126  12.239  3.181   1.00 22.74 ? 730  GLU A CD  1 
ATOM   825  O  OE1 . GLU A 1 112 ? 11.683  12.516  2.097   1.00 25.91 ? 730  GLU A OE1 1 
ATOM   826  O  OE2 . GLU A 1 112 ? 11.707  12.349  4.280   1.00 23.80 ? 730  GLU A OE2 1 
ATOM   827  N  N   . PHE A 1 113 ? 5.782   14.114  3.568   1.00 20.02 ? 731  PHE A N   1 
ATOM   828  C  CA  . PHE A 1 113 ? 4.854   15.229  3.552   1.00 20.17 ? 731  PHE A CA  1 
ATOM   829  C  C   . PHE A 1 113 ? 4.983   15.941  4.877   1.00 20.57 ? 731  PHE A C   1 
ATOM   830  O  O   . PHE A 1 113 ? 5.708   15.483  5.769   1.00 19.77 ? 731  PHE A O   1 
ATOM   831  C  CB  . PHE A 1 113 ? 3.421   14.713  3.330   1.00 19.40 ? 731  PHE A CB  1 
ATOM   832  C  CG  . PHE A 1 113 ? 3.138   13.421  4.035   1.00 18.20 ? 731  PHE A CG  1 
ATOM   833  C  CD1 . PHE A 1 113 ? 2.708   13.419  5.376   1.00 14.08 ? 731  PHE A CD1 1 
ATOM   834  C  CD2 . PHE A 1 113 ? 3.346   12.192  3.378   1.00 15.90 ? 731  PHE A CD2 1 
ATOM   835  C  CE1 . PHE A 1 113 ? 2.454   12.213  6.032   1.00 14.40 ? 731  PHE A CE1 1 
ATOM   836  C  CE2 . PHE A 1 113 ? 3.130   10.962  4.058   1.00 14.50 ? 731  PHE A CE2 1 
ATOM   837  C  CZ  . PHE A 1 113 ? 2.671   10.985  5.381   1.00 14.17 ? 731  PHE A CZ  1 
ATOM   838  N  N   . ASP A 1 114 ? 4.314   17.082  4.998   1.00 22.21 ? 732  ASP A N   1 
ATOM   839  C  CA  . ASP A 1 114 ? 4.363   17.870  6.244   1.00 23.35 ? 732  ASP A CA  1 
ATOM   840  C  C   . ASP A 1 114 ? 3.719   17.062  7.339   1.00 23.45 ? 732  ASP A C   1 
ATOM   841  O  O   . ASP A 1 114 ? 2.664   16.420  7.117   1.00 22.54 ? 732  ASP A O   1 
ATOM   842  C  CB  . ASP A 1 114 ? 3.554   19.179  6.143   1.00 24.02 ? 732  ASP A CB  1 
ATOM   843  C  CG  . ASP A 1 114 ? 4.147   20.202  5.185   1.00 26.35 ? 732  ASP A CG  1 
ATOM   844  O  OD1 . ASP A 1 114 ? 3.355   21.070  4.747   1.00 32.87 ? 732  ASP A OD1 1 
ATOM   845  O  OD2 . ASP A 1 114 ? 5.353   20.163  4.867   1.00 27.18 ? 732  ASP A OD2 1 
ATOM   846  N  N   . SER A 1 115 ? 4.309   17.170  8.526   1.00 23.97 ? 733  SER A N   1 
ATOM   847  C  CA  . SER A 1 115 ? 3.778   16.557  9.743   1.00 24.72 ? 733  SER A CA  1 
ATOM   848  C  C   . SER A 1 115 ? 2.286   16.742  9.876   1.00 24.17 ? 733  SER A C   1 
ATOM   849  O  O   . SER A 1 115 ? 1.784   17.847  9.723   1.00 24.81 ? 733  SER A O   1 
ATOM   850  C  CB  . SER A 1 115 ? 4.474   17.139  10.959  1.00 24.80 ? 733  SER A CB  1 
ATOM   851  O  OG  . SER A 1 115 ? 5.726   16.506  11.122  1.00 28.34 ? 733  SER A OG  1 
ATOM   852  N  N   . VAL A 1 116 ? 1.577   15.645  10.119  1.00 24.00 ? 734  VAL A N   1 
ATOM   853  C  CA  . VAL A 1 116 ? 0.124   15.677  10.226  1.00 23.27 ? 734  VAL A CA  1 
ATOM   854  C  C   . VAL A 1 116 ? -0.309  14.568  11.195  1.00 23.81 ? 734  VAL A C   1 
ATOM   855  O  O   . VAL A 1 116 ? 0.301   13.470  11.234  1.00 23.97 ? 734  VAL A O   1 
ATOM   856  C  CB  . VAL A 1 116 ? -0.557  15.576  8.821   1.00 22.91 ? 734  VAL A CB  1 
ATOM   857  C  CG1 . VAL A 1 116 ? -0.284  14.222  8.142   1.00 22.92 ? 734  VAL A CG1 1 
ATOM   858  C  CG2 . VAL A 1 116 ? -2.038  15.886  8.888   1.00 22.68 ? 734  VAL A CG2 1 
ATOM   859  N  N   . ASP A 1 117 ? -1.303  14.881  12.020  1.00 23.12 ? 735  ASP A N   1 
ATOM   860  C  CA  . ASP A 1 117 ? -1.874  13.897  12.909  1.00 23.11 ? 735  ASP A CA  1 
ATOM   861  C  C   . ASP A 1 117 ? -2.678  12.869  12.085  1.00 22.04 ? 735  ASP A C   1 
ATOM   862  O  O   . ASP A 1 117 ? -3.482  13.233  11.223  1.00 21.38 ? 735  ASP A O   1 
ATOM   863  C  CB  . ASP A 1 117 ? -2.775  14.567  13.966  1.00 23.99 ? 735  ASP A CB  1 
ATOM   864  C  CG  . ASP A 1 117 ? -1.984  15.231  15.114  1.00 25.54 ? 735  ASP A CG  1 
ATOM   865  O  OD1 . ASP A 1 117 ? -0.781  14.977  15.278  1.00 26.78 ? 735  ASP A OD1 1 
ATOM   866  O  OD2 . ASP A 1 117 ? -2.592  16.009  15.880  1.00 28.47 ? 735  ASP A OD2 1 
ATOM   867  N  N   . ALA A 1 118 ? -2.436  11.587  12.347  1.00 20.92 ? 736  ALA A N   1 
ATOM   868  C  CA  . ALA A 1 118 ? -3.221  10.513  11.737  1.00 20.13 ? 736  ALA A CA  1 
ATOM   869  C  C   . ALA A 1 118 ? -3.422  9.367   12.726  1.00 19.42 ? 736  ALA A C   1 
ATOM   870  O  O   . ALA A 1 118 ? -2.521  9.053   13.496  1.00 18.30 ? 736  ALA A O   1 
ATOM   871  C  CB  . ALA A 1 118 ? -2.531  9.995   10.456  1.00 19.32 ? 736  ALA A CB  1 
ATOM   872  N  N   . LYS A 1 119 ? -4.603  8.752   12.699  1.00 19.90 ? 737  LYS A N   1 
ATOM   873  C  CA  . LYS A 1 119 ? -4.762  7.387   13.218  1.00 20.73 ? 737  LYS A CA  1 
ATOM   874  C  C   . LYS A 1 119 ? -4.815  6.327   12.091  1.00 20.22 ? 737  LYS A C   1 
ATOM   875  O  O   . LYS A 1 119 ? -4.485  5.179   12.307  1.00 20.52 ? 737  LYS A O   1 
ATOM   876  C  CB  . LYS A 1 119 ? -6.002  7.279   14.109  1.00 21.51 ? 737  LYS A CB  1 
ATOM   877  C  CG  . LYS A 1 119 ? -5.903  6.135   15.127  1.00 24.01 ? 737  LYS A CG  1 
ATOM   878  C  CD  . LYS A 1 119 ? -7.234  5.667   15.691  1.00 26.71 ? 737  LYS A CD  1 
ATOM   879  C  CE  . LYS A 1 119 ? -7.032  5.261   17.151  1.00 32.98 ? 737  LYS A CE  1 
ATOM   880  N  NZ  . LYS A 1 119 ? -7.885  4.108   17.654  1.00 35.93 ? 737  LYS A NZ  1 
ATOM   881  N  N   . TYR A 1 120 ? -5.285  6.730   10.912  1.00 20.31 ? 738  TYR A N   1 
ATOM   882  C  CA  . TYR A 1 120 ? -5.430  5.878   9.715   1.00 19.42 ? 738  TYR A CA  1 
ATOM   883  C  C   . TYR A 1 120 ? -4.704  6.564   8.574   1.00 19.10 ? 738  TYR A C   1 
ATOM   884  O  O   . TYR A 1 120 ? -4.829  7.764   8.394   1.00 18.16 ? 738  TYR A O   1 
ATOM   885  C  CB  . TYR A 1 120 ? -6.908  5.691   9.306   1.00 19.59 ? 738  TYR A CB  1 
ATOM   886  C  CG  . TYR A 1 120 ? -7.785  5.152   10.427  1.00 19.88 ? 738  TYR A CG  1 
ATOM   887  C  CD1 . TYR A 1 120 ? -8.158  3.801   10.462  1.00 17.47 ? 738  TYR A CD1 1 
ATOM   888  C  CD2 . TYR A 1 120 ? -8.203  5.993   11.476  1.00 18.63 ? 738  TYR A CD2 1 
ATOM   889  C  CE1 . TYR A 1 120 ? -8.945  3.302   11.495  1.00 20.30 ? 738  TYR A CE1 1 
ATOM   890  C  CE2 . TYR A 1 120 ? -8.976  5.506   12.525  1.00 19.24 ? 738  TYR A CE2 1 
ATOM   891  C  CZ  . TYR A 1 120 ? -9.342  4.153   12.526  1.00 22.01 ? 738  TYR A CZ  1 
ATOM   892  O  OH  . TYR A 1 120 ? -10.120 3.662   13.560  1.00 24.10 ? 738  TYR A OH  1 
ATOM   893  N  N   . VAL A 1 121 ? -3.939  5.782   7.819   1.00 18.93 ? 739  VAL A N   1 
ATOM   894  C  CA  . VAL A 1 121 ? -3.216  6.257   6.658   1.00 18.70 ? 739  VAL A CA  1 
ATOM   895  C  C   . VAL A 1 121 ? -3.601  5.371   5.473   1.00 19.13 ? 739  VAL A C   1 
ATOM   896  O  O   . VAL A 1 121 ? -3.421  4.147   5.493   1.00 19.11 ? 739  VAL A O   1 
ATOM   897  C  CB  . VAL A 1 121 ? -1.692  6.242   6.898   1.00 18.80 ? 739  VAL A CB  1 
ATOM   898  C  CG1 . VAL A 1 121 ? -0.945  6.799   5.674   1.00 17.15 ? 739  VAL A CG1 1 
ATOM   899  C  CG2 . VAL A 1 121 ? -1.343  7.067   8.174   1.00 18.20 ? 739  VAL A CG2 1 
ATOM   900  N  N   . ARG A 1 122 ? -4.169  6.003   4.459   1.00 18.35 ? 740  ARG A N   1 
ATOM   901  C  CA  . ARG A 1 122 ? -4.598  5.299   3.268   1.00 18.22 ? 740  ARG A CA  1 
ATOM   902  C  C   . ARG A 1 122 ? -3.672  5.580   2.104   1.00 17.59 ? 740  ARG A C   1 
ATOM   903  O  O   . ARG A 1 122 ? -3.315  6.722   1.830   1.00 17.14 ? 740  ARG A O   1 
ATOM   904  C  CB  . ARG A 1 122 ? -6.026  5.706   2.888   1.00 18.54 ? 740  ARG A CB  1 
ATOM   905  C  CG  . ARG A 1 122 ? -6.651  4.890   1.767   1.00 18.16 ? 740  ARG A CG  1 
ATOM   906  C  CD  . ARG A 1 122 ? -8.084  5.338   1.651   1.00 19.98 ? 740  ARG A CD  1 
ATOM   907  N  NE  . ARG A 1 122 ? -8.613  5.090   0.331   1.00 22.19 ? 740  ARG A NE  1 
ATOM   908  C  CZ  . ARG A 1 122 ? -9.737  4.420   0.062   1.00 23.67 ? 740  ARG A CZ  1 
ATOM   909  N  NH1 . ARG A 1 122 ? -10.483 3.899   1.037   1.00 22.98 ? 740  ARG A NH1 1 
ATOM   910  N  NH2 . ARG A 1 122 ? -10.122 4.279   -1.209  1.00 21.91 ? 740  ARG A NH2 1 
ATOM   911  N  N   . LEU A 1 123 ? -3.294  4.505   1.441   1.00 17.37 ? 741  LEU A N   1 
ATOM   912  C  CA  . LEU A 1 123 ? -2.527  4.551   0.215   1.00 18.00 ? 741  LEU A CA  1 
ATOM   913  C  C   . LEU A 1 123 ? -3.408  4.085   -0.956  1.00 17.43 ? 741  LEU A C   1 
ATOM   914  O  O   . LEU A 1 123 ? -3.698  2.904   -1.071  1.00 17.55 ? 741  LEU A O   1 
ATOM   915  C  CB  . LEU A 1 123 ? -1.290  3.647   0.327   1.00 17.57 ? 741  LEU A CB  1 
ATOM   916  C  CG  . LEU A 1 123 ? -0.322  3.554   -0.864  1.00 18.72 ? 741  LEU A CG  1 
ATOM   917  C  CD1 . LEU A 1 123 ? 0.339   4.873   -1.111  1.00 19.53 ? 741  LEU A CD1 1 
ATOM   918  C  CD2 . LEU A 1 123 ? 0.761   2.503   -0.526  1.00 19.50 ? 741  LEU A CD2 1 
ATOM   919  N  N   . ASP A 1 124 ? -3.809  5.030   -1.801  1.00 16.33 ? 742  ASP A N   1 
ATOM   920  C  CA  . ASP A 1 124 ? -4.550  4.762   -3.012  1.00 16.22 ? 742  ASP A CA  1 
ATOM   921  C  C   . ASP A 1 124 ? -3.558  4.564   -4.140  1.00 16.14 ? 742  ASP A C   1 
ATOM   922  O  O   . ASP A 1 124 ? -2.682  5.393   -4.367  1.00 15.91 ? 742  ASP A O   1 
ATOM   923  C  CB  . ASP A 1 124 ? -5.481  5.942   -3.349  1.00 15.54 ? 742  ASP A CB  1 
ATOM   924  C  CG  . ASP A 1 124 ? -6.741  5.971   -2.477  1.00 15.47 ? 742  ASP A CG  1 
ATOM   925  O  OD1 . ASP A 1 124 ? -7.616  5.095   -2.654  1.00 15.02 ? 742  ASP A OD1 1 
ATOM   926  O  OD2 . ASP A 1 124 ? -6.862  6.881   -1.620  1.00 14.64 ? 742  ASP A OD2 1 
ATOM   927  N  N   . VAL A 1 125 ? -3.686  3.445   -4.835  1.00 16.36 ? 743  VAL A N   1 
ATOM   928  C  CA  . VAL A 1 125 ? -2.819  3.158   -5.969  1.00 16.49 ? 743  VAL A CA  1 
ATOM   929  C  C   . VAL A 1 125 ? -3.458  3.820   -7.202  1.00 16.89 ? 743  VAL A C   1 
ATOM   930  O  O   . VAL A 1 125 ? -4.528  3.399   -7.665  1.00 17.83 ? 743  VAL A O   1 
ATOM   931  C  CB  . VAL A 1 125 ? -2.612  1.616   -6.156  1.00 16.71 ? 743  VAL A CB  1 
ATOM   932  C  CG1 . VAL A 1 125 ? -1.675  1.314   -7.320  1.00 15.87 ? 743  VAL A CG1 1 
ATOM   933  C  CG2 . VAL A 1 125 ? -2.097  0.956   -4.817  1.00 15.00 ? 743  VAL A CG2 1 
ATOM   934  N  N   . THR A 1 126 ? -2.843  4.874   -7.715  1.00 15.91 ? 744  THR A N   1 
ATOM   935  C  CA  . THR A 1 126 ? -3.399  5.487   -8.903  1.00 16.25 ? 744  THR A CA  1 
ATOM   936  C  C   . THR A 1 126 ? -2.750  4.887   -10.198 1.00 16.35 ? 744  THR A C   1 
ATOM   937  O  O   . THR A 1 126 ? -3.325  4.987   -11.276 1.00 16.54 ? 744  THR A O   1 
ATOM   938  C  CB  . THR A 1 126 ? -3.274  7.045   -8.852  1.00 15.94 ? 744  THR A CB  1 
ATOM   939  O  OG1 . THR A 1 126 ? -1.900  7.401   -8.872  1.00 17.54 ? 744  THR A OG1 1 
ATOM   940  C  CG2 . THR A 1 126 ? -3.887  7.634   -7.584  1.00 15.10 ? 744  THR A CG2 1 
ATOM   941  N  N   . ASP A 1 127 ? -1.554  4.294   -10.080 1.00 15.08 ? 745  ASP A N   1 
ATOM   942  C  CA  . ASP A 1 127 ? -0.855  3.723   -11.232 1.00 15.69 ? 745  ASP A CA  1 
ATOM   943  C  C   . ASP A 1 127 ? -0.043  2.571   -10.722 1.00 16.10 ? 745  ASP A C   1 
ATOM   944  O  O   . ASP A 1 127 ? 0.467   2.631   -9.595  1.00 16.48 ? 745  ASP A O   1 
ATOM   945  C  CB  . ASP A 1 127 ? 0.074   4.748   -11.916 1.00 15.44 ? 745  ASP A CB  1 
ATOM   946  C  CG  . ASP A 1 127 ? 0.433   4.367   -13.359 1.00 16.42 ? 745  ASP A CG  1 
ATOM   947  O  OD1 . ASP A 1 127 ? -0.219  3.463   -13.959 1.00 16.75 ? 745  ASP A OD1 1 
ATOM   948  O  OD2 . ASP A 1 127 ? 1.366   4.994   -13.912 1.00 14.88 ? 745  ASP A OD2 1 
ATOM   949  N  N   . SER A 1 128 ? 0.041   1.507   -11.514 1.00 16.47 ? 746  SER A N   1 
ATOM   950  C  CA  . SER A 1 128 ? 0.852   0.333   -11.159 1.00 16.81 ? 746  SER A CA  1 
ATOM   951  C  C   . SER A 1 128 ? 1.297   -0.390  -12.404 1.00 17.21 ? 746  SER A C   1 
ATOM   952  O  O   . SER A 1 128 ? 0.617   -0.305  -13.435 1.00 18.18 ? 746  SER A O   1 
ATOM   953  C  CB  . SER A 1 128 ? 0.106   -0.641  -10.235 1.00 16.76 ? 746  SER A CB  1 
ATOM   954  O  OG  . SER A 1 128 ? -0.925  -1.305  -10.912 1.00 16.40 ? 746  SER A OG  1 
ATOM   955  N  N   . VAL A 1 129 ? 2.453   -1.061  -12.307 1.00 17.12 ? 747  VAL A N   1 
ATOM   956  C  CA  . VAL A 1 129 ? 3.020   -1.796  -13.427 1.00 17.24 ? 747  VAL A CA  1 
ATOM   957  C  C   . VAL A 1 129 ? 2.886   -3.311  -13.292 1.00 18.30 ? 747  VAL A C   1 
ATOM   958  O  O   . VAL A 1 129 ? 2.364   -3.827  -12.295 1.00 17.84 ? 747  VAL A O   1 
ATOM   959  C  CB  . VAL A 1 129 ? 4.490   -1.379  -13.786 1.00 16.87 ? 747  VAL A CB  1 
ATOM   960  C  CG1 . VAL A 1 129 ? 4.549   0.092   -14.205 1.00 15.26 ? 747  VAL A CG1 1 
ATOM   961  C  CG2 . VAL A 1 129 ? 5.490   -1.666  -12.650 1.00 15.51 ? 747  VAL A CG2 1 
ATOM   962  N  N   . SER A 1 130 ? 3.343   -4.003  -14.329 1.00 19.05 ? 748  SER A N   1 
ATOM   963  C  CA  . SER A 1 130 ? 3.183   -5.445  -14.455 1.00 20.00 ? 748  SER A CA  1 
ATOM   964  C  C   . SER A 1 130 ? 4.195   -5.952  -15.460 1.00 20.90 ? 748  SER A C   1 
ATOM   965  O  O   . SER A 1 130 ? 4.590   -5.204  -16.352 1.00 20.72 ? 748  SER A O   1 
ATOM   966  C  CB  . SER A 1 130 ? 1.784   -5.732  -14.985 1.00 20.05 ? 748  SER A CB  1 
ATOM   967  O  OG  . SER A 1 130 ? 1.613   -7.095  -15.225 1.00 19.67 ? 748  SER A OG  1 
ATOM   968  N  N   . ASP A 1 131 ? 4.608   -7.214  -15.331 1.00 22.20 ? 749  ASP A N   1 
ATOM   969  C  CA  . ASP A 1 131 ? 5.442   -7.844  -16.348 1.00 23.23 ? 749  ASP A CA  1 
ATOM   970  C  C   . ASP A 1 131 ? 4.620   -8.392  -17.541 1.00 23.76 ? 749  ASP A C   1 
ATOM   971  O  O   . ASP A 1 131 ? 5.182   -8.911  -18.516 1.00 24.06 ? 749  ASP A O   1 
ATOM   972  C  CB  . ASP A 1 131 ? 6.381   -8.903  -15.738 1.00 23.97 ? 749  ASP A CB  1 
ATOM   973  C  CG  . ASP A 1 131 ? 5.659   -10.106 -15.193 1.00 25.60 ? 749  ASP A CG  1 
ATOM   974  O  OD1 . ASP A 1 131 ? 6.194   -10.722 -14.260 1.00 28.89 ? 749  ASP A OD1 1 
ATOM   975  O  OD2 . ASP A 1 131 ? 4.581   -10.470 -15.687 1.00 30.10 ? 749  ASP A OD2 1 
ATOM   976  N  N   . GLN A 1 132 ? 3.299   -8.227  -17.456 1.00 23.49 ? 750  GLN A N   1 
ATOM   977  C  CA  . GLN A 1 132 ? 2.359   -8.595  -18.506 1.00 23.59 ? 750  GLN A CA  1 
ATOM   978  C  C   . GLN A 1 132 ? 2.053   -7.410  -19.416 1.00 23.95 ? 750  GLN A C   1 
ATOM   979  O  O   . GLN A 1 132 ? 1.927   -6.258  -18.973 1.00 23.63 ? 750  GLN A O   1 
ATOM   980  C  CB  . GLN A 1 132 ? 1.070   -9.149  -17.885 1.00 22.87 ? 750  GLN A CB  1 
ATOM   981  C  CG  . GLN A 1 132 ? 1.298   -10.272 -16.865 1.00 22.13 ? 750  GLN A CG  1 
ATOM   982  C  CD  . GLN A 1 132 ? 0.031   -10.686 -16.131 1.00 24.43 ? 750  GLN A CD  1 
ATOM   983  O  OE1 . GLN A 1 132 ? -1.082  -10.238 -16.480 1.00 27.53 ? 750  GLN A OE1 1 
ATOM   984  N  NE2 . GLN A 1 132 ? 0.179   -11.540 -15.115 1.00 19.56 ? 750  GLN A NE2 1 
ATOM   985  N  N   . ALA A 1 133 ? 1.914   -7.715  -20.702 1.00 24.76 ? 751  ALA A N   1 
ATOM   986  C  CA  . ALA A 1 133 ? 1.732   -6.712  -21.768 1.00 24.57 ? 751  ALA A CA  1 
ATOM   987  C  C   . ALA A 1 133 ? 0.529   -5.787  -21.546 1.00 24.20 ? 751  ALA A C   1 
ATOM   988  O  O   . ALA A 1 133 ? 0.617   -4.550  -21.750 1.00 25.34 ? 751  ALA A O   1 
ATOM   989  C  CB  . ALA A 1 133 ? 1.641   -7.418  -23.152 1.00 24.86 ? 751  ALA A CB  1 
ATOM   990  N  N   . ASN A 1 134 ? -0.584  -6.359  -21.104 1.00 22.39 ? 752  ASN A N   1 
ATOM   991  C  CA  . ASN A 1 134 ? -1.775  -5.545  -20.898 1.00 21.24 ? 752  ASN A CA  1 
ATOM   992  C  C   . ASN A 1 134 ? -2.165  -5.370  -19.431 1.00 20.64 ? 752  ASN A C   1 
ATOM   993  O  O   . ASN A 1 134 ? -3.332  -5.130  -19.115 1.00 20.86 ? 752  ASN A O   1 
ATOM   994  C  CB  . ASN A 1 134 ? -2.903  -6.098  -21.770 1.00 20.72 ? 752  ASN A CB  1 
ATOM   995  C  CG  . ASN A 1 134 ? -2.474  -6.205  -23.240 1.00 22.04 ? 752  ASN A CG  1 
ATOM   996  O  OD1 . ASN A 1 134 ? -2.028  -5.223  -23.832 1.00 21.93 ? 752  ASN A OD1 1 
ATOM   997  N  ND2 . ASN A 1 134 ? -2.529  -7.404  -23.795 1.00 20.39 ? 752  ASN A ND2 1 
ATOM   998  N  N   . GLY A 1 135 ? -1.176  -5.473  -18.541 1.00 20.49 ? 753  GLY A N   1 
ATOM   999  C  CA  . GLY A 1 135 ? -1.410  -5.478  -17.086 1.00 19.87 ? 753  GLY A CA  1 
ATOM   1000 C  C   . GLY A 1 135 ? -1.292  -4.166  -16.312 1.00 19.25 ? 753  GLY A C   1 
ATOM   1001 O  O   . GLY A 1 135 ? -1.377  -4.178  -15.089 1.00 20.01 ? 753  GLY A O   1 
ATOM   1002 N  N   . ARG A 1 136 ? -1.106  -3.038  -16.999 1.00 19.29 ? 754  ARG A N   1 
ATOM   1003 C  CA  . ARG A 1 136 ? -1.024  -1.741  -16.328 1.00 18.49 ? 754  ARG A CA  1 
ATOM   1004 C  C   . ARG A 1 136 ? -2.253  -1.511  -15.484 1.00 18.60 ? 754  ARG A C   1 
ATOM   1005 O  O   . ARG A 1 136 ? -3.379  -1.534  -15.985 1.00 18.77 ? 754  ARG A O   1 
ATOM   1006 C  CB  . ARG A 1 136 ? -0.859  -0.547  -17.272 1.00 17.23 ? 754  ARG A CB  1 
ATOM   1007 C  CG  . ARG A 1 136 ? -0.024  0.532   -16.579 1.00 19.52 ? 754  ARG A CG  1 
ATOM   1008 C  CD  . ARG A 1 136 ? -0.530  1.990   -16.526 1.00 17.74 ? 754  ARG A CD  1 
ATOM   1009 N  NE  . ARG A 1 136 ? -0.054  2.695   -17.679 1.00 17.58 ? 754  ARG A NE  1 
ATOM   1010 C  CZ  . ARG A 1 136 ? 0.599   3.861   -17.757 1.00 16.15 ? 754  ARG A CZ  1 
ATOM   1011 N  NH1 . ARG A 1 136 ? 0.940   4.249   -18.972 1.00 16.79 ? 754  ARG A NH1 1 
ATOM   1012 N  NH2 . ARG A 1 136 ? 0.913   4.637   -16.732 1.00 11.66 ? 754  ARG A NH2 1 
ATOM   1013 N  N   . GLY A 1 137 ? -2.031  -1.266  -14.198 1.00 18.50 ? 755  GLY A N   1 
ATOM   1014 C  CA  . GLY A 1 137 ? -3.118  -0.894  -13.316 1.00 18.03 ? 755  GLY A CA  1 
ATOM   1015 C  C   . GLY A 1 137 ? -3.939  -2.047  -12.779 1.00 17.81 ? 755  GLY A C   1 
ATOM   1016 O  O   . GLY A 1 137 ? -4.750  -1.825  -11.903 1.00 18.27 ? 755  GLY A O   1 
ATOM   1017 N  N   . LYS A 1 138 ? -3.739  -3.261  -13.301 1.00 17.47 ? 756  LYS A N   1 
ATOM   1018 C  CA  . LYS A 1 138 ? -4.551  -4.452  -12.945 1.00 17.91 ? 756  LYS A CA  1 
ATOM   1019 C  C   . LYS A 1 138 ? -4.290  -4.981  -11.544 1.00 16.67 ? 756  LYS A C   1 
ATOM   1020 O  O   . LYS A 1 138 ? -5.211  -5.521  -10.909 1.00 16.41 ? 756  LYS A O   1 
ATOM   1021 C  CB  . LYS A 1 138 ? -4.260  -5.615  -13.903 1.00 18.24 ? 756  LYS A CB  1 
ATOM   1022 C  CG  . LYS A 1 138 ? -5.263  -5.825  -14.996 1.00 21.39 ? 756  LYS A CG  1 
ATOM   1023 C  CD  . LYS A 1 138 ? -5.002  -7.157  -15.737 1.00 20.20 ? 756  LYS A CD  1 
ATOM   1024 C  CE  . LYS A 1 138 ? -5.650  -7.066  -17.138 1.00 26.94 ? 756  LYS A CE  1 
ATOM   1025 N  NZ  . LYS A 1 138 ? -4.892  -7.817  -18.226 1.00 30.93 ? 756  LYS A NZ  1 
ATOM   1026 N  N   . PHE A 1 139 ? -3.026  -4.861  -11.103 1.00 15.31 ? 757  PHE A N   1 
ATOM   1027 C  CA  . PHE A 1 139 ? -2.553  -5.463  -9.861  1.00 15.19 ? 757  PHE A CA  1 
ATOM   1028 C  C   . PHE A 1 139 ? -2.029  -4.418  -8.908  1.00 15.18 ? 757  PHE A C   1 
ATOM   1029 O  O   . PHE A 1 139 ? -1.727  -3.283  -9.315  1.00 15.50 ? 757  PHE A O   1 
ATOM   1030 C  CB  . PHE A 1 139 ? -1.462  -6.502  -10.142 1.00 15.58 ? 757  PHE A CB  1 
ATOM   1031 C  CG  . PHE A 1 139 ? -1.794  -7.426  -11.283 1.00 15.14 ? 757  PHE A CG  1 
ATOM   1032 C  CD1 . PHE A 1 139 ? -1.010  -7.425  -12.447 1.00 15.68 ? 757  PHE A CD1 1 
ATOM   1033 C  CD2 . PHE A 1 139 ? -2.908  -8.268  -11.206 1.00 13.92 ? 757  PHE A CD2 1 
ATOM   1034 C  CE1 . PHE A 1 139 ? -1.329  -8.248  -13.519 1.00 14.99 ? 757  PHE A CE1 1 
ATOM   1035 C  CE2 . PHE A 1 139 ? -3.238  -9.094  -12.247 1.00 13.63 ? 757  PHE A CE2 1 
ATOM   1036 C  CZ  . PHE A 1 139 ? -2.434  -9.100  -13.419 1.00 15.92 ? 757  PHE A CZ  1 
ATOM   1037 N  N   . ALA A 1 140 ? -1.963  -4.784  -7.625  1.00 14.95 ? 758  ALA A N   1 
ATOM   1038 C  CA  . ALA A 1 140 ? -1.253  -3.970  -6.624  1.00 14.14 ? 758  ALA A CA  1 
ATOM   1039 C  C   . ALA A 1 140 ? -0.566  -4.926  -5.677  1.00 14.23 ? 758  ALA A C   1 
ATOM   1040 O  O   . ALA A 1 140 ? -1.189  -5.874  -5.200  1.00 14.90 ? 758  ALA A O   1 
ATOM   1041 C  CB  . ALA A 1 140 ? -2.198  -3.048  -5.874  1.00 13.78 ? 758  ALA A CB  1 
ATOM   1042 N  N   . THR A 1 141 ? 0.725   -4.703  -5.428  1.00 13.49 ? 759  THR A N   1 
ATOM   1043 C  CA  . THR A 1 141 ? 1.468   -5.517  -4.470  1.00 13.06 ? 759  THR A CA  1 
ATOM   1044 C  C   . THR A 1 141 ? 2.331   -4.608  -3.564  1.00 13.34 ? 759  THR A C   1 
ATOM   1045 O  O   . THR A 1 141 ? 2.737   -3.486  -3.956  1.00 12.47 ? 759  THR A O   1 
ATOM   1046 C  CB  . THR A 1 141 ? 2.390   -6.559  -5.167  1.00 12.26 ? 759  THR A CB  1 
ATOM   1047 O  OG1 . THR A 1 141 ? 3.172   -5.880  -6.155  1.00 12.71 ? 759  THR A OG1 1 
ATOM   1048 C  CG2 . THR A 1 141 ? 1.600   -7.679  -5.839  1.00 11.81 ? 759  THR A CG2 1 
ATOM   1049 N  N   . ALA A 1 142 ? 2.653   -5.142  -2.390  1.00 12.93 ? 760  ALA A N   1 
ATOM   1050 C  CA  . ALA A 1 142 ? 3.471   -4.447  -1.411  1.00 14.14 ? 760  ALA A CA  1 
ATOM   1051 C  C   . ALA A 1 142 ? 4.074   -5.479  -0.477  1.00 14.34 ? 760  ALA A C   1 
ATOM   1052 O  O   . ALA A 1 142 ? 3.338   -6.214  0.151   1.00 15.10 ? 760  ALA A O   1 
ATOM   1053 C  CB  . ALA A 1 142 ? 2.625   -3.444  -0.640  1.00 13.35 ? 760  ALA A CB  1 
ATOM   1054 N  N   . ALA A 1 143 ? 5.403   -5.585  -0.443  1.00 14.68 ? 761  ALA A N   1 
ATOM   1055 C  CA  . ALA A 1 143 ? 6.076   -6.344  0.639   1.00 14.36 ? 761  ALA A CA  1 
ATOM   1056 C  C   . ALA A 1 143 ? 5.844   -5.690  1.998   1.00 14.22 ? 761  ALA A C   1 
ATOM   1057 O  O   . ALA A 1 143 ? 5.588   -6.373  2.978   1.00 14.95 ? 761  ALA A O   1 
ATOM   1058 C  CB  . ALA A 1 143 ? 7.584   -6.523  0.369   1.00 12.83 ? 761  ALA A CB  1 
ATOM   1059 N  N   . GLU A 1 144 ? 5.897   -4.368  2.052   1.00 15.20 ? 762  GLU A N   1 
ATOM   1060 C  CA  . GLU A 1 144 ? 5.615   -3.640  3.286   1.00 16.42 ? 762  GLU A CA  1 
ATOM   1061 C  C   . GLU A 1 144 ? 5.149   -2.233  2.999   1.00 16.82 ? 762  GLU A C   1 
ATOM   1062 O  O   . GLU A 1 144 ? 5.674   -1.557  2.107   1.00 17.71 ? 762  GLU A O   1 
ATOM   1063 C  CB  . GLU A 1 144 ? 6.877   -3.582  4.168   1.00 16.24 ? 762  GLU A CB  1 
ATOM   1064 C  CG  . GLU A 1 144 ? 6.647   -3.044  5.564   1.00 16.66 ? 762  GLU A CG  1 
ATOM   1065 C  CD  . GLU A 1 144 ? 7.911   -2.923  6.402   1.00 18.50 ? 762  GLU A CD  1 
ATOM   1066 O  OE1 . GLU A 1 144 ? 9.031   -2.942  5.848   1.00 20.81 ? 762  GLU A OE1 1 
ATOM   1067 O  OE2 . GLU A 1 144 ? 7.787   -2.796  7.639   1.00 23.03 ? 762  GLU A OE2 1 
ATOM   1068 N  N   . VAL A 1 145 ? 4.147   -1.798  3.751   1.00 17.91 ? 763  VAL A N   1 
ATOM   1069 C  CA  . VAL A 1 145 ? 3.841   -0.368  3.919   1.00 18.16 ? 763  VAL A CA  1 
ATOM   1070 C  C   . VAL A 1 145 ? 3.943   -0.060  5.425   1.00 18.87 ? 763  VAL A C   1 
ATOM   1071 O  O   . VAL A 1 145 ? 3.421   -0.793  6.271   1.00 18.16 ? 763  VAL A O   1 
ATOM   1072 C  CB  . VAL A 1 145 ? 2.471   0.023   3.310   1.00 18.31 ? 763  VAL A CB  1 
ATOM   1073 C  CG1 . VAL A 1 145 ? 2.130   1.522   3.567   1.00 18.93 ? 763  VAL A CG1 1 
ATOM   1074 C  CG2 . VAL A 1 145 ? 2.454   -0.270  1.800   1.00 16.54 ? 763  VAL A CG2 1 
ATOM   1075 N  N   . ASN A 1 146 ? 4.692   0.986   5.742   1.00 19.55 ? 764  ASN A N   1 
ATOM   1076 C  CA  . ASN A 1 146 ? 4.846   1.441   7.100   1.00 20.67 ? 764  ASN A CA  1 
ATOM   1077 C  C   . ASN A 1 146 ? 4.802   2.980   7.161   1.00 21.03 ? 764  ASN A C   1 
ATOM   1078 O  O   . ASN A 1 146 ? 5.018   3.650   6.138   1.00 20.39 ? 764  ASN A O   1 
ATOM   1079 C  CB  . ASN A 1 146 ? 6.142   0.896   7.722   1.00 20.70 ? 764  ASN A CB  1 
ATOM   1080 C  CG  . ASN A 1 146 ? 6.006   0.707   9.221   1.00 25.27 ? 764  ASN A CG  1 
ATOM   1081 O  OD1 . ASN A 1 146 ? 4.951   1.035   9.805   1.00 27.41 ? 764  ASN A OD1 1 
ATOM   1082 N  ND2 . ASN A 1 146 ? 7.066   0.191   9.870   1.00 28.08 ? 764  ASN A ND2 1 
ATOM   1083 N  N   . VAL A 1 147 ? 4.525   3.517   8.356   1.00 21.01 ? 765  VAL A N   1 
ATOM   1084 C  CA  . VAL A 1 147 ? 4.471   4.955   8.591   1.00 21.91 ? 765  VAL A CA  1 
ATOM   1085 C  C   . VAL A 1 147 ? 5.452   5.389   9.686   1.00 22.51 ? 765  VAL A C   1 
ATOM   1086 O  O   . VAL A 1 147 ? 5.733   4.624   10.627  1.00 21.93 ? 765  VAL A O   1 
ATOM   1087 C  CB  . VAL A 1 147 ? 3.027   5.479   8.961   1.00 22.17 ? 765  VAL A CB  1 
ATOM   1088 C  CG1 . VAL A 1 147 ? 2.003   5.098   7.894   1.00 22.14 ? 765  VAL A CG1 1 
ATOM   1089 C  CG2 . VAL A 1 147 ? 2.589   4.985   10.301  1.00 22.40 ? 765  VAL A CG2 1 
ATOM   1090 N  N   . HIS A 1 148 ? 5.970   6.618   9.538   1.00 22.82 ? 766  HIS A N   1 
ATOM   1091 C  CA  . HIS A 1 148 ? 6.925   7.217   10.495  1.00 23.15 ? 766  HIS A CA  1 
ATOM   1092 C  C   . HIS A 1 148 ? 6.615   8.674   10.753  1.00 23.13 ? 766  HIS A C   1 
ATOM   1093 O  O   . HIS A 1 148 ? 5.956   9.330   9.948   1.00 22.04 ? 766  HIS A O   1 
ATOM   1094 C  CB  . HIS A 1 148 ? 8.376   7.068   10.001  1.00 23.20 ? 766  HIS A CB  1 
ATOM   1095 C  CG  . HIS A 1 148 ? 8.694   5.693   9.524   1.00 23.12 ? 766  HIS A CG  1 
ATOM   1096 N  ND1 . HIS A 1 148 ? 9.154   4.708   10.364  1.00 22.66 ? 766  HIS A ND1 1 
ATOM   1097 C  CD2 . HIS A 1 148 ? 8.532   5.110   8.309   1.00 24.92 ? 766  HIS A CD2 1 
ATOM   1098 C  CE1 . HIS A 1 148 ? 9.299   3.583   9.682   1.00 23.80 ? 766  HIS A CE1 1 
ATOM   1099 N  NE2 . HIS A 1 148 ? 8.930   3.800   8.432   1.00 24.30 ? 766  HIS A NE2 1 
ATOM   1100 N  N   . GLY A 1 149 ? 7.101   9.155   11.900  1.00 24.24 ? 767  GLY A N   1 
ATOM   1101 C  CA  . GLY A 1 149 ? 6.995   10.566  12.286  1.00 24.99 ? 767  GLY A CA  1 
ATOM   1102 C  C   . GLY A 1 149 ? 8.302   11.153  12.806  0.65 24.93 ? 767  GLY A C   1 
ATOM   1103 O  O   . GLY A 1 149 ? 9.242   10.415  13.108  0.65 24.76 ? 767  GLY A O   1 
HETATM 1104 C  C1  . NDG B 2 .   ? 3.567   -15.296 -16.830 1.00 38.41 ? 1    NDG B C1  1 
HETATM 1105 C  C2  . NDG B 2 .   ? 3.351   -13.796 -16.554 1.00 37.47 ? 1    NDG B C2  1 
HETATM 1106 C  C3  . NDG B 2 .   ? 3.388   -13.447 -15.035 1.00 35.69 ? 1    NDG B C3  1 
HETATM 1107 C  C4  . NDG B 2 .   ? 2.621   -14.437 -14.149 1.00 36.14 ? 1    NDG B C4  1 
HETATM 1108 C  C5  . NDG B 2 .   ? 2.910   -15.899 -14.576 1.00 38.47 ? 1    NDG B C5  1 
HETATM 1109 C  C6  . NDG B 2 .   ? 1.997   -16.914 -13.890 1.00 39.26 ? 1    NDG B C6  1 
HETATM 1110 C  C7  . NDG B 2 .   ? 4.078   -12.526 -18.568 1.00 34.51 ? 1    NDG B C7  1 
HETATM 1111 C  C8  . NDG B 2 .   ? 5.244   -12.010 -19.367 1.00 30.73 ? 1    NDG B C8  1 
HETATM 1112 O  O5  . NDG B 2 .   ? 2.785   -16.115 -15.981 1.00 39.56 ? 1    NDG B O5  1 
HETATM 1113 O  O3  . NDG B 2 .   ? 2.893   -12.145 -14.763 1.00 35.13 ? 1    NDG B O3  1 
HETATM 1114 O  O4  . NDG B 2 .   ? 2.985   -14.180 -12.789 1.00 33.20 ? 1    NDG B O4  1 
HETATM 1115 O  O6  . NDG B 2 .   ? 2.813   -17.862 -13.227 1.00 41.03 ? 1    NDG B O6  1 
HETATM 1116 O  O7  . NDG B 2 .   ? 2.946   -12.465 -19.057 1.00 34.48 ? 1    NDG B O7  1 
HETATM 1117 N  N2  . NDG B 2 .   ? 4.331   -13.038 -17.348 1.00 35.05 ? 1    NDG B N2  1 
HETATM 1118 O  O1  . NDG B 2 .   ? 4.917   -15.623 -16.618 1.00 42.27 ? 1    NDG B O1  1 
HETATM 1119 C  C1  . GAL B 2 .   ? 1.878   -14.216 -11.862 1.00 30.51 ? 2    GAL B C1  1 
HETATM 1120 C  C2  . GAL B 2 .   ? 2.421   -14.097 -10.424 1.00 30.59 ? 2    GAL B C2  1 
HETATM 1121 C  C3  . GAL B 2 .   ? 1.325   -13.884 -9.379  1.00 25.07 ? 2    GAL B C3  1 
HETATM 1122 C  C4  . GAL B 2 .   ? 0.446   -12.718 -9.810  1.00 25.50 ? 2    GAL B C4  1 
HETATM 1123 C  C5  . GAL B 2 .   ? -0.134  -13.099 -11.179 1.00 25.27 ? 2    GAL B C5  1 
HETATM 1124 C  C6  . GAL B 2 .   ? -1.160  -12.118 -11.688 1.00 25.23 ? 2    GAL B C6  1 
HETATM 1125 O  O2  . GAL B 2 .   ? 3.186   -15.233 -10.065 1.00 36.35 ? 2    GAL B O2  1 
HETATM 1126 O  O3  . GAL B 2 .   ? 1.900   -13.614 -8.120  1.00 23.24 ? 2    GAL B O3  1 
HETATM 1127 O  O4  . GAL B 2 .   ? 1.190   -11.503 -9.797  1.00 21.52 ? 2    GAL B O4  1 
HETATM 1128 O  O5  . GAL B 2 .   ? 0.881   -13.244 -12.159 1.00 29.33 ? 2    GAL B O5  1 
HETATM 1129 O  O6  . GAL B 2 .   ? -1.510  -12.561 -12.972 1.00 24.10 ? 2    GAL B O6  1 
HETATM 1130 C  C1  . FUC B 2 .   ? 4.567   -14.877 -9.734  1.00 40.33 ? 3    FUC B C1  1 
HETATM 1131 C  C2  . FUC B 2 .   ? 5.050   -15.959 -8.789  1.00 42.64 ? 3    FUC B C2  1 
HETATM 1132 C  C3  . FUC B 2 .   ? 5.033   -17.289 -9.573  1.00 45.11 ? 3    FUC B C3  1 
HETATM 1133 C  C4  . FUC B 2 .   ? 6.046   -17.160 -10.707 1.00 45.75 ? 3    FUC B C4  1 
HETATM 1134 C  C5  . FUC B 2 .   ? 5.632   -15.958 -11.604 1.00 44.39 ? 3    FUC B C5  1 
HETATM 1135 C  C6  . FUC B 2 .   ? 6.503   -15.790 -12.862 1.00 43.52 ? 3    FUC B C6  1 
HETATM 1136 O  O2  . FUC B 2 .   ? 4.179   -15.968 -7.689  1.00 43.57 ? 3    FUC B O2  1 
HETATM 1137 O  O3  . FUC B 2 .   ? 5.331   -18.435 -8.801  1.00 47.53 ? 3    FUC B O3  1 
HETATM 1138 O  O4  . FUC B 2 .   ? 7.330   -17.017 -10.113 1.00 45.91 ? 3    FUC B O4  1 
HETATM 1139 O  O5  . FUC B 2 .   ? 5.481   -14.756 -10.826 1.00 41.64 ? 3    FUC B O5  1 
HETATM 1140 CA CA  . CA  C 3 .   ? 6.079   -8.573  4.320   1.00 16.68 ? 1768 CA  A CA  1 
HETATM 1141 O  O   . HOH D 4 .   ? 4.011   1.254   20.137  0.50 36.26 ? 2001 HOH A O   1 
HETATM 1142 O  O   . HOH D 4 .   ? -8.919  -7.438  5.887   1.00 27.10 ? 2002 HOH A O   1 
HETATM 1143 O  O   . HOH D 4 .   ? -11.176 -9.232  0.659   1.00 32.74 ? 2003 HOH A O   1 
HETATM 1144 O  O   . HOH D 4 .   ? -15.278 -5.305  -4.216  1.00 31.25 ? 2004 HOH A O   1 
HETATM 1145 O  O   . HOH D 4 .   ? -12.387 -8.940  -3.852  1.00 24.52 ? 2005 HOH A O   1 
HETATM 1146 O  O   . HOH D 4 .   ? -14.205 -7.449  -0.507  1.00 40.06 ? 2006 HOH A O   1 
HETATM 1147 O  O   . HOH D 4 .   ? -6.947  -12.770 7.439   1.00 16.58 ? 2007 HOH A O   1 
HETATM 1148 O  O   . HOH D 4 .   ? -2.488  -20.594 -1.791  1.00 36.85 ? 2008 HOH A O   1 
HETATM 1149 O  O   . HOH D 4 .   ? -6.192  -19.775 -8.743  0.50 9.16  ? 2009 HOH A O   1 
HETATM 1150 O  O   . HOH D 4 .   ? 4.702   -16.017 -2.726  1.00 29.90 ? 2010 HOH A O   1 
HETATM 1151 O  O   . HOH D 4 .   ? 3.019   -18.111 0.978   1.00 20.51 ? 2011 HOH A O   1 
HETATM 1152 O  O   . HOH D 4 .   ? -12.404 -7.585  -13.242 1.00 38.15 ? 2012 HOH A O   1 
HETATM 1153 O  O   . HOH D 4 .   ? -7.761  7.897   19.629  1.00 39.38 ? 2013 HOH A O   1 
HETATM 1154 O  O   . HOH D 4 .   ? 10.031  -8.321  -14.587 1.00 30.90 ? 2014 HOH A O   1 
HETATM 1155 O  O   . HOH D 4 .   ? 12.441  -5.752  -12.378 1.00 15.19 ? 2015 HOH A O   1 
HETATM 1156 O  O   . HOH D 4 .   ? 6.611   4.107   -14.644 1.00 32.78 ? 2016 HOH A O   1 
HETATM 1157 O  O   . HOH D 4 .   ? -6.875  9.650   -8.331  1.00 28.98 ? 2017 HOH A O   1 
HETATM 1158 O  O   . HOH D 4 .   ? -8.023  14.289  9.690   0.50 5.63  ? 2018 HOH A O   1 
HETATM 1159 O  O   . HOH D 4 .   ? -10.662 1.268   7.619   0.50 14.66 ? 2019 HOH A O   1 
HETATM 1160 O  O   . HOH D 4 .   ? -11.945 7.980   1.806   1.00 36.90 ? 2020 HOH A O   1 
HETATM 1161 O  O   . HOH D 4 .   ? 0.893   8.714   -12.695 1.00 24.05 ? 2021 HOH A O   1 
HETATM 1162 O  O   . HOH D 4 .   ? 1.816   13.789  -9.230  1.00 40.76 ? 2022 HOH A O   1 
HETATM 1163 O  O   . HOH D 4 .   ? 4.967   13.903  -9.158  1.00 37.43 ? 2023 HOH A O   1 
HETATM 1164 O  O   . HOH D 4 .   ? 13.543  6.149   -5.900  1.00 22.67 ? 2024 HOH A O   1 
HETATM 1165 O  O   . HOH D 4 .   ? 12.864  12.963  8.796   0.50 23.06 ? 2025 HOH A O   1 
HETATM 1166 O  O   . HOH D 4 .   ? -1.164  18.644  6.657   1.00 28.23 ? 2026 HOH A O   1 
HETATM 1167 O  O   . HOH D 4 .   ? -5.431  16.684  8.235   1.00 35.56 ? 2027 HOH A O   1 
HETATM 1168 O  O   . HOH D 4 .   ? -3.143  11.290  -9.318  1.00 33.44 ? 2028 HOH A O   1 
HETATM 1169 O  O   . HOH D 4 .   ? 2.993   0.231   -17.738 1.00 22.71 ? 2029 HOH A O   1 
HETATM 1170 O  O   . HOH D 4 .   ? 1.214   -18.517 -9.667  1.00 46.34 ? 2030 HOH A O   1 
HETATM 1171 O  O   . HOH D 4 .   ? -8.238  -14.893 8.941   1.00 21.97 ? 2031 HOH A O   1 
HETATM 1172 O  O   . HOH D 4 .   ? -4.985  11.356  -7.574  1.00 27.96 ? 2032 HOH A O   1 
HETATM 1173 O  O   . HOH D 4 .   ? -3.476  -21.225 -14.262 1.00 32.61 ? 2033 HOH A O   1 
HETATM 1174 O  O   . HOH D 4 .   ? 8.514   7.141   13.965  1.00 41.36 ? 2034 HOH A O   1 
HETATM 1175 O  O   . HOH D 4 .   ? 4.130   2.674   19.129  0.50 24.85 ? 2035 HOH A O   1 
HETATM 1176 O  O   . HOH D 4 .   ? 7.950   6.576   21.045  1.00 52.69 ? 2036 HOH A O   1 
HETATM 1177 O  O   . HOH D 4 .   ? 11.631  6.582   17.798  1.00 47.80 ? 2037 HOH A O   1 
HETATM 1178 O  O   . HOH D 4 .   ? 6.158   -0.271  15.299  0.50 26.45 ? 2038 HOH A O   1 
HETATM 1179 O  O   . HOH D 4 .   ? 4.931   -4.075  15.203  1.00 32.15 ? 2039 HOH A O   1 
HETATM 1180 O  O   . HOH D 4 .   ? -1.130  -4.127  17.632  1.00 38.30 ? 2040 HOH A O   1 
HETATM 1181 O  O   . HOH D 4 .   ? 1.296   -5.042  12.690  1.00 22.51 ? 2041 HOH A O   1 
HETATM 1182 O  O   . HOH D 4 .   ? -11.350 -2.470  10.193  1.00 31.31 ? 2042 HOH A O   1 
HETATM 1183 O  O   . HOH D 4 .   ? -10.847 -6.960  8.327   1.00 38.41 ? 2043 HOH A O   1 
HETATM 1184 O  O   . HOH D 4 .   ? -3.633  -6.491  9.384   0.50 11.03 ? 2044 HOH A O   1 
HETATM 1185 O  O   . HOH D 4 .   ? -6.645  -7.450  7.004   1.00 13.40 ? 2045 HOH A O   1 
HETATM 1186 O  O   . HOH D 4 .   ? -10.155 -0.317  3.945   1.00 34.40 ? 2046 HOH A O   1 
HETATM 1187 O  O   . HOH D 4 .   ? -7.446  -0.575  8.374   1.00 20.30 ? 2047 HOH A O   1 
HETATM 1188 O  O   . HOH D 4 .   ? -9.710  -7.365  1.621   1.00 26.50 ? 2048 HOH A O   1 
HETATM 1189 O  O   . HOH D 4 .   ? -12.139 -4.650  1.155   1.00 41.22 ? 2049 HOH A O   1 
HETATM 1190 O  O   . HOH D 4 .   ? -8.798  -6.423  3.528   1.00 22.82 ? 2050 HOH A O   1 
HETATM 1191 O  O   . HOH D 4 .   ? -13.033 -6.782  -2.736  1.00 24.32 ? 2051 HOH A O   1 
HETATM 1192 O  O   . HOH D 4 .   ? -12.690 -2.801  -2.743  1.00 31.40 ? 2052 HOH A O   1 
HETATM 1193 O  O   . HOH D 4 .   ? -7.825  -4.339  -5.306  1.00 11.50 ? 2053 HOH A O   1 
HETATM 1194 O  O   . HOH D 4 .   ? -9.411  -10.012 5.168   1.00 15.80 ? 2054 HOH A O   1 
HETATM 1195 O  O   . HOH D 4 .   ? -9.962  -12.763 -1.029  1.00 29.36 ? 2055 HOH A O   1 
HETATM 1196 O  O   . HOH D 4 .   ? -10.502 -9.874  -1.678  1.00 15.11 ? 2056 HOH A O   1 
HETATM 1197 O  O   . HOH D 4 .   ? -7.105  -13.223 5.028   1.00 23.98 ? 2057 HOH A O   1 
HETATM 1198 O  O   . HOH D 4 .   ? -5.540  -9.302  5.755   1.00 11.19 ? 2058 HOH A O   1 
HETATM 1199 O  O   . HOH D 4 .   ? -9.606  -12.799 1.802   1.00 21.17 ? 2059 HOH A O   1 
HETATM 1200 O  O   . HOH D 4 .   ? -8.641  -14.613 -2.597  1.00 24.66 ? 2060 HOH A O   1 
HETATM 1201 O  O   . HOH D 4 .   ? -6.823  -22.614 -3.470  0.50 17.99 ? 2061 HOH A O   1 
HETATM 1202 O  O   . HOH D 4 .   ? -7.929  -20.019 -7.161  0.50 14.15 ? 2062 HOH A O   1 
HETATM 1203 O  O   . HOH D 4 .   ? -9.181  -21.333 -2.937  1.00 39.61 ? 2063 HOH A O   1 
HETATM 1204 O  O   . HOH D 4 .   ? -5.072  -22.070 -2.203  0.50 23.77 ? 2064 HOH A O   1 
HETATM 1205 O  O   . HOH D 4 .   ? 0.173   -20.466 -5.222  1.00 30.93 ? 2065 HOH A O   1 
HETATM 1206 O  O   . HOH D 4 .   ? 2.566   -15.343 -2.246  1.00 19.61 ? 2066 HOH A O   1 
HETATM 1207 O  O   . HOH D 4 .   ? 1.686   -18.181 -1.389  1.00 14.40 ? 2067 HOH A O   1 
HETATM 1208 O  O   . HOH D 4 .   ? 1.344   -19.086 2.988   1.00 27.72 ? 2068 HOH A O   1 
HETATM 1209 O  O   . HOH D 4 .   ? -4.948  -11.086 7.822   1.00 15.86 ? 2069 HOH A O   1 
HETATM 1210 O  O   . HOH D 4 .   ? 0.193   -11.167 8.491   0.50 23.66 ? 2070 HOH A O   1 
HETATM 1211 O  O   . HOH D 4 .   ? -1.849  -6.171  9.808   0.50 10.67 ? 2071 HOH A O   1 
HETATM 1212 O  O   . HOH D 4 .   ? 2.463   -7.417  11.032  1.00 10.08 ? 2072 HOH A O   1 
HETATM 1213 O  O   . HOH D 4 .   ? 2.408   -9.215  8.995   1.00 11.20 ? 2073 HOH A O   1 
HETATM 1214 O  O   . HOH D 4 .   ? 12.422  -5.041  6.944   1.00 39.15 ? 2074 HOH A O   1 
HETATM 1215 O  O   . HOH D 4 .   ? 12.937  -13.161 5.157   1.00 39.49 ? 2075 HOH A O   1 
HETATM 1216 O  O   . HOH D 4 .   ? 7.157   -13.602 7.641   1.00 17.72 ? 2076 HOH A O   1 
HETATM 1217 O  O   . HOH D 4 .   ? 8.395   -9.584  -1.744  1.00 16.41 ? 2077 HOH A O   1 
HETATM 1218 O  O   . HOH D 4 .   ? 7.560   -14.609 -1.759  1.00 21.16 ? 2078 HOH A O   1 
HETATM 1219 O  O   . HOH D 4 .   ? 11.144  -12.487 -2.683  1.00 24.32 ? 2079 HOH A O   1 
HETATM 1220 O  O   . HOH D 4 .   ? 4.993   -12.351 6.520   1.00 15.20 ? 2080 HOH A O   1 
HETATM 1221 O  O   . HOH D 4 .   ? 2.716   -13.285 -0.371  1.00 16.62 ? 2081 HOH A O   1 
HETATM 1222 O  O   . HOH D 4 .   ? -5.655  -7.669  -9.054  1.00 15.41 ? 2082 HOH A O   1 
HETATM 1223 O  O   . HOH D 4 .   ? -11.201 -17.523 -5.221  1.00 41.63 ? 2083 HOH A O   1 
HETATM 1224 O  O   . HOH D 4 .   ? -13.079 -16.155 -5.113  1.00 52.72 ? 2084 HOH A O   1 
HETATM 1225 O  O   . HOH D 4 .   ? -6.236  -10.926 -12.517 1.00 20.42 ? 2085 HOH A O   1 
HETATM 1226 O  O   . HOH D 4 .   ? -13.329 -18.473 -13.248 1.00 31.84 ? 2086 HOH A O   1 
HETATM 1227 O  O   . HOH D 4 .   ? -13.947 -11.688 -5.059  1.00 46.92 ? 2087 HOH A O   1 
HETATM 1228 O  O   . HOH D 4 .   ? -9.709  -4.587  -15.474 1.00 35.23 ? 2088 HOH A O   1 
HETATM 1229 O  O   . HOH D 4 .   ? -7.381  -2.556  -14.258 1.00 23.75 ? 2089 HOH A O   1 
HETATM 1230 O  O   . HOH D 4 .   ? -12.325 -5.831  -11.374 1.00 24.83 ? 2090 HOH A O   1 
HETATM 1231 O  O   . HOH D 4 .   ? -10.033 -10.782 -14.412 1.00 21.94 ? 2091 HOH A O   1 
HETATM 1232 O  O   . HOH D 4 .   ? -11.997 -3.425  -11.617 1.00 26.94 ? 2092 HOH A O   1 
HETATM 1233 O  O   . HOH D 4 .   ? -12.050 -0.323  -4.509  1.00 41.22 ? 2093 HOH A O   1 
HETATM 1234 O  O   . HOH D 4 .   ? -8.269  0.388   1.928   1.00 25.53 ? 2094 HOH A O   1 
HETATM 1235 O  O   . HOH D 4 .   ? -9.889  3.095   3.914   1.00 24.55 ? 2095 HOH A O   1 
HETATM 1236 O  O   . HOH D 4 .   ? -6.601  1.648   16.367  1.00 37.39 ? 2096 HOH A O   1 
HETATM 1237 O  O   . HOH D 4 .   ? -8.982  -1.087  10.153  1.00 21.30 ? 2097 HOH A O   1 
HETATM 1238 O  O   . HOH D 4 .   ? -6.609  6.049   20.318  1.00 26.23 ? 2098 HOH A O   1 
HETATM 1239 O  O   . HOH D 4 .   ? -3.568  10.133  21.944  1.00 35.82 ? 2099 HOH A O   1 
HETATM 1240 O  O   . HOH D 4 .   ? -0.682  4.652   22.496  1.00 28.60 ? 2100 HOH A O   1 
HETATM 1241 O  O   . HOH D 4 .   ? -1.877  11.158  20.604  1.00 36.30 ? 2101 HOH A O   1 
HETATM 1242 O  O   . HOH D 4 .   ? 0.999   17.925  13.813  1.00 57.58 ? 2102 HOH A O   1 
HETATM 1243 O  O   . HOH D 4 .   ? 2.862   11.648  17.639  1.00 31.28 ? 2103 HOH A O   1 
HETATM 1244 O  O   . HOH D 4 .   ? 9.836   10.493  9.946   1.00 38.01 ? 2104 HOH A O   1 
HETATM 1245 O  O   . HOH D 4 .   ? 8.622   14.068  5.923   1.00 35.70 ? 2105 HOH A O   1 
HETATM 1246 O  O   . HOH D 4 .   ? 12.811  7.644   9.926   1.00 34.64 ? 2106 HOH A O   1 
HETATM 1247 O  O   . HOH D 4 .   ? 10.429  -6.986  -7.887  1.00 18.86 ? 2107 HOH A O   1 
HETATM 1248 O  O   . HOH D 4 .   ? 13.123  -12.257 -4.535  1.00 42.42 ? 2108 HOH A O   1 
HETATM 1249 O  O   . HOH D 4 .   ? 15.063  -7.775  -0.871  1.00 17.47 ? 2109 HOH A O   1 
HETATM 1250 O  O   . HOH D 4 .   ? 12.783  -7.618  -8.654  1.00 33.60 ? 2110 HOH A O   1 
HETATM 1251 O  O   . HOH D 4 .   ? 8.863   -12.572 -11.642 1.00 35.48 ? 2111 HOH A O   1 
HETATM 1252 O  O   . HOH D 4 .   ? 11.640  -9.149  -10.460 1.00 31.44 ? 2112 HOH A O   1 
HETATM 1253 O  O   . HOH D 4 .   ? 8.494   -14.319 -9.731  1.00 40.33 ? 2113 HOH A O   1 
HETATM 1254 O  O   . HOH D 4 .   ? 8.446   -12.163 -2.606  1.00 15.44 ? 2114 HOH A O   1 
HETATM 1255 O  O   . HOH D 4 .   ? 6.257   -15.498 -4.733  1.00 41.21 ? 2115 HOH A O   1 
HETATM 1256 O  O   . HOH D 4 .   ? 7.633   -5.237  -7.425  1.00 14.49 ? 2116 HOH A O   1 
HETATM 1257 O  O   . HOH D 4 .   ? 8.271   -9.447  -12.792 1.00 22.73 ? 2117 HOH A O   1 
HETATM 1258 O  O   . HOH D 4 .   ? 11.913  -4.126  -13.137 1.00 31.55 ? 2118 HOH A O   1 
HETATM 1259 O  O   . HOH D 4 .   ? 3.547   3.486   -14.303 1.00 16.89 ? 2119 HOH A O   1 
HETATM 1260 O  O   . HOH D 4 .   ? -7.243  7.653   -6.037  1.00 36.19 ? 2120 HOH A O   1 
HETATM 1261 O  O   . HOH D 4 .   ? -10.720 12.269  10.375  1.00 27.78 ? 2121 HOH A O   1 
HETATM 1262 O  O   . HOH D 4 .   ? -10.468 3.164   6.899   0.50 10.86 ? 2122 HOH A O   1 
HETATM 1263 O  O   . HOH D 4 .   ? -13.046 10.307  2.955   1.00 31.94 ? 2123 HOH A O   1 
HETATM 1264 O  O   . HOH D 4 .   ? -9.042  13.850  8.052   0.50 16.19 ? 2124 HOH A O   1 
HETATM 1265 O  O   . HOH D 4 .   ? -1.754  16.905  -1.909  1.00 43.07 ? 2125 HOH A O   1 
HETATM 1266 O  O   . HOH D 4 .   ? -8.646  14.537  -2.436  1.00 42.50 ? 2126 HOH A O   1 
HETATM 1267 O  O   . HOH D 4 .   ? -3.674  18.080  3.515   1.00 35.49 ? 2127 HOH A O   1 
HETATM 1268 O  O   . HOH D 4 .   ? -8.814  15.840  0.763   1.00 26.29 ? 2128 HOH A O   1 
HETATM 1269 O  O   . HOH D 4 .   ? 0.692   17.675  3.018   1.00 27.09 ? 2129 HOH A O   1 
HETATM 1270 O  O   . HOH D 4 .   ? 7.751   14.000  -4.654  1.00 32.36 ? 2130 HOH A O   1 
HETATM 1271 O  O   . HOH D 4 .   ? 4.606   15.068  -5.607  1.00 40.58 ? 2131 HOH A O   1 
HETATM 1272 O  O   . HOH D 4 .   ? 1.079   16.331  -3.512  1.00 25.01 ? 2132 HOH A O   1 
HETATM 1273 O  O   . HOH D 4 .   ? 1.958   16.002  -6.318  1.00 30.59 ? 2133 HOH A O   1 
HETATM 1274 O  O   . HOH D 4 .   ? 0.681   11.149  -10.022 1.00 36.87 ? 2134 HOH A O   1 
HETATM 1275 O  O   . HOH D 4 .   ? 6.076   12.713  -7.655  1.00 31.64 ? 2135 HOH A O   1 
HETATM 1276 O  O   . HOH D 4 .   ? 6.910   10.707  -5.171  1.00 18.27 ? 2136 HOH A O   1 
HETATM 1277 O  O   . HOH D 4 .   ? 7.092   5.739   -12.609 1.00 17.82 ? 2137 HOH A O   1 
HETATM 1278 O  O   . HOH D 4 .   ? 14.677  5.468   -11.903 1.00 26.47 ? 2138 HOH A O   1 
HETATM 1279 O  O   . HOH D 4 .   ? 9.308   9.383   -9.102  1.00 41.42 ? 2139 HOH A O   1 
HETATM 1280 O  O   . HOH D 4 .   ? 10.703  6.560   -6.586  1.00 14.74 ? 2140 HOH A O   1 
HETATM 1281 O  O   . HOH D 4 .   ? 10.820  4.579   -13.707 1.00 20.69 ? 2141 HOH A O   1 
HETATM 1282 O  O   . HOH D 4 .   ? 7.947   1.626   -7.019  1.00 12.08 ? 2142 HOH A O   1 
HETATM 1283 O  O   . HOH D 4 .   ? 13.220  -1.595  -13.046 1.00 37.37 ? 2143 HOH A O   1 
HETATM 1284 O  O   . HOH D 4 .   ? 7.679   1.876   -16.272 1.00 32.80 ? 2144 HOH A O   1 
HETATM 1285 O  O   . HOH D 4 .   ? 14.621  4.708   -7.724  1.00 15.58 ? 2145 HOH A O   1 
HETATM 1286 O  O   . HOH D 4 .   ? 14.726  2.948   -12.065 1.00 13.64 ? 2146 HOH A O   1 
HETATM 1287 O  O   . HOH D 4 .   ? 14.169  -3.466  -9.829  1.00 25.24 ? 2147 HOH A O   1 
HETATM 1288 O  O   . HOH D 4 .   ? 14.011  4.996   -3.361  1.00 23.39 ? 2148 HOH A O   1 
HETATM 1289 O  O   . HOH D 4 .   ? 10.306  8.256   -4.015  1.00 33.95 ? 2149 HOH A O   1 
HETATM 1290 O  O   . HOH D 4 .   ? 12.041  7.284   -2.388  1.00 16.28 ? 2150 HOH A O   1 
HETATM 1291 O  O   . HOH D 4 .   ? 8.453   9.800   -3.123  1.00 29.53 ? 2151 HOH A O   1 
HETATM 1292 O  O   . HOH D 4 .   ? 13.456  11.814  6.457   0.50 16.38 ? 2152 HOH A O   1 
HETATM 1293 O  O   . HOH D 4 .   ? 14.730  13.365  2.497   1.00 47.19 ? 2153 HOH A O   1 
HETATM 1294 O  O   . HOH D 4 .   ? 11.118  11.512  -0.162  1.00 28.34 ? 2154 HOH A O   1 
HETATM 1295 O  O   . HOH D 4 .   ? 8.261   12.182  -1.052  1.00 27.03 ? 2155 HOH A O   1 
HETATM 1296 O  O   . HOH D 4 .   ? 10.497  13.132  6.424   1.00 30.37 ? 2156 HOH A O   1 
HETATM 1297 O  O   . HOH D 4 .   ? 7.425   18.222  3.376   1.00 31.14 ? 2157 HOH A O   1 
HETATM 1298 O  O   . HOH D 4 .   ? 4.072   21.187  1.642   1.00 38.41 ? 2158 HOH A O   1 
HETATM 1299 O  O   . HOH D 4 .   ? 3.375   18.211  2.569   1.00 32.76 ? 2159 HOH A O   1 
HETATM 1300 O  O   . HOH D 4 .   ? 0.600   16.929  5.537   1.00 27.13 ? 2160 HOH A O   1 
HETATM 1301 O  O   . HOH D 4 .   ? 3.353   20.355  9.699   1.00 39.16 ? 2161 HOH A O   1 
HETATM 1302 O  O   . HOH D 4 .   ? 6.595   19.375  8.446   1.00 34.56 ? 2162 HOH A O   1 
HETATM 1303 O  O   . HOH D 4 .   ? -0.666  13.891  18.170  1.00 36.86 ? 2163 HOH A O   1 
HETATM 1304 O  O   . HOH D 4 .   ? -5.616  14.980  10.383  1.00 26.55 ? 2164 HOH A O   1 
HETATM 1305 O  O   . HOH D 4 .   ? -2.418  17.512  12.187  1.00 25.90 ? 2165 HOH A O   1 
HETATM 1306 O  O   . HOH D 4 .   ? -11.176 4.646   18.439  1.00 34.84 ? 2166 HOH A O   1 
HETATM 1307 O  O   . HOH D 4 .   ? -11.686 5.292   15.172  1.00 42.01 ? 2167 HOH A O   1 
HETATM 1308 O  O   . HOH D 4 .   ? -7.765  3.695   -5.060  1.00 20.93 ? 2168 HOH A O   1 
HETATM 1309 O  O   . HOH D 4 .   ? -9.216  8.295   -1.661  1.00 22.29 ? 2169 HOH A O   1 
HETATM 1310 O  O   . HOH D 4 .   ? -5.425  8.220   -0.320  1.00 9.82  ? 2170 HOH A O   1 
HETATM 1311 O  O   . HOH D 4 .   ? -6.036  1.679   -8.680  1.00 11.09 ? 2171 HOH A O   1 
HETATM 1312 O  O   . HOH D 4 .   ? -7.269  5.278   -7.044  1.00 23.20 ? 2172 HOH A O   1 
HETATM 1313 O  O   . HOH D 4 .   ? -0.986  9.804   -8.248  1.00 29.48 ? 2173 HOH A O   1 
HETATM 1314 O  O   . HOH D 4 .   ? -1.325  8.006   -11.538 1.00 22.93 ? 2174 HOH A O   1 
HETATM 1315 O  O   . HOH D 4 .   ? -4.469  2.717   -12.415 1.00 16.66 ? 2175 HOH A O   1 
HETATM 1316 O  O   . HOH D 4 .   ? -2.727  2.321   -14.327 1.00 6.95  ? 2176 HOH A O   1 
HETATM 1317 O  O   . HOH D 4 .   ? 2.755   6.834   -12.606 1.00 20.73 ? 2177 HOH A O   1 
HETATM 1318 O  O   . HOH D 4 .   ? 3.146   -2.352  -16.908 1.00 24.60 ? 2178 HOH A O   1 
HETATM 1319 O  O   . HOH D 4 .   ? 7.670   -9.448  -19.370 1.00 35.12 ? 2179 HOH A O   1 
HETATM 1320 O  O   . HOH D 4 .   ? 5.657   -12.041 -12.282 1.00 31.77 ? 2180 HOH A O   1 
HETATM 1321 O  O   . HOH D 4 .   ? -3.621  -11.231 -16.208 1.00 32.73 ? 2181 HOH A O   1 
HETATM 1322 O  O   . HOH D 4 .   ? 2.197   -3.884  -18.951 1.00 25.99 ? 2182 HOH A O   1 
HETATM 1323 O  O   . HOH D 4 .   ? 5.184   -6.113  -20.984 1.00 36.72 ? 2183 HOH A O   1 
HETATM 1324 O  O   . HOH D 4 .   ? -0.205  -2.322  -19.888 1.00 18.57 ? 2184 HOH A O   1 
HETATM 1325 O  O   . HOH D 4 .   ? 2.725   -10.424 -21.753 1.00 37.77 ? 2185 HOH A O   1 
HETATM 1326 O  O   . HOH D 4 .   ? -5.196  -2.910  -18.131 1.00 34.14 ? 2186 HOH A O   1 
HETATM 1327 O  O   . HOH D 4 .   ? -1.169  -10.161 -24.425 1.00 33.26 ? 2187 HOH A O   1 
HETATM 1328 O  O   . HOH D 4 .   ? -0.761  -8.816  -20.876 1.00 28.01 ? 2188 HOH A O   1 
HETATM 1329 O  O   . HOH D 4 .   ? -0.622  -3.855  -12.416 1.00 11.89 ? 2189 HOH A O   1 
HETATM 1330 O  O   . HOH D 4 .   ? 4.566   4.095   -18.762 1.00 37.58 ? 2190 HOH A O   1 
HETATM 1331 O  O   . HOH D 4 .   ? 2.186   5.430   -21.185 1.00 37.90 ? 2191 HOH A O   1 
HETATM 1332 O  O   . HOH D 4 .   ? 2.510   7.330   -18.214 1.00 40.74 ? 2192 HOH A O   1 
HETATM 1333 O  O   . HOH D 4 .   ? 3.787   2.406   -16.871 1.00 26.21 ? 2193 HOH A O   1 
HETATM 1334 O  O   . HOH D 4 .   ? 3.515   3.238   -21.226 1.00 35.97 ? 2194 HOH A O   1 
HETATM 1335 O  O   . HOH D 4 .   ? -5.347  0.711   -11.059 1.00 17.95 ? 2195 HOH A O   1 
HETATM 1336 O  O   . HOH D 4 .   ? -2.388  -8.524  -18.441 1.00 21.04 ? 2196 HOH A O   1 
HETATM 1337 O  O   . HOH D 4 .   ? 5.297   -4.315  -5.700  1.00 17.52 ? 2197 HOH A O   1 
HETATM 1338 O  O   . HOH D 4 .   ? 2.569   -1.643  8.634   1.00 18.58 ? 2198 HOH A O   1 
HETATM 1339 O  O   . HOH D 4 .   ? 9.783   -0.323  8.553   1.00 26.98 ? 2199 HOH A O   1 
HETATM 1340 O  O   . HOH D 4 .   ? 7.047   1.519   12.429  0.50 26.77 ? 2200 HOH A O   1 
HETATM 1341 O  O   . HOH D 4 .   ? 0.829   -18.012 -17.479 1.00 49.36 ? 2201 HOH A O   1 
HETATM 1342 O  O   . HOH D 4 .   ? 6.052   -18.577 -16.316 1.00 47.14 ? 2202 HOH A O   1 
HETATM 1343 O  O   . HOH D 4 .   ? 1.146   -20.763 -13.412 1.00 42.20 ? 2203 HOH A O   1 
HETATM 1344 O  O   . HOH D 4 .   ? 7.118   -13.206 -16.052 1.00 36.92 ? 2204 HOH A O   1 
HETATM 1345 O  O   . HOH D 4 .   ? 2.860   -19.981 -11.566 1.00 36.05 ? 2205 HOH A O   1 
HETATM 1346 O  O   . HOH D 4 .   ? 5.722   -15.941 -19.992 1.00 39.89 ? 2206 HOH A O   1 
HETATM 1347 O  O   . HOH D 4 .   ? -1.098  -14.955 -14.238 1.00 33.75 ? 2207 HOH A O   1 
HETATM 1348 O  O   . HOH D 4 .   ? -3.995  -12.428 -13.626 1.00 23.15 ? 2208 HOH A O   1 
HETATM 1349 O  O   . HOH D 4 .   ? 3.492   -16.560 -5.382  1.00 35.84 ? 2209 HOH A O   1 
# 
